data_6KUG
# 
_entry.id   6KUG 
# 
_audit_conform.dict_name       mmcif_pdbx.dic 
_audit_conform.dict_version    5.387 
_audit_conform.dict_location   http://mmcif.pdb.org/dictionaries/ascii/mmcif_pdbx.dic 
# 
loop_
_database_2.database_id 
_database_2.database_code 
_database_2.pdbx_database_accession 
_database_2.pdbx_DOI 
PDB   6KUG         pdb_00006kug 10.2210/pdb6kug/pdb 
WWPDB D_1300012542 ?            ?                   
# 
loop_
_pdbx_audit_revision_history.ordinal 
_pdbx_audit_revision_history.data_content_type 
_pdbx_audit_revision_history.major_revision 
_pdbx_audit_revision_history.minor_revision 
_pdbx_audit_revision_history.revision_date 
1 'Structure model' 1 0 2020-02-05 
2 'Structure model' 1 1 2020-02-19 
3 'Structure model' 1 2 2020-03-04 
4 'Structure model' 1 3 2024-03-27 
# 
_pdbx_audit_revision_details.ordinal             1 
_pdbx_audit_revision_details.revision_ordinal    1 
_pdbx_audit_revision_details.data_content_type   'Structure model' 
_pdbx_audit_revision_details.provider            repository 
_pdbx_audit_revision_details.type                'Initial release' 
_pdbx_audit_revision_details.description         ? 
_pdbx_audit_revision_details.details             ? 
# 
loop_
_pdbx_audit_revision_group.ordinal 
_pdbx_audit_revision_group.revision_ordinal 
_pdbx_audit_revision_group.data_content_type 
_pdbx_audit_revision_group.group 
1 2 'Structure model' 'Database references' 
2 3 'Structure model' 'Database references' 
3 4 'Structure model' 'Data collection'     
4 4 'Structure model' 'Database references' 
# 
loop_
_pdbx_audit_revision_category.ordinal 
_pdbx_audit_revision_category.revision_ordinal 
_pdbx_audit_revision_category.data_content_type 
_pdbx_audit_revision_category.category 
1 2 'Structure model' citation       
2 3 'Structure model' citation       
3 4 'Structure model' chem_comp_atom 
4 4 'Structure model' chem_comp_bond 
5 4 'Structure model' database_2     
# 
loop_
_pdbx_audit_revision_item.ordinal 
_pdbx_audit_revision_item.revision_ordinal 
_pdbx_audit_revision_item.data_content_type 
_pdbx_audit_revision_item.item 
1 2 'Structure model' '_citation.pdbx_database_id_PubMed'   
2 2 'Structure model' '_citation.title'                     
3 3 'Structure model' '_citation.journal_volume'            
4 3 'Structure model' '_citation.page_first'                
5 3 'Structure model' '_citation.page_last'                 
6 4 'Structure model' '_database_2.pdbx_DOI'                
7 4 'Structure model' '_database_2.pdbx_database_accession' 
# 
_pdbx_database_status.status_code                     REL 
_pdbx_database_status.status_code_sf                  REL 
_pdbx_database_status.status_code_mr                  ? 
_pdbx_database_status.entry_id                        6KUG 
_pdbx_database_status.recvd_initial_deposition_date   2019-09-02 
_pdbx_database_status.SG_entry                        N 
_pdbx_database_status.deposit_site                    PDBJ 
_pdbx_database_status.process_site                    PDBJ 
_pdbx_database_status.status_code_cs                  ? 
_pdbx_database_status.methods_development_category    ? 
_pdbx_database_status.pdb_format_compatible           Y 
_pdbx_database_status.status_code_nmr_data            ? 
# 
loop_
_audit_author.name 
_audit_author.pdbx_ordinal 
_audit_author.identifier_ORCID 
'Zou, F.' 1 ? 
'Li, S.'  2 ? 
# 
_citation.abstract                  ? 
_citation.abstract_id_CAS           ? 
_citation.book_id_ISBN              ? 
_citation.book_publisher            ? 
_citation.book_publisher_city       ? 
_citation.book_title                ? 
_citation.coordinate_linkage        ? 
_citation.country                   US 
_citation.database_id_Medline       ? 
_citation.details                   ? 
_citation.id                        primary 
_citation.journal_abbrev            Proc.Natl.Acad.Sci.USA 
_citation.journal_id_ASTM           PNASA6 
_citation.journal_id_CSD            0040 
_citation.journal_id_ISSN           1091-6490 
_citation.journal_full              ? 
_citation.journal_issue             ? 
_citation.journal_volume            117 
_citation.language                  ? 
_citation.page_first                3603 
_citation.page_last                 3609 
_citation.title                     
'DrosophilaYBX1 homolog YPS promotes ovarian germ line stem cell development by preferentially recognizing 5-methylcytosine RNAs.' 
_citation.year                      2020 
_citation.database_id_CSD           ? 
_citation.pdbx_database_id_DOI      10.1073/pnas.1910862117 
_citation.pdbx_database_id_PubMed   32015133 
_citation.unpublished_flag          ? 
# 
loop_
_citation_author.citation_id 
_citation_author.name 
_citation_author.ordinal 
_citation_author.identifier_ORCID 
primary 'Zou, F.'    1  ? 
primary 'Tu, R.'     2  ? 
primary 'Duan, B.'   3  ? 
primary 'Yang, Z.'   4  ? 
primary 'Ping, Z.'   5  ? 
primary 'Song, X.'   6  ? 
primary 'Chen, S.'   7  ? 
primary 'Price, A.'  8  ? 
primary 'Li, H.'     9  ? 
primary 'Scott, A.'  10 ? 
primary 'Perera, A.' 11 ? 
primary 'Li, S.'     12 ? 
primary 'Xie, T.'    13 ? 
# 
loop_
_entity.id 
_entity.type 
_entity.src_method 
_entity.pdbx_description 
_entity.formula_weight 
_entity.pdbx_number_of_molecules 
_entity.pdbx_ec 
_entity.pdbx_mutation 
_entity.pdbx_fragment 
_entity.details 
1 polymer man 'Nuclease-sensitive element-binding protein 1' 8710.782 1  ? ? 'CSD domain' ? 
2 polymer syn 
;RNA (5'-R(P*GP*CP*CP*U)-3')
;
1216.778 1  ? ? ?            ? 
3 water   nat water                                          18.015   49 ? ? ?            ? 
# 
loop_
_entity_poly.entity_id 
_entity_poly.type 
_entity_poly.nstd_linkage 
_entity_poly.nstd_monomer 
_entity_poly.pdbx_seq_one_letter_code 
_entity_poly.pdbx_seq_one_letter_code_can 
_entity_poly.pdbx_strand_id 
_entity_poly.pdbx_target_identifier 
1 'polypeptide(L)'   no no SKKVIATKVLGTVKWFNVRNGYGFINRNDTKEDVFVHQTAIKKNNPRKYLRSVGDGETVEFDVVEGEKGAEAANVTGPG 
SKKVIATKVLGTVKWFNVRNGYGFINRNDTKEDVFVHQTAIKKNNPRKYLRSVGDGETVEFDVVEGEKGAEAANVTGPG A ? 
2 polyribonucleotide no no GCCU                                                                            GCCU B ? 
# 
_pdbx_entity_nonpoly.entity_id   3 
_pdbx_entity_nonpoly.name        water 
_pdbx_entity_nonpoly.comp_id     HOH 
# 
loop_
_entity_poly_seq.entity_id 
_entity_poly_seq.num 
_entity_poly_seq.mon_id 
_entity_poly_seq.hetero 
1 1  SER n 
1 2  LYS n 
1 3  LYS n 
1 4  VAL n 
1 5  ILE n 
1 6  ALA n 
1 7  THR n 
1 8  LYS n 
1 9  VAL n 
1 10 LEU n 
1 11 GLY n 
1 12 THR n 
1 13 VAL n 
1 14 LYS n 
1 15 TRP n 
1 16 PHE n 
1 17 ASN n 
1 18 VAL n 
1 19 ARG n 
1 20 ASN n 
1 21 GLY n 
1 22 TYR n 
1 23 GLY n 
1 24 PHE n 
1 25 ILE n 
1 26 ASN n 
1 27 ARG n 
1 28 ASN n 
1 29 ASP n 
1 30 THR n 
1 31 LYS n 
1 32 GLU n 
1 33 ASP n 
1 34 VAL n 
1 35 PHE n 
1 36 VAL n 
1 37 HIS n 
1 38 GLN n 
1 39 THR n 
1 40 ALA n 
1 41 ILE n 
1 42 LYS n 
1 43 LYS n 
1 44 ASN n 
1 45 ASN n 
1 46 PRO n 
1 47 ARG n 
1 48 LYS n 
1 49 TYR n 
1 50 LEU n 
1 51 ARG n 
1 52 SER n 
1 53 VAL n 
1 54 GLY n 
1 55 ASP n 
1 56 GLY n 
1 57 GLU n 
1 58 THR n 
1 59 VAL n 
1 60 GLU n 
1 61 PHE n 
1 62 ASP n 
1 63 VAL n 
1 64 VAL n 
1 65 GLU n 
1 66 GLY n 
1 67 GLU n 
1 68 LYS n 
1 69 GLY n 
1 70 ALA n 
1 71 GLU n 
1 72 ALA n 
1 73 ALA n 
1 74 ASN n 
1 75 VAL n 
1 76 THR n 
1 77 GLY n 
1 78 PRO n 
1 79 GLY n 
2 1  G   n 
2 2  C   n 
2 3  C   n 
2 4  U   n 
# 
_entity_src_gen.entity_id                          1 
_entity_src_gen.pdbx_src_id                        1 
_entity_src_gen.pdbx_alt_source_flag               sample 
_entity_src_gen.pdbx_seq_type                      'Biological sequence' 
_entity_src_gen.pdbx_beg_seq_num                   1 
_entity_src_gen.pdbx_end_seq_num                   79 
_entity_src_gen.gene_src_common_name               Human 
_entity_src_gen.gene_src_genus                     ? 
_entity_src_gen.pdbx_gene_src_gene                 'YBX1, NSEP1, YB1' 
_entity_src_gen.gene_src_species                   ? 
_entity_src_gen.gene_src_strain                    ? 
_entity_src_gen.gene_src_tissue                    ? 
_entity_src_gen.gene_src_tissue_fraction           ? 
_entity_src_gen.gene_src_details                   ? 
_entity_src_gen.pdbx_gene_src_fragment             ? 
_entity_src_gen.pdbx_gene_src_scientific_name      'Homo sapiens' 
_entity_src_gen.pdbx_gene_src_ncbi_taxonomy_id     9606 
_entity_src_gen.pdbx_gene_src_variant              ? 
_entity_src_gen.pdbx_gene_src_cell_line            ? 
_entity_src_gen.pdbx_gene_src_atcc                 ? 
_entity_src_gen.pdbx_gene_src_organ                ? 
_entity_src_gen.pdbx_gene_src_organelle            ? 
_entity_src_gen.pdbx_gene_src_cell                 ? 
_entity_src_gen.pdbx_gene_src_cellular_location    ? 
_entity_src_gen.host_org_common_name               ? 
_entity_src_gen.pdbx_host_org_scientific_name      'Escherichia coli' 
_entity_src_gen.pdbx_host_org_ncbi_taxonomy_id     562 
_entity_src_gen.host_org_genus                     ? 
_entity_src_gen.pdbx_host_org_gene                 ? 
_entity_src_gen.pdbx_host_org_organ                ? 
_entity_src_gen.host_org_species                   ? 
_entity_src_gen.pdbx_host_org_tissue               ? 
_entity_src_gen.pdbx_host_org_tissue_fraction      ? 
_entity_src_gen.pdbx_host_org_strain               ? 
_entity_src_gen.pdbx_host_org_variant              ? 
_entity_src_gen.pdbx_host_org_cell_line            ? 
_entity_src_gen.pdbx_host_org_atcc                 ? 
_entity_src_gen.pdbx_host_org_culture_collection   ? 
_entity_src_gen.pdbx_host_org_cell                 ? 
_entity_src_gen.pdbx_host_org_organelle            ? 
_entity_src_gen.pdbx_host_org_cellular_location    ? 
_entity_src_gen.pdbx_host_org_vector_type          ? 
_entity_src_gen.pdbx_host_org_vector               ? 
_entity_src_gen.host_org_details                   ? 
_entity_src_gen.expression_system_id               ? 
_entity_src_gen.plasmid_name                       ? 
_entity_src_gen.plasmid_details                    ? 
_entity_src_gen.pdbx_description                   ? 
# 
_pdbx_entity_src_syn.entity_id              2 
_pdbx_entity_src_syn.pdbx_src_id            1 
_pdbx_entity_src_syn.pdbx_alt_source_flag   sample 
_pdbx_entity_src_syn.pdbx_beg_seq_num       1 
_pdbx_entity_src_syn.pdbx_end_seq_num       4 
_pdbx_entity_src_syn.organism_scientific    'Homo sapiens' 
_pdbx_entity_src_syn.organism_common_name   Human 
_pdbx_entity_src_syn.ncbi_taxonomy_id       9606 
_pdbx_entity_src_syn.details                ? 
# 
loop_
_chem_comp.id 
_chem_comp.type 
_chem_comp.mon_nstd_flag 
_chem_comp.name 
_chem_comp.pdbx_synonyms 
_chem_comp.formula 
_chem_comp.formula_weight 
ALA 'L-peptide linking' y ALANINE                      ? 'C3 H7 N O2'      89.093  
ARG 'L-peptide linking' y ARGININE                     ? 'C6 H15 N4 O2 1'  175.209 
ASN 'L-peptide linking' y ASPARAGINE                   ? 'C4 H8 N2 O3'     132.118 
ASP 'L-peptide linking' y 'ASPARTIC ACID'              ? 'C4 H7 N O4'      133.103 
C   'RNA linking'       y "CYTIDINE-5'-MONOPHOSPHATE"  ? 'C9 H14 N3 O8 P'  323.197 
G   'RNA linking'       y "GUANOSINE-5'-MONOPHOSPHATE" ? 'C10 H14 N5 O8 P' 363.221 
GLN 'L-peptide linking' y GLUTAMINE                    ? 'C5 H10 N2 O3'    146.144 
GLU 'L-peptide linking' y 'GLUTAMIC ACID'              ? 'C5 H9 N O4'      147.129 
GLY 'peptide linking'   y GLYCINE                      ? 'C2 H5 N O2'      75.067  
HIS 'L-peptide linking' y HISTIDINE                    ? 'C6 H10 N3 O2 1'  156.162 
HOH non-polymer         . WATER                        ? 'H2 O'            18.015  
ILE 'L-peptide linking' y ISOLEUCINE                   ? 'C6 H13 N O2'     131.173 
LEU 'L-peptide linking' y LEUCINE                      ? 'C6 H13 N O2'     131.173 
LYS 'L-peptide linking' y LYSINE                       ? 'C6 H15 N2 O2 1'  147.195 
PHE 'L-peptide linking' y PHENYLALANINE                ? 'C9 H11 N O2'     165.189 
PRO 'L-peptide linking' y PROLINE                      ? 'C5 H9 N O2'      115.130 
SER 'L-peptide linking' y SERINE                       ? 'C3 H7 N O3'      105.093 
THR 'L-peptide linking' y THREONINE                    ? 'C4 H9 N O3'      119.119 
TRP 'L-peptide linking' y TRYPTOPHAN                   ? 'C11 H12 N2 O2'   204.225 
TYR 'L-peptide linking' y TYROSINE                     ? 'C9 H11 N O3'     181.189 
U   'RNA linking'       y "URIDINE-5'-MONOPHOSPHATE"   ? 'C9 H13 N2 O9 P'  324.181 
VAL 'L-peptide linking' y VALINE                       ? 'C5 H11 N O2'     117.146 
# 
loop_
_pdbx_poly_seq_scheme.asym_id 
_pdbx_poly_seq_scheme.entity_id 
_pdbx_poly_seq_scheme.seq_id 
_pdbx_poly_seq_scheme.mon_id 
_pdbx_poly_seq_scheme.ndb_seq_num 
_pdbx_poly_seq_scheme.pdb_seq_num 
_pdbx_poly_seq_scheme.auth_seq_num 
_pdbx_poly_seq_scheme.pdb_mon_id 
_pdbx_poly_seq_scheme.auth_mon_id 
_pdbx_poly_seq_scheme.pdb_strand_id 
_pdbx_poly_seq_scheme.pdb_ins_code 
_pdbx_poly_seq_scheme.hetero 
A 1 1  SER 1  51  ?   ?   ?   A . n 
A 1 2  LYS 2  52  52  LYS LYS A . n 
A 1 3  LYS 3  53  53  LYS LYS A . n 
A 1 4  VAL 4  54  54  VAL VAL A . n 
A 1 5  ILE 5  55  55  ILE ILE A . n 
A 1 6  ALA 6  56  56  ALA ALA A . n 
A 1 7  THR 7  57  57  THR THR A . n 
A 1 8  LYS 8  58  58  LYS LYS A . n 
A 1 9  VAL 9  59  59  VAL VAL A . n 
A 1 10 LEU 10 60  60  LEU LEU A . n 
A 1 11 GLY 11 61  61  GLY GLY A . n 
A 1 12 THR 12 62  62  THR THR A . n 
A 1 13 VAL 13 63  63  VAL VAL A . n 
A 1 14 LYS 14 64  64  LYS LYS A . n 
A 1 15 TRP 15 65  65  TRP TRP A . n 
A 1 16 PHE 16 66  66  PHE PHE A . n 
A 1 17 ASN 17 67  67  ASN ASN A . n 
A 1 18 VAL 18 68  68  VAL VAL A . n 
A 1 19 ARG 19 69  69  ARG ARG A . n 
A 1 20 ASN 20 70  70  ASN ASN A . n 
A 1 21 GLY 21 71  71  GLY GLY A . n 
A 1 22 TYR 22 72  72  TYR TYR A . n 
A 1 23 GLY 23 73  73  GLY GLY A . n 
A 1 24 PHE 24 74  74  PHE PHE A . n 
A 1 25 ILE 25 75  75  ILE ILE A . n 
A 1 26 ASN 26 76  76  ASN ASN A . n 
A 1 27 ARG 27 77  77  ARG ARG A . n 
A 1 28 ASN 28 78  78  ASN ASN A . n 
A 1 29 ASP 29 79  79  ASP ASP A . n 
A 1 30 THR 30 80  80  THR THR A . n 
A 1 31 LYS 31 81  81  LYS LYS A . n 
A 1 32 GLU 32 82  82  GLU GLU A . n 
A 1 33 ASP 33 83  83  ASP ASP A . n 
A 1 34 VAL 34 84  84  VAL VAL A . n 
A 1 35 PHE 35 85  85  PHE PHE A . n 
A 1 36 VAL 36 86  86  VAL VAL A . n 
A 1 37 HIS 37 87  87  HIS HIS A . n 
A 1 38 GLN 38 88  88  GLN GLN A . n 
A 1 39 THR 39 89  89  THR THR A . n 
A 1 40 ALA 40 90  90  ALA ALA A . n 
A 1 41 ILE 41 91  91  ILE ILE A . n 
A 1 42 LYS 42 92  92  LYS LYS A . n 
A 1 43 LYS 43 93  93  LYS LYS A . n 
A 1 44 ASN 44 94  ?   ?   ?   A . n 
A 1 45 ASN 45 95  ?   ?   ?   A . n 
A 1 46 PRO 46 96  ?   ?   ?   A . n 
A 1 47 ARG 47 97  ?   ?   ?   A . n 
A 1 48 LYS 48 98  ?   ?   ?   A . n 
A 1 49 TYR 49 99  99  TYR TYR A . n 
A 1 50 LEU 50 100 100 LEU LEU A . n 
A 1 51 ARG 51 101 101 ARG ARG A . n 
A 1 52 SER 52 102 102 SER SER A . n 
A 1 53 VAL 53 103 103 VAL VAL A . n 
A 1 54 GLY 54 104 104 GLY GLY A . n 
A 1 55 ASP 55 105 105 ASP ASP A . n 
A 1 56 GLY 56 106 106 GLY GLY A . n 
A 1 57 GLU 57 107 107 GLU GLU A . n 
A 1 58 THR 58 108 108 THR THR A . n 
A 1 59 VAL 59 109 109 VAL VAL A . n 
A 1 60 GLU 60 110 110 GLU GLU A . n 
A 1 61 PHE 61 111 111 PHE PHE A . n 
A 1 62 ASP 62 112 112 ASP ASP A . n 
A 1 63 VAL 63 113 113 VAL VAL A . n 
A 1 64 VAL 64 114 114 VAL VAL A . n 
A 1 65 GLU 65 115 115 GLU GLU A . n 
A 1 66 GLY 66 116 116 GLY GLY A . n 
A 1 67 GLU 67 117 117 GLU GLU A . n 
A 1 68 LYS 68 118 118 LYS LYS A . n 
A 1 69 GLY 69 119 119 GLY GLY A . n 
A 1 70 ALA 70 120 120 ALA ALA A . n 
A 1 71 GLU 71 121 121 GLU GLU A . n 
A 1 72 ALA 72 122 122 ALA ALA A . n 
A 1 73 ALA 73 123 123 ALA ALA A . n 
A 1 74 ASN 74 124 124 ASN ASN A . n 
A 1 75 VAL 75 125 125 VAL VAL A . n 
A 1 76 THR 76 126 126 THR THR A . n 
A 1 77 GLY 77 127 127 GLY GLY A . n 
A 1 78 PRO 78 128 128 PRO PRO A . n 
A 1 79 GLY 79 129 129 GLY GLY A . n 
B 2 1  G   1  1   1   G   G   B . n 
B 2 2  C   2  2   2   C   C   B . n 
B 2 3  C   3  3   3   C   C   B . n 
B 2 4  U   4  4   4   U   U   B . n 
# 
loop_
_pdbx_nonpoly_scheme.asym_id 
_pdbx_nonpoly_scheme.entity_id 
_pdbx_nonpoly_scheme.mon_id 
_pdbx_nonpoly_scheme.ndb_seq_num 
_pdbx_nonpoly_scheme.pdb_seq_num 
_pdbx_nonpoly_scheme.auth_seq_num 
_pdbx_nonpoly_scheme.pdb_mon_id 
_pdbx_nonpoly_scheme.auth_mon_id 
_pdbx_nonpoly_scheme.pdb_strand_id 
_pdbx_nonpoly_scheme.pdb_ins_code 
C 3 HOH 1  201 42 HOH HOH A . 
C 3 HOH 2  202 44 HOH HOH A . 
C 3 HOH 3  203 3  HOH HOH A . 
C 3 HOH 4  204 38 HOH HOH A . 
C 3 HOH 5  205 13 HOH HOH A . 
C 3 HOH 6  206 12 HOH HOH A . 
C 3 HOH 7  207 5  HOH HOH A . 
C 3 HOH 8  208 4  HOH HOH A . 
C 3 HOH 9  209 9  HOH HOH A . 
C 3 HOH 10 210 7  HOH HOH A . 
C 3 HOH 11 211 29 HOH HOH A . 
C 3 HOH 12 212 32 HOH HOH A . 
C 3 HOH 13 213 18 HOH HOH A . 
C 3 HOH 14 214 8  HOH HOH A . 
C 3 HOH 15 215 2  HOH HOH A . 
C 3 HOH 16 216 30 HOH HOH A . 
C 3 HOH 17 217 45 HOH HOH A . 
C 3 HOH 18 218 11 HOH HOH A . 
C 3 HOH 19 219 21 HOH HOH A . 
C 3 HOH 20 220 1  HOH HOH A . 
C 3 HOH 21 221 39 HOH HOH A . 
C 3 HOH 22 222 16 HOH HOH A . 
C 3 HOH 23 223 22 HOH HOH A . 
C 3 HOH 24 224 33 HOH HOH A . 
C 3 HOH 25 225 19 HOH HOH A . 
C 3 HOH 26 226 40 HOH HOH A . 
C 3 HOH 27 227 49 HOH HOH A . 
C 3 HOH 28 228 6  HOH HOH A . 
C 3 HOH 29 229 17 HOH HOH A . 
C 3 HOH 30 230 31 HOH HOH A . 
C 3 HOH 31 231 15 HOH HOH A . 
C 3 HOH 32 232 41 HOH HOH A . 
C 3 HOH 33 233 34 HOH HOH A . 
C 3 HOH 34 234 48 HOH HOH A . 
C 3 HOH 35 235 10 HOH HOH A . 
C 3 HOH 36 236 26 HOH HOH A . 
C 3 HOH 37 237 23 HOH HOH A . 
C 3 HOH 38 238 47 HOH HOH A . 
C 3 HOH 39 239 28 HOH HOH A . 
C 3 HOH 40 240 27 HOH HOH A . 
C 3 HOH 41 241 46 HOH HOH A . 
C 3 HOH 42 242 20 HOH HOH A . 
C 3 HOH 43 243 25 HOH HOH A . 
C 3 HOH 44 244 43 HOH HOH A . 
C 3 HOH 45 245 35 HOH HOH A . 
C 3 HOH 46 246 24 HOH HOH A . 
C 3 HOH 47 247 36 HOH HOH A . 
C 3 HOH 48 248 14 HOH HOH A . 
C 3 HOH 49 249 37 HOH HOH A . 
# 
loop_
_pdbx_unobs_or_zero_occ_atoms.id 
_pdbx_unobs_or_zero_occ_atoms.PDB_model_num 
_pdbx_unobs_or_zero_occ_atoms.polymer_flag 
_pdbx_unobs_or_zero_occ_atoms.occupancy_flag 
_pdbx_unobs_or_zero_occ_atoms.auth_asym_id 
_pdbx_unobs_or_zero_occ_atoms.auth_comp_id 
_pdbx_unobs_or_zero_occ_atoms.auth_seq_id 
_pdbx_unobs_or_zero_occ_atoms.PDB_ins_code 
_pdbx_unobs_or_zero_occ_atoms.auth_atom_id 
_pdbx_unobs_or_zero_occ_atoms.label_alt_id 
_pdbx_unobs_or_zero_occ_atoms.label_asym_id 
_pdbx_unobs_or_zero_occ_atoms.label_comp_id 
_pdbx_unobs_or_zero_occ_atoms.label_seq_id 
_pdbx_unobs_or_zero_occ_atoms.label_atom_id 
1 1 Y 1 A TYR 99 ? CG  ? A TYR 49 CG  
2 1 Y 1 A TYR 99 ? CD1 ? A TYR 49 CD1 
3 1 Y 1 A TYR 99 ? CD2 ? A TYR 49 CD2 
4 1 Y 1 A TYR 99 ? CE1 ? A TYR 49 CE1 
5 1 Y 1 A TYR 99 ? CE2 ? A TYR 49 CE2 
6 1 Y 1 A TYR 99 ? CZ  ? A TYR 49 CZ  
7 1 Y 1 A TYR 99 ? OH  ? A TYR 49 OH  
# 
loop_
_software.citation_id 
_software.classification 
_software.compiler_name 
_software.compiler_version 
_software.contact_author 
_software.contact_author_email 
_software.date 
_software.description 
_software.dependencies 
_software.hardware 
_software.language 
_software.location 
_software.mods 
_software.name 
_software.os 
_software.os_version 
_software.type 
_software.version 
_software.pdbx_ordinal 
? refinement       ? ? ? ? ? ? ? ? ? ? ? PHENIX   ? ? ? '(1.13_2998: ???)' 1 
? 'data reduction' ? ? ? ? ? ? ? ? ? ? ? HKL-3000 ? ? ? .                  2 
? 'data scaling'   ? ? ? ? ? ? ? ? ? ? ? HKL-3000 ? ? ? .                  3 
? phasing          ? ? ? ? ? ? ? ? ? ? ? PHENIX   ? ? ? .                  4 
# 
_cell.angle_alpha                  90.00 
_cell.angle_alpha_esd              ? 
_cell.angle_beta                   90.00 
_cell.angle_beta_esd               ? 
_cell.angle_gamma                  120.00 
_cell.angle_gamma_esd              ? 
_cell.entry_id                     6KUG 
_cell.details                      ? 
_cell.formula_units_Z              ? 
_cell.length_a                     66.473 
_cell.length_a_esd                 ? 
_cell.length_b                     66.473 
_cell.length_b_esd                 ? 
_cell.length_c                     34.438 
_cell.length_c_esd                 ? 
_cell.volume                       ? 
_cell.volume_esd                   ? 
_cell.Z_PDB                        6 
_cell.reciprocal_angle_alpha       ? 
_cell.reciprocal_angle_beta        ? 
_cell.reciprocal_angle_gamma       ? 
_cell.reciprocal_angle_alpha_esd   ? 
_cell.reciprocal_angle_beta_esd    ? 
_cell.reciprocal_angle_gamma_esd   ? 
_cell.reciprocal_length_a          ? 
_cell.reciprocal_length_b          ? 
_cell.reciprocal_length_c          ? 
_cell.reciprocal_length_a_esd      ? 
_cell.reciprocal_length_b_esd      ? 
_cell.reciprocal_length_c_esd      ? 
_cell.pdbx_unique_axis             ? 
# 
_symmetry.entry_id                         6KUG 
_symmetry.cell_setting                     ? 
_symmetry.Int_Tables_number                171 
_symmetry.space_group_name_Hall            ? 
_symmetry.space_group_name_H-M             'P 62' 
_symmetry.pdbx_full_space_group_name_H-M   ? 
# 
_exptl.absorpt_coefficient_mu     ? 
_exptl.absorpt_correction_T_max   ? 
_exptl.absorpt_correction_T_min   ? 
_exptl.absorpt_correction_type    ? 
_exptl.absorpt_process_details    ? 
_exptl.entry_id                   6KUG 
_exptl.crystals_number            1 
_exptl.details                    ? 
_exptl.method                     'X-RAY DIFFRACTION' 
_exptl.method_details             ? 
# 
_exptl_crystal.colour                      ? 
_exptl_crystal.density_diffrn              ? 
_exptl_crystal.density_Matthews            2.21 
_exptl_crystal.density_method              ? 
_exptl_crystal.density_percent_sol         44.40 
_exptl_crystal.description                 ? 
_exptl_crystal.F_000                       ? 
_exptl_crystal.id                          1 
_exptl_crystal.preparation                 ? 
_exptl_crystal.size_max                    ? 
_exptl_crystal.size_mid                    ? 
_exptl_crystal.size_min                    ? 
_exptl_crystal.size_rad                    ? 
_exptl_crystal.colour_lustre               ? 
_exptl_crystal.colour_modifier             ? 
_exptl_crystal.colour_primary              ? 
_exptl_crystal.density_meas                ? 
_exptl_crystal.density_meas_esd            ? 
_exptl_crystal.density_meas_gt             ? 
_exptl_crystal.density_meas_lt             ? 
_exptl_crystal.density_meas_temp           ? 
_exptl_crystal.density_meas_temp_esd       ? 
_exptl_crystal.density_meas_temp_gt        ? 
_exptl_crystal.density_meas_temp_lt        ? 
_exptl_crystal.pdbx_crystal_image_url      ? 
_exptl_crystal.pdbx_crystal_image_format   ? 
_exptl_crystal.pdbx_mosaicity              ? 
_exptl_crystal.pdbx_mosaicity_esd          ? 
# 
_exptl_crystal_grow.apparatus       ? 
_exptl_crystal_grow.atmosphere      ? 
_exptl_crystal_grow.crystal_id      1 
_exptl_crystal_grow.details         ? 
_exptl_crystal_grow.method          'VAPOR DIFFUSION, SITTING DROP' 
_exptl_crystal_grow.method_ref      ? 
_exptl_crystal_grow.pH              ? 
_exptl_crystal_grow.pressure        ? 
_exptl_crystal_grow.pressure_esd    ? 
_exptl_crystal_grow.seeding         ? 
_exptl_crystal_grow.seeding_ref     ? 
_exptl_crystal_grow.temp            293 
_exptl_crystal_grow.temp_details    ? 
_exptl_crystal_grow.temp_esd        ? 
_exptl_crystal_grow.time            ? 
_exptl_crystal_grow.pdbx_details    '2.4 M Ammonium sulfate, 0.1M citric acid pH 5.0.' 
_exptl_crystal_grow.pdbx_pH_range   ? 
# 
_diffrn.ambient_environment              ? 
_diffrn.ambient_temp                     100 
_diffrn.ambient_temp_details             ? 
_diffrn.ambient_temp_esd                 ? 
_diffrn.crystal_id                       1 
_diffrn.crystal_support                  ? 
_diffrn.crystal_treatment                ? 
_diffrn.details                          ? 
_diffrn.id                               1 
_diffrn.ambient_pressure                 ? 
_diffrn.ambient_pressure_esd             ? 
_diffrn.ambient_pressure_gt              ? 
_diffrn.ambient_pressure_lt              ? 
_diffrn.ambient_temp_gt                  ? 
_diffrn.ambient_temp_lt                  ? 
_diffrn.pdbx_serial_crystal_experiment   N 
# 
_diffrn_detector.details                      ? 
_diffrn_detector.detector                     PIXEL 
_diffrn_detector.diffrn_id                    1 
_diffrn_detector.type                         'DECTRIS PILATUS3 S 6M' 
_diffrn_detector.area_resol_mean              ? 
_diffrn_detector.dtime                        ? 
_diffrn_detector.pdbx_frames_total            ? 
_diffrn_detector.pdbx_collection_time_total   ? 
_diffrn_detector.pdbx_collection_date         2018-06-25 
_diffrn_detector.pdbx_frequency               ? 
# 
_diffrn_radiation.collimation                      ? 
_diffrn_radiation.diffrn_id                        1 
_diffrn_radiation.filter_edge                      ? 
_diffrn_radiation.inhomogeneity                    ? 
_diffrn_radiation.monochromator                    ? 
_diffrn_radiation.polarisn_norm                    ? 
_diffrn_radiation.polarisn_ratio                   ? 
_diffrn_radiation.probe                            ? 
_diffrn_radiation.type                             ? 
_diffrn_radiation.xray_symbol                      ? 
_diffrn_radiation.wavelength_id                    1 
_diffrn_radiation.pdbx_monochromatic_or_laue_m_l   M 
_diffrn_radiation.pdbx_wavelength_list             ? 
_diffrn_radiation.pdbx_wavelength                  ? 
_diffrn_radiation.pdbx_diffrn_protocol             'SINGLE WAVELENGTH' 
_diffrn_radiation.pdbx_analyzer                    ? 
_diffrn_radiation.pdbx_scattering_type             x-ray 
# 
_diffrn_radiation_wavelength.id           1 
_diffrn_radiation_wavelength.wavelength   0.9789 
_diffrn_radiation_wavelength.wt           1.0 
# 
_diffrn_source.current                     ? 
_diffrn_source.details                     ? 
_diffrn_source.diffrn_id                   1 
_diffrn_source.power                       ? 
_diffrn_source.size                        ? 
_diffrn_source.source                      SYNCHROTRON 
_diffrn_source.target                      ? 
_diffrn_source.type                        'SSRF BEAMLINE BL19U1' 
_diffrn_source.voltage                     ? 
_diffrn_source.take-off_angle              ? 
_diffrn_source.pdbx_wavelength_list        0.9789 
_diffrn_source.pdbx_wavelength             ? 
_diffrn_source.pdbx_synchrotron_beamline   BL19U1 
_diffrn_source.pdbx_synchrotron_site       SSRF 
# 
_reflns.B_iso_Wilson_estimate            ? 
_reflns.entry_id                         6KUG 
_reflns.data_reduction_details           ? 
_reflns.data_reduction_method            ? 
_reflns.d_resolution_high                1.40 
_reflns.d_resolution_low                 40.0 
_reflns.details                          ? 
_reflns.limit_h_max                      ? 
_reflns.limit_h_min                      ? 
_reflns.limit_k_max                      ? 
_reflns.limit_k_min                      ? 
_reflns.limit_l_max                      ? 
_reflns.limit_l_min                      ? 
_reflns.number_all                       ? 
_reflns.number_obs                       17335 
_reflns.observed_criterion               ? 
_reflns.observed_criterion_F_max         ? 
_reflns.observed_criterion_F_min         ? 
_reflns.observed_criterion_I_max         ? 
_reflns.observed_criterion_I_min         ? 
_reflns.observed_criterion_sigma_F       ? 
_reflns.observed_criterion_sigma_I       ? 
_reflns.percent_possible_obs             100 
_reflns.R_free_details                   ? 
_reflns.Rmerge_F_all                     ? 
_reflns.Rmerge_F_obs                     ? 
_reflns.Friedel_coverage                 ? 
_reflns.number_gt                        ? 
_reflns.threshold_expression             ? 
_reflns.pdbx_redundancy                  19.2 
_reflns.pdbx_Rmerge_I_obs                ? 
_reflns.pdbx_Rmerge_I_all                ? 
_reflns.pdbx_Rsym_value                  0.073 
_reflns.pdbx_netI_over_av_sigmaI         ? 
_reflns.pdbx_netI_over_sigmaI            44.4 
_reflns.pdbx_res_netI_over_av_sigmaI_2   ? 
_reflns.pdbx_res_netI_over_sigmaI_2      ? 
_reflns.pdbx_chi_squared                 ? 
_reflns.pdbx_scaling_rejects             ? 
_reflns.pdbx_d_res_high_opt              ? 
_reflns.pdbx_d_res_low_opt               ? 
_reflns.pdbx_d_res_opt_method            ? 
_reflns.phase_calculation_details        ? 
_reflns.pdbx_Rrim_I_all                  ? 
_reflns.pdbx_Rpim_I_all                  ? 
_reflns.pdbx_d_opt                       ? 
_reflns.pdbx_number_measured_all         ? 
_reflns.pdbx_diffrn_id                   1 
_reflns.pdbx_ordinal                     1 
_reflns.pdbx_CC_half                     ? 
_reflns.pdbx_R_split                     ? 
# 
_reflns_shell.d_res_high                  1.4 
_reflns_shell.d_res_low                   1.45 
_reflns_shell.meanI_over_sigI_all         ? 
_reflns_shell.meanI_over_sigI_obs         ? 
_reflns_shell.number_measured_all         ? 
_reflns_shell.number_measured_obs         ? 
_reflns_shell.number_possible             ? 
_reflns_shell.number_unique_all           ? 
_reflns_shell.number_unique_obs           1715 
_reflns_shell.percent_possible_all        100 
_reflns_shell.percent_possible_obs        ? 
_reflns_shell.Rmerge_F_all                ? 
_reflns_shell.Rmerge_F_obs                ? 
_reflns_shell.Rmerge_I_all                ? 
_reflns_shell.Rmerge_I_obs                0.8 
_reflns_shell.meanI_over_sigI_gt          ? 
_reflns_shell.meanI_over_uI_all           ? 
_reflns_shell.meanI_over_uI_gt            ? 
_reflns_shell.number_measured_gt          ? 
_reflns_shell.number_unique_gt            ? 
_reflns_shell.percent_possible_gt         ? 
_reflns_shell.Rmerge_F_gt                 ? 
_reflns_shell.Rmerge_I_gt                 ? 
_reflns_shell.pdbx_redundancy             ? 
_reflns_shell.pdbx_Rsym_value             1.286 
_reflns_shell.pdbx_chi_squared            ? 
_reflns_shell.pdbx_netI_over_sigmaI_all   ? 
_reflns_shell.pdbx_netI_over_sigmaI_obs   ? 
_reflns_shell.pdbx_Rrim_I_all             ? 
_reflns_shell.pdbx_Rpim_I_all             ? 
_reflns_shell.pdbx_rejects                ? 
_reflns_shell.pdbx_ordinal                1 
_reflns_shell.pdbx_diffrn_id              1 
_reflns_shell.pdbx_CC_half                0.912 
_reflns_shell.pdbx_R_split                ? 
# 
_refine.aniso_B[1][1]                            ? 
_refine.aniso_B[1][2]                            ? 
_refine.aniso_B[1][3]                            ? 
_refine.aniso_B[2][2]                            ? 
_refine.aniso_B[2][3]                            ? 
_refine.aniso_B[3][3]                            ? 
_refine.B_iso_max                                ? 
_refine.B_iso_mean                               ? 
_refine.B_iso_min                                ? 
_refine.correlation_coeff_Fo_to_Fc               ? 
_refine.correlation_coeff_Fo_to_Fc_free          ? 
_refine.details                                  ? 
_refine.diff_density_max                         ? 
_refine.diff_density_max_esd                     ? 
_refine.diff_density_min                         ? 
_refine.diff_density_min_esd                     ? 
_refine.diff_density_rms                         ? 
_refine.diff_density_rms_esd                     ? 
_refine.entry_id                                 6KUG 
_refine.pdbx_refine_id                           'X-RAY DIFFRACTION' 
_refine.ls_abs_structure_details                 ? 
_refine.ls_abs_structure_Flack                   ? 
_refine.ls_abs_structure_Flack_esd               ? 
_refine.ls_abs_structure_Rogers                  ? 
_refine.ls_abs_structure_Rogers_esd              ? 
_refine.ls_d_res_high                            1.4 
_refine.ls_d_res_low                             21.758 
_refine.ls_extinction_coef                       ? 
_refine.ls_extinction_coef_esd                   ? 
_refine.ls_extinction_expression                 ? 
_refine.ls_extinction_method                     ? 
_refine.ls_goodness_of_fit_all                   ? 
_refine.ls_goodness_of_fit_all_esd               ? 
_refine.ls_goodness_of_fit_obs                   ? 
_refine.ls_goodness_of_fit_obs_esd               ? 
_refine.ls_hydrogen_treatment                    ? 
_refine.ls_matrix_type                           ? 
_refine.ls_number_constraints                    ? 
_refine.ls_number_parameters                     ? 
_refine.ls_number_reflns_all                     ? 
_refine.ls_number_reflns_obs                     17309 
_refine.ls_number_reflns_R_free                  1737 
_refine.ls_number_reflns_R_work                  ? 
_refine.ls_number_restraints                     ? 
_refine.ls_percent_reflns_obs                    99.95 
_refine.ls_percent_reflns_R_free                 10.04 
_refine.ls_R_factor_all                          ? 
_refine.ls_R_factor_obs                          0.1816 
_refine.ls_R_factor_R_free                       0.2130 
_refine.ls_R_factor_R_free_error                 ? 
_refine.ls_R_factor_R_free_error_details         ? 
_refine.ls_R_factor_R_work                       0.1781 
_refine.ls_R_Fsqd_factor_obs                     ? 
_refine.ls_R_I_factor_obs                        ? 
_refine.ls_redundancy_reflns_all                 ? 
_refine.ls_redundancy_reflns_obs                 ? 
_refine.ls_restrained_S_all                      ? 
_refine.ls_restrained_S_obs                      ? 
_refine.ls_shift_over_esd_max                    ? 
_refine.ls_shift_over_esd_mean                   ? 
_refine.ls_structure_factor_coef                 ? 
_refine.ls_weighting_details                     ? 
_refine.ls_weighting_scheme                      ? 
_refine.ls_wR_factor_all                         ? 
_refine.ls_wR_factor_obs                         ? 
_refine.ls_wR_factor_R_free                      ? 
_refine.ls_wR_factor_R_work                      ? 
_refine.occupancy_max                            ? 
_refine.occupancy_min                            ? 
_refine.solvent_model_details                    ? 
_refine.solvent_model_param_bsol                 ? 
_refine.solvent_model_param_ksol                 ? 
_refine.ls_R_factor_gt                           ? 
_refine.ls_goodness_of_fit_gt                    ? 
_refine.ls_goodness_of_fit_ref                   ? 
_refine.ls_shift_over_su_max                     ? 
_refine.ls_shift_over_su_max_lt                  ? 
_refine.ls_shift_over_su_mean                    ? 
_refine.ls_shift_over_su_mean_lt                 ? 
_refine.pdbx_ls_sigma_I                          ? 
_refine.pdbx_ls_sigma_F                          1.39 
_refine.pdbx_ls_sigma_Fsqd                       ? 
_refine.pdbx_data_cutoff_high_absF               ? 
_refine.pdbx_data_cutoff_high_rms_absF           ? 
_refine.pdbx_data_cutoff_low_absF                ? 
_refine.pdbx_isotropic_thermal_model             ? 
_refine.pdbx_ls_cross_valid_method               'FREE R-VALUE' 
_refine.pdbx_method_to_determine_struct          'MOLECULAR REPLACEMENT' 
_refine.pdbx_starting_model                      ? 
_refine.pdbx_stereochemistry_target_values       ? 
_refine.pdbx_R_Free_selection_details            ? 
_refine.pdbx_stereochem_target_val_spec_case     ? 
_refine.pdbx_overall_ESU_R                       ? 
_refine.pdbx_overall_ESU_R_Free                  ? 
_refine.pdbx_solvent_vdw_probe_radii             1.11 
_refine.pdbx_solvent_ion_probe_radii             ? 
_refine.pdbx_solvent_shrinkage_radii             0.90 
_refine.pdbx_real_space_R                        ? 
_refine.pdbx_density_correlation                 ? 
_refine.pdbx_pd_number_of_powder_patterns        ? 
_refine.pdbx_pd_number_of_points                 ? 
_refine.pdbx_pd_meas_number_of_points            ? 
_refine.pdbx_pd_proc_ls_prof_R_factor            ? 
_refine.pdbx_pd_proc_ls_prof_wR_factor           ? 
_refine.pdbx_pd_Marquardt_correlation_coeff      ? 
_refine.pdbx_pd_Fsqrd_R_factor                   ? 
_refine.pdbx_pd_ls_matrix_band_width             ? 
_refine.pdbx_overall_phase_error                 21.93 
_refine.pdbx_overall_SU_R_free_Cruickshank_DPI   ? 
_refine.pdbx_overall_SU_R_free_Blow_DPI          ? 
_refine.pdbx_overall_SU_R_Blow_DPI               ? 
_refine.pdbx_TLS_residual_ADP_flag               ? 
_refine.pdbx_diffrn_id                           1 
_refine.overall_SU_B                             ? 
_refine.overall_SU_ML                            0.14 
_refine.overall_SU_R_Cruickshank_DPI             ? 
_refine.overall_SU_R_free                        ? 
_refine.overall_FOM_free_R_set                   ? 
_refine.overall_FOM_work_R_set                   ? 
_refine.pdbx_average_fsc_overall                 ? 
_refine.pdbx_average_fsc_work                    ? 
_refine.pdbx_average_fsc_free                    ? 
# 
_refine_hist.pdbx_refine_id                   'X-RAY DIFFRACTION' 
_refine_hist.cycle_id                         LAST 
_refine_hist.pdbx_number_atoms_protein        558 
_refine_hist.pdbx_number_atoms_nucleic_acid   83 
_refine_hist.pdbx_number_atoms_ligand         0 
_refine_hist.number_atoms_solvent             49 
_refine_hist.number_atoms_total               690 
_refine_hist.d_res_high                       1.4 
_refine_hist.d_res_low                        21.758 
# 
loop_
_refine_ls_restr.pdbx_refine_id 
_refine_ls_restr.criterion 
_refine_ls_restr.dev_ideal 
_refine_ls_restr.dev_ideal_target 
_refine_ls_restr.number 
_refine_ls_restr.rejects 
_refine_ls_restr.type 
_refine_ls_restr.weight 
_refine_ls_restr.pdbx_restraint_function 
'X-RAY DIFFRACTION' ? 0.005  ? 656 ? f_bond_d           ? ? 
'X-RAY DIFFRACTION' ? 0.689  ? 898 ? f_angle_d          ? ? 
'X-RAY DIFFRACTION' ? 13.589 ? 248 ? f_dihedral_angle_d ? ? 
'X-RAY DIFFRACTION' ? 0.073  ? 106 ? f_chiral_restr     ? ? 
'X-RAY DIFFRACTION' ? 0.004  ? 102 ? f_plane_restr      ? ? 
# 
loop_
_refine_ls_shell.pdbx_refine_id 
_refine_ls_shell.d_res_high 
_refine_ls_shell.d_res_low 
_refine_ls_shell.number_reflns_all 
_refine_ls_shell.number_reflns_obs 
_refine_ls_shell.number_reflns_R_free 
_refine_ls_shell.number_reflns_R_work 
_refine_ls_shell.percent_reflns_obs 
_refine_ls_shell.percent_reflns_R_free 
_refine_ls_shell.R_factor_all 
_refine_ls_shell.R_factor_obs 
_refine_ls_shell.R_factor_R_free 
_refine_ls_shell.R_factor_R_free_error 
_refine_ls_shell.R_factor_R_work 
_refine_ls_shell.redundancy_reflns_all 
_refine_ls_shell.redundancy_reflns_obs 
_refine_ls_shell.wR_factor_all 
_refine_ls_shell.wR_factor_obs 
_refine_ls_shell.wR_factor_R_free 
_refine_ls_shell.wR_factor_R_work 
_refine_ls_shell.pdbx_total_number_of_bins_used 
_refine_ls_shell.pdbx_phase_error 
_refine_ls_shell.pdbx_fsc_work 
_refine_ls_shell.pdbx_fsc_free 
'X-RAY DIFFRACTION' 1.3990 1.4401  . . 144 1299 100.00 . . . 0.2907 . 0.2423 . . . . . . . . . . 
'X-RAY DIFFRACTION' 1.4401 1.4866  . . 139 1269 100.00 . . . 0.2505 . 0.2037 . . . . . . . . . . 
'X-RAY DIFFRACTION' 1.4866 1.5397  . . 144 1283 100.00 . . . 0.2382 . 0.1763 . . . . . . . . . . 
'X-RAY DIFFRACTION' 1.5397 1.6013  . . 143 1287 100.00 . . . 0.2166 . 0.1597 . . . . . . . . . . 
'X-RAY DIFFRACTION' 1.6013 1.6742  . . 147 1305 100.00 . . . 0.1941 . 0.1478 . . . . . . . . . . 
'X-RAY DIFFRACTION' 1.6742 1.7624  . . 142 1280 100.00 . . . 0.2096 . 0.1559 . . . . . . . . . . 
'X-RAY DIFFRACTION' 1.7624 1.8728  . . 146 1294 100.00 . . . 0.2027 . 0.1563 . . . . . . . . . . 
'X-RAY DIFFRACTION' 1.8728 2.0173  . . 146 1308 100.00 . . . 0.2015 . 0.1591 . . . . . . . . . . 
'X-RAY DIFFRACTION' 2.0173 2.2201  . . 142 1292 100.00 . . . 0.1810 . 0.1579 . . . . . . . . . . 
'X-RAY DIFFRACTION' 2.2201 2.5409  . . 139 1301 100.00 . . . 0.2158 . 0.1756 . . . . . . . . . . 
'X-RAY DIFFRACTION' 2.5409 3.1997  . . 149 1317 100.00 . . . 0.2236 . 0.1905 . . . . . . . . . . 
'X-RAY DIFFRACTION' 3.1997 21.7610 . . 156 1337 100.00 . . . 0.2146 . 0.1874 . . . . . . . . . . 
# 
_struct.entry_id                     6KUG 
_struct.title                        'Crystal structure of YBX1 CSD with RNA' 
_struct.pdbx_model_details           ? 
_struct.pdbx_formula_weight          ? 
_struct.pdbx_formula_weight_method   ? 
_struct.pdbx_model_type_details      ? 
_struct.pdbx_CASP_flag               N 
# 
_struct_keywords.entry_id        6KUG 
_struct_keywords.text            'CSD, RNA BINDING PROTEIN, RNA BINDING PROTEIN-RNA complex' 
_struct_keywords.pdbx_keywords   'RNA BINDING PROTEIN/RNA' 
# 
loop_
_struct_asym.id 
_struct_asym.pdbx_blank_PDB_chainid_flag 
_struct_asym.pdbx_modified 
_struct_asym.entity_id 
_struct_asym.details 
A N N 1 ? 
B N N 2 ? 
C N N 3 ? 
# 
loop_
_struct_ref.id 
_struct_ref.db_name 
_struct_ref.db_code 
_struct_ref.pdbx_db_accession 
_struct_ref.pdbx_db_isoform 
_struct_ref.entity_id 
_struct_ref.pdbx_seq_one_letter_code 
_struct_ref.pdbx_align_begin 
1 UNP YBOX1_HUMAN P67809 ? 1 KKVIATKVLGTVKWFNVRNGYGFINRNDTKEDVFVHQTAIKKNNPRKYLRSVGDGETVEFDVVEGEKGAEAANVTGPG 52 
2 PDB 6KUG        6KUG   ? 2 ?                                                                              1  
# 
loop_
_struct_ref_seq.align_id 
_struct_ref_seq.ref_id 
_struct_ref_seq.pdbx_PDB_id_code 
_struct_ref_seq.pdbx_strand_id 
_struct_ref_seq.seq_align_beg 
_struct_ref_seq.pdbx_seq_align_beg_ins_code 
_struct_ref_seq.seq_align_end 
_struct_ref_seq.pdbx_seq_align_end_ins_code 
_struct_ref_seq.pdbx_db_accession 
_struct_ref_seq.db_align_beg 
_struct_ref_seq.pdbx_db_align_beg_ins_code 
_struct_ref_seq.db_align_end 
_struct_ref_seq.pdbx_db_align_end_ins_code 
_struct_ref_seq.pdbx_auth_seq_align_beg 
_struct_ref_seq.pdbx_auth_seq_align_end 
1 1 6KUG A 2 ? 79 ? P67809 52 ? 129 ? 52 129 
2 2 6KUG B 1 ? 4  ? 6KUG   1  ? 4   ? 1  4   
# 
_struct_ref_seq_dif.align_id                     1 
_struct_ref_seq_dif.pdbx_pdb_id_code             6KUG 
_struct_ref_seq_dif.mon_id                       SER 
_struct_ref_seq_dif.pdbx_pdb_strand_id           A 
_struct_ref_seq_dif.seq_num                      1 
_struct_ref_seq_dif.pdbx_pdb_ins_code            ? 
_struct_ref_seq_dif.pdbx_seq_db_name             UNP 
_struct_ref_seq_dif.pdbx_seq_db_accession_code   P67809 
_struct_ref_seq_dif.db_mon_id                    ? 
_struct_ref_seq_dif.pdbx_seq_db_seq_num          ? 
_struct_ref_seq_dif.details                      'expression tag' 
_struct_ref_seq_dif.pdbx_auth_seq_num            51 
_struct_ref_seq_dif.pdbx_ordinal                 1 
# 
_pdbx_struct_assembly.id                   1 
_pdbx_struct_assembly.details              author_and_software_defined_assembly 
_pdbx_struct_assembly.method_details       PISA 
_pdbx_struct_assembly.oligomeric_details   dimeric 
_pdbx_struct_assembly.oligomeric_count     2 
# 
loop_
_pdbx_struct_assembly_prop.biol_id 
_pdbx_struct_assembly_prop.type 
_pdbx_struct_assembly_prop.value 
_pdbx_struct_assembly_prop.details 
1 'ABSA (A^2)' 1170 ? 
1 MORE         -3   ? 
1 'SSA (A^2)'  4830 ? 
# 
_pdbx_struct_assembly_gen.assembly_id       1 
_pdbx_struct_assembly_gen.oper_expression   1 
_pdbx_struct_assembly_gen.asym_id_list      A,B,C 
# 
_pdbx_struct_assembly_auth_evidence.id                     1 
_pdbx_struct_assembly_auth_evidence.assembly_id            1 
_pdbx_struct_assembly_auth_evidence.experimental_support   'isothermal titration calorimetry' 
_pdbx_struct_assembly_auth_evidence.details                ? 
# 
_pdbx_struct_oper_list.id                   1 
_pdbx_struct_oper_list.type                 'identity operation' 
_pdbx_struct_oper_list.name                 1_555 
_pdbx_struct_oper_list.symmetry_operation   x,y,z 
_pdbx_struct_oper_list.matrix[1][1]         1.0000000000 
_pdbx_struct_oper_list.matrix[1][2]         0.0000000000 
_pdbx_struct_oper_list.matrix[1][3]         0.0000000000 
_pdbx_struct_oper_list.vector[1]            0.0000000000 
_pdbx_struct_oper_list.matrix[2][1]         0.0000000000 
_pdbx_struct_oper_list.matrix[2][2]         1.0000000000 
_pdbx_struct_oper_list.matrix[2][3]         0.0000000000 
_pdbx_struct_oper_list.vector[2]            0.0000000000 
_pdbx_struct_oper_list.matrix[3][1]         0.0000000000 
_pdbx_struct_oper_list.matrix[3][2]         0.0000000000 
_pdbx_struct_oper_list.matrix[3][3]         1.0000000000 
_pdbx_struct_oper_list.vector[3]            0.0000000000 
# 
_struct_conf.conf_type_id            HELX_P 
_struct_conf.id                      HELX_P1 
_struct_conf.pdbx_PDB_helix_id       AA1 
_struct_conf.beg_label_comp_id       THR 
_struct_conf.beg_label_asym_id       A 
_struct_conf.beg_label_seq_id        39 
_struct_conf.pdbx_beg_PDB_ins_code   ? 
_struct_conf.end_label_comp_id       ILE 
_struct_conf.end_label_asym_id       A 
_struct_conf.end_label_seq_id        41 
_struct_conf.pdbx_end_PDB_ins_code   ? 
_struct_conf.beg_auth_comp_id        THR 
_struct_conf.beg_auth_asym_id        A 
_struct_conf.beg_auth_seq_id         89 
_struct_conf.end_auth_comp_id        ILE 
_struct_conf.end_auth_asym_id        A 
_struct_conf.end_auth_seq_id         91 
_struct_conf.pdbx_PDB_helix_class    5 
_struct_conf.details                 ? 
_struct_conf.pdbx_PDB_helix_length   3 
# 
_struct_conf_type.id          HELX_P 
_struct_conf_type.criteria    ? 
_struct_conf_type.reference   ? 
# 
_struct_sheet.id               AA1 
_struct_sheet.type             ? 
_struct_sheet.number_strands   6 
_struct_sheet.details          ? 
# 
loop_
_struct_sheet_order.sheet_id 
_struct_sheet_order.range_id_1 
_struct_sheet_order.range_id_2 
_struct_sheet_order.offset 
_struct_sheet_order.sense 
AA1 1 2 ? anti-parallel 
AA1 2 3 ? anti-parallel 
AA1 3 4 ? parallel      
AA1 4 5 ? anti-parallel 
AA1 5 6 ? anti-parallel 
# 
loop_
_struct_sheet_range.sheet_id 
_struct_sheet_range.id 
_struct_sheet_range.beg_label_comp_id 
_struct_sheet_range.beg_label_asym_id 
_struct_sheet_range.beg_label_seq_id 
_struct_sheet_range.pdbx_beg_PDB_ins_code 
_struct_sheet_range.end_label_comp_id 
_struct_sheet_range.end_label_asym_id 
_struct_sheet_range.end_label_seq_id 
_struct_sheet_range.pdbx_end_PDB_ins_code 
_struct_sheet_range.beg_auth_comp_id 
_struct_sheet_range.beg_auth_asym_id 
_struct_sheet_range.beg_auth_seq_id 
_struct_sheet_range.end_auth_comp_id 
_struct_sheet_range.end_auth_asym_id 
_struct_sheet_range.end_auth_seq_id 
AA1 1 VAL A 4  ? ASN A 17 ? VAL A 54  ASN A 67  
AA1 2 TYR A 22 ? ARG A 27 ? TYR A 72  ARG A 77  
AA1 3 ASP A 33 ? HIS A 37 ? ASP A 83  HIS A 87  
AA1 4 GLY A 69 ? THR A 76 ? GLY A 119 THR A 126 
AA1 5 THR A 58 ? GLY A 66 ? THR A 108 GLY A 116 
AA1 6 VAL A 4  ? ASN A 17 ? VAL A 54  ASN A 67  
# 
loop_
_pdbx_struct_sheet_hbond.sheet_id 
_pdbx_struct_sheet_hbond.range_id_1 
_pdbx_struct_sheet_hbond.range_id_2 
_pdbx_struct_sheet_hbond.range_1_label_atom_id 
_pdbx_struct_sheet_hbond.range_1_label_comp_id 
_pdbx_struct_sheet_hbond.range_1_label_asym_id 
_pdbx_struct_sheet_hbond.range_1_label_seq_id 
_pdbx_struct_sheet_hbond.range_1_PDB_ins_code 
_pdbx_struct_sheet_hbond.range_1_auth_atom_id 
_pdbx_struct_sheet_hbond.range_1_auth_comp_id 
_pdbx_struct_sheet_hbond.range_1_auth_asym_id 
_pdbx_struct_sheet_hbond.range_1_auth_seq_id 
_pdbx_struct_sheet_hbond.range_2_label_atom_id 
_pdbx_struct_sheet_hbond.range_2_label_comp_id 
_pdbx_struct_sheet_hbond.range_2_label_asym_id 
_pdbx_struct_sheet_hbond.range_2_label_seq_id 
_pdbx_struct_sheet_hbond.range_2_PDB_ins_code 
_pdbx_struct_sheet_hbond.range_2_auth_atom_id 
_pdbx_struct_sheet_hbond.range_2_auth_comp_id 
_pdbx_struct_sheet_hbond.range_2_auth_asym_id 
_pdbx_struct_sheet_hbond.range_2_auth_seq_id 
AA1 1 2 N THR A 12 ? N THR A 62  O ASN A 26 ? O ASN A 76  
AA1 2 3 N ILE A 25 ? N ILE A 75  O VAL A 34 ? O VAL A 84  
AA1 3 4 N PHE A 35 ? N PHE A 85  O ALA A 72 ? O ALA A 122 
AA1 4 5 O GLU A 71 ? O GLU A 121 N VAL A 64 ? N VAL A 114 
AA1 5 6 O VAL A 63 ? O VAL A 113 N ILE A 5  ? N ILE A 55  
# 
_pdbx_validate_close_contact.id               1 
_pdbx_validate_close_contact.PDB_model_num    1 
_pdbx_validate_close_contact.auth_atom_id_1   CB 
_pdbx_validate_close_contact.auth_asym_id_1   A 
_pdbx_validate_close_contact.auth_comp_id_1   ASP 
_pdbx_validate_close_contact.auth_seq_id_1    79 
_pdbx_validate_close_contact.PDB_ins_code_1   ? 
_pdbx_validate_close_contact.label_alt_id_1   ? 
_pdbx_validate_close_contact.auth_atom_id_2   O 
_pdbx_validate_close_contact.auth_asym_id_2   A 
_pdbx_validate_close_contact.auth_comp_id_2   HOH 
_pdbx_validate_close_contact.auth_seq_id_2    223 
_pdbx_validate_close_contact.PDB_ins_code_2   ? 
_pdbx_validate_close_contact.label_alt_id_2   ? 
_pdbx_validate_close_contact.dist             2.16 
# 
loop_
_pdbx_unobs_or_zero_occ_residues.id 
_pdbx_unobs_or_zero_occ_residues.PDB_model_num 
_pdbx_unobs_or_zero_occ_residues.polymer_flag 
_pdbx_unobs_or_zero_occ_residues.occupancy_flag 
_pdbx_unobs_or_zero_occ_residues.auth_asym_id 
_pdbx_unobs_or_zero_occ_residues.auth_comp_id 
_pdbx_unobs_or_zero_occ_residues.auth_seq_id 
_pdbx_unobs_or_zero_occ_residues.PDB_ins_code 
_pdbx_unobs_or_zero_occ_residues.label_asym_id 
_pdbx_unobs_or_zero_occ_residues.label_comp_id 
_pdbx_unobs_or_zero_occ_residues.label_seq_id 
1 1 Y 1 A SER 51 ? A SER 1  
2 1 Y 1 A ASN 94 ? A ASN 44 
3 1 Y 1 A ASN 95 ? A ASN 45 
4 1 Y 1 A PRO 96 ? A PRO 46 
5 1 Y 1 A ARG 97 ? A ARG 47 
6 1 Y 1 A LYS 98 ? A LYS 48 
# 
loop_
_chem_comp_atom.comp_id 
_chem_comp_atom.atom_id 
_chem_comp_atom.type_symbol 
_chem_comp_atom.pdbx_aromatic_flag 
_chem_comp_atom.pdbx_stereo_config 
_chem_comp_atom.pdbx_ordinal 
ALA N      N N N 1   
ALA CA     C N S 2   
ALA C      C N N 3   
ALA O      O N N 4   
ALA CB     C N N 5   
ALA OXT    O N N 6   
ALA H      H N N 7   
ALA H2     H N N 8   
ALA HA     H N N 9   
ALA HB1    H N N 10  
ALA HB2    H N N 11  
ALA HB3    H N N 12  
ALA HXT    H N N 13  
ARG N      N N N 14  
ARG CA     C N S 15  
ARG C      C N N 16  
ARG O      O N N 17  
ARG CB     C N N 18  
ARG CG     C N N 19  
ARG CD     C N N 20  
ARG NE     N N N 21  
ARG CZ     C N N 22  
ARG NH1    N N N 23  
ARG NH2    N N N 24  
ARG OXT    O N N 25  
ARG H      H N N 26  
ARG H2     H N N 27  
ARG HA     H N N 28  
ARG HB2    H N N 29  
ARG HB3    H N N 30  
ARG HG2    H N N 31  
ARG HG3    H N N 32  
ARG HD2    H N N 33  
ARG HD3    H N N 34  
ARG HE     H N N 35  
ARG HH11   H N N 36  
ARG HH12   H N N 37  
ARG HH21   H N N 38  
ARG HH22   H N N 39  
ARG HXT    H N N 40  
ASN N      N N N 41  
ASN CA     C N S 42  
ASN C      C N N 43  
ASN O      O N N 44  
ASN CB     C N N 45  
ASN CG     C N N 46  
ASN OD1    O N N 47  
ASN ND2    N N N 48  
ASN OXT    O N N 49  
ASN H      H N N 50  
ASN H2     H N N 51  
ASN HA     H N N 52  
ASN HB2    H N N 53  
ASN HB3    H N N 54  
ASN HD21   H N N 55  
ASN HD22   H N N 56  
ASN HXT    H N N 57  
ASP N      N N N 58  
ASP CA     C N S 59  
ASP C      C N N 60  
ASP O      O N N 61  
ASP CB     C N N 62  
ASP CG     C N N 63  
ASP OD1    O N N 64  
ASP OD2    O N N 65  
ASP OXT    O N N 66  
ASP H      H N N 67  
ASP H2     H N N 68  
ASP HA     H N N 69  
ASP HB2    H N N 70  
ASP HB3    H N N 71  
ASP HD2    H N N 72  
ASP HXT    H N N 73  
C   OP3    O N N 74  
C   P      P N N 75  
C   OP1    O N N 76  
C   OP2    O N N 77  
C   "O5'"  O N N 78  
C   "C5'"  C N N 79  
C   "C4'"  C N R 80  
C   "O4'"  O N N 81  
C   "C3'"  C N S 82  
C   "O3'"  O N N 83  
C   "C2'"  C N R 84  
C   "O2'"  O N N 85  
C   "C1'"  C N R 86  
C   N1     N N N 87  
C   C2     C N N 88  
C   O2     O N N 89  
C   N3     N N N 90  
C   C4     C N N 91  
C   N4     N N N 92  
C   C5     C N N 93  
C   C6     C N N 94  
C   HOP3   H N N 95  
C   HOP2   H N N 96  
C   "H5'"  H N N 97  
C   "H5''" H N N 98  
C   "H4'"  H N N 99  
C   "H3'"  H N N 100 
C   "HO3'" H N N 101 
C   "H2'"  H N N 102 
C   "HO2'" H N N 103 
C   "H1'"  H N N 104 
C   H41    H N N 105 
C   H42    H N N 106 
C   H5     H N N 107 
C   H6     H N N 108 
G   OP3    O N N 109 
G   P      P N N 110 
G   OP1    O N N 111 
G   OP2    O N N 112 
G   "O5'"  O N N 113 
G   "C5'"  C N N 114 
G   "C4'"  C N R 115 
G   "O4'"  O N N 116 
G   "C3'"  C N S 117 
G   "O3'"  O N N 118 
G   "C2'"  C N R 119 
G   "O2'"  O N N 120 
G   "C1'"  C N R 121 
G   N9     N Y N 122 
G   C8     C Y N 123 
G   N7     N Y N 124 
G   C5     C Y N 125 
G   C6     C N N 126 
G   O6     O N N 127 
G   N1     N N N 128 
G   C2     C N N 129 
G   N2     N N N 130 
G   N3     N N N 131 
G   C4     C Y N 132 
G   HOP3   H N N 133 
G   HOP2   H N N 134 
G   "H5'"  H N N 135 
G   "H5''" H N N 136 
G   "H4'"  H N N 137 
G   "H3'"  H N N 138 
G   "HO3'" H N N 139 
G   "H2'"  H N N 140 
G   "HO2'" H N N 141 
G   "H1'"  H N N 142 
G   H8     H N N 143 
G   H1     H N N 144 
G   H21    H N N 145 
G   H22    H N N 146 
GLN N      N N N 147 
GLN CA     C N S 148 
GLN C      C N N 149 
GLN O      O N N 150 
GLN CB     C N N 151 
GLN CG     C N N 152 
GLN CD     C N N 153 
GLN OE1    O N N 154 
GLN NE2    N N N 155 
GLN OXT    O N N 156 
GLN H      H N N 157 
GLN H2     H N N 158 
GLN HA     H N N 159 
GLN HB2    H N N 160 
GLN HB3    H N N 161 
GLN HG2    H N N 162 
GLN HG3    H N N 163 
GLN HE21   H N N 164 
GLN HE22   H N N 165 
GLN HXT    H N N 166 
GLU N      N N N 167 
GLU CA     C N S 168 
GLU C      C N N 169 
GLU O      O N N 170 
GLU CB     C N N 171 
GLU CG     C N N 172 
GLU CD     C N N 173 
GLU OE1    O N N 174 
GLU OE2    O N N 175 
GLU OXT    O N N 176 
GLU H      H N N 177 
GLU H2     H N N 178 
GLU HA     H N N 179 
GLU HB2    H N N 180 
GLU HB3    H N N 181 
GLU HG2    H N N 182 
GLU HG3    H N N 183 
GLU HE2    H N N 184 
GLU HXT    H N N 185 
GLY N      N N N 186 
GLY CA     C N N 187 
GLY C      C N N 188 
GLY O      O N N 189 
GLY OXT    O N N 190 
GLY H      H N N 191 
GLY H2     H N N 192 
GLY HA2    H N N 193 
GLY HA3    H N N 194 
GLY HXT    H N N 195 
HIS N      N N N 196 
HIS CA     C N S 197 
HIS C      C N N 198 
HIS O      O N N 199 
HIS CB     C N N 200 
HIS CG     C Y N 201 
HIS ND1    N Y N 202 
HIS CD2    C Y N 203 
HIS CE1    C Y N 204 
HIS NE2    N Y N 205 
HIS OXT    O N N 206 
HIS H      H N N 207 
HIS H2     H N N 208 
HIS HA     H N N 209 
HIS HB2    H N N 210 
HIS HB3    H N N 211 
HIS HD1    H N N 212 
HIS HD2    H N N 213 
HIS HE1    H N N 214 
HIS HE2    H N N 215 
HIS HXT    H N N 216 
HOH O      O N N 217 
HOH H1     H N N 218 
HOH H2     H N N 219 
ILE N      N N N 220 
ILE CA     C N S 221 
ILE C      C N N 222 
ILE O      O N N 223 
ILE CB     C N S 224 
ILE CG1    C N N 225 
ILE CG2    C N N 226 
ILE CD1    C N N 227 
ILE OXT    O N N 228 
ILE H      H N N 229 
ILE H2     H N N 230 
ILE HA     H N N 231 
ILE HB     H N N 232 
ILE HG12   H N N 233 
ILE HG13   H N N 234 
ILE HG21   H N N 235 
ILE HG22   H N N 236 
ILE HG23   H N N 237 
ILE HD11   H N N 238 
ILE HD12   H N N 239 
ILE HD13   H N N 240 
ILE HXT    H N N 241 
LEU N      N N N 242 
LEU CA     C N S 243 
LEU C      C N N 244 
LEU O      O N N 245 
LEU CB     C N N 246 
LEU CG     C N N 247 
LEU CD1    C N N 248 
LEU CD2    C N N 249 
LEU OXT    O N N 250 
LEU H      H N N 251 
LEU H2     H N N 252 
LEU HA     H N N 253 
LEU HB2    H N N 254 
LEU HB3    H N N 255 
LEU HG     H N N 256 
LEU HD11   H N N 257 
LEU HD12   H N N 258 
LEU HD13   H N N 259 
LEU HD21   H N N 260 
LEU HD22   H N N 261 
LEU HD23   H N N 262 
LEU HXT    H N N 263 
LYS N      N N N 264 
LYS CA     C N S 265 
LYS C      C N N 266 
LYS O      O N N 267 
LYS CB     C N N 268 
LYS CG     C N N 269 
LYS CD     C N N 270 
LYS CE     C N N 271 
LYS NZ     N N N 272 
LYS OXT    O N N 273 
LYS H      H N N 274 
LYS H2     H N N 275 
LYS HA     H N N 276 
LYS HB2    H N N 277 
LYS HB3    H N N 278 
LYS HG2    H N N 279 
LYS HG3    H N N 280 
LYS HD2    H N N 281 
LYS HD3    H N N 282 
LYS HE2    H N N 283 
LYS HE3    H N N 284 
LYS HZ1    H N N 285 
LYS HZ2    H N N 286 
LYS HZ3    H N N 287 
LYS HXT    H N N 288 
PHE N      N N N 289 
PHE CA     C N S 290 
PHE C      C N N 291 
PHE O      O N N 292 
PHE CB     C N N 293 
PHE CG     C Y N 294 
PHE CD1    C Y N 295 
PHE CD2    C Y N 296 
PHE CE1    C Y N 297 
PHE CE2    C Y N 298 
PHE CZ     C Y N 299 
PHE OXT    O N N 300 
PHE H      H N N 301 
PHE H2     H N N 302 
PHE HA     H N N 303 
PHE HB2    H N N 304 
PHE HB3    H N N 305 
PHE HD1    H N N 306 
PHE HD2    H N N 307 
PHE HE1    H N N 308 
PHE HE2    H N N 309 
PHE HZ     H N N 310 
PHE HXT    H N N 311 
PRO N      N N N 312 
PRO CA     C N S 313 
PRO C      C N N 314 
PRO O      O N N 315 
PRO CB     C N N 316 
PRO CG     C N N 317 
PRO CD     C N N 318 
PRO OXT    O N N 319 
PRO H      H N N 320 
PRO HA     H N N 321 
PRO HB2    H N N 322 
PRO HB3    H N N 323 
PRO HG2    H N N 324 
PRO HG3    H N N 325 
PRO HD2    H N N 326 
PRO HD3    H N N 327 
PRO HXT    H N N 328 
SER N      N N N 329 
SER CA     C N S 330 
SER C      C N N 331 
SER O      O N N 332 
SER CB     C N N 333 
SER OG     O N N 334 
SER OXT    O N N 335 
SER H      H N N 336 
SER H2     H N N 337 
SER HA     H N N 338 
SER HB2    H N N 339 
SER HB3    H N N 340 
SER HG     H N N 341 
SER HXT    H N N 342 
THR N      N N N 343 
THR CA     C N S 344 
THR C      C N N 345 
THR O      O N N 346 
THR CB     C N R 347 
THR OG1    O N N 348 
THR CG2    C N N 349 
THR OXT    O N N 350 
THR H      H N N 351 
THR H2     H N N 352 
THR HA     H N N 353 
THR HB     H N N 354 
THR HG1    H N N 355 
THR HG21   H N N 356 
THR HG22   H N N 357 
THR HG23   H N N 358 
THR HXT    H N N 359 
TRP N      N N N 360 
TRP CA     C N S 361 
TRP C      C N N 362 
TRP O      O N N 363 
TRP CB     C N N 364 
TRP CG     C Y N 365 
TRP CD1    C Y N 366 
TRP CD2    C Y N 367 
TRP NE1    N Y N 368 
TRP CE2    C Y N 369 
TRP CE3    C Y N 370 
TRP CZ2    C Y N 371 
TRP CZ3    C Y N 372 
TRP CH2    C Y N 373 
TRP OXT    O N N 374 
TRP H      H N N 375 
TRP H2     H N N 376 
TRP HA     H N N 377 
TRP HB2    H N N 378 
TRP HB3    H N N 379 
TRP HD1    H N N 380 
TRP HE1    H N N 381 
TRP HE3    H N N 382 
TRP HZ2    H N N 383 
TRP HZ3    H N N 384 
TRP HH2    H N N 385 
TRP HXT    H N N 386 
TYR N      N N N 387 
TYR CA     C N S 388 
TYR C      C N N 389 
TYR O      O N N 390 
TYR CB     C N N 391 
TYR CG     C Y N 392 
TYR CD1    C Y N 393 
TYR CD2    C Y N 394 
TYR CE1    C Y N 395 
TYR CE2    C Y N 396 
TYR CZ     C Y N 397 
TYR OH     O N N 398 
TYR OXT    O N N 399 
TYR H      H N N 400 
TYR H2     H N N 401 
TYR HA     H N N 402 
TYR HB2    H N N 403 
TYR HB3    H N N 404 
TYR HD1    H N N 405 
TYR HD2    H N N 406 
TYR HE1    H N N 407 
TYR HE2    H N N 408 
TYR HH     H N N 409 
TYR HXT    H N N 410 
U   OP3    O N N 411 
U   P      P N N 412 
U   OP1    O N N 413 
U   OP2    O N N 414 
U   "O5'"  O N N 415 
U   "C5'"  C N N 416 
U   "C4'"  C N R 417 
U   "O4'"  O N N 418 
U   "C3'"  C N S 419 
U   "O3'"  O N N 420 
U   "C2'"  C N R 421 
U   "O2'"  O N N 422 
U   "C1'"  C N R 423 
U   N1     N N N 424 
U   C2     C N N 425 
U   O2     O N N 426 
U   N3     N N N 427 
U   C4     C N N 428 
U   O4     O N N 429 
U   C5     C N N 430 
U   C6     C N N 431 
U   HOP3   H N N 432 
U   HOP2   H N N 433 
U   "H5'"  H N N 434 
U   "H5''" H N N 435 
U   "H4'"  H N N 436 
U   "H3'"  H N N 437 
U   "HO3'" H N N 438 
U   "H2'"  H N N 439 
U   "HO2'" H N N 440 
U   "H1'"  H N N 441 
U   H3     H N N 442 
U   H5     H N N 443 
U   H6     H N N 444 
VAL N      N N N 445 
VAL CA     C N S 446 
VAL C      C N N 447 
VAL O      O N N 448 
VAL CB     C N N 449 
VAL CG1    C N N 450 
VAL CG2    C N N 451 
VAL OXT    O N N 452 
VAL H      H N N 453 
VAL H2     H N N 454 
VAL HA     H N N 455 
VAL HB     H N N 456 
VAL HG11   H N N 457 
VAL HG12   H N N 458 
VAL HG13   H N N 459 
VAL HG21   H N N 460 
VAL HG22   H N N 461 
VAL HG23   H N N 462 
VAL HXT    H N N 463 
# 
loop_
_chem_comp_bond.comp_id 
_chem_comp_bond.atom_id_1 
_chem_comp_bond.atom_id_2 
_chem_comp_bond.value_order 
_chem_comp_bond.pdbx_aromatic_flag 
_chem_comp_bond.pdbx_stereo_config 
_chem_comp_bond.pdbx_ordinal 
ALA N     CA     sing N N 1   
ALA N     H      sing N N 2   
ALA N     H2     sing N N 3   
ALA CA    C      sing N N 4   
ALA CA    CB     sing N N 5   
ALA CA    HA     sing N N 6   
ALA C     O      doub N N 7   
ALA C     OXT    sing N N 8   
ALA CB    HB1    sing N N 9   
ALA CB    HB2    sing N N 10  
ALA CB    HB3    sing N N 11  
ALA OXT   HXT    sing N N 12  
ARG N     CA     sing N N 13  
ARG N     H      sing N N 14  
ARG N     H2     sing N N 15  
ARG CA    C      sing N N 16  
ARG CA    CB     sing N N 17  
ARG CA    HA     sing N N 18  
ARG C     O      doub N N 19  
ARG C     OXT    sing N N 20  
ARG CB    CG     sing N N 21  
ARG CB    HB2    sing N N 22  
ARG CB    HB3    sing N N 23  
ARG CG    CD     sing N N 24  
ARG CG    HG2    sing N N 25  
ARG CG    HG3    sing N N 26  
ARG CD    NE     sing N N 27  
ARG CD    HD2    sing N N 28  
ARG CD    HD3    sing N N 29  
ARG NE    CZ     sing N N 30  
ARG NE    HE     sing N N 31  
ARG CZ    NH1    sing N N 32  
ARG CZ    NH2    doub N N 33  
ARG NH1   HH11   sing N N 34  
ARG NH1   HH12   sing N N 35  
ARG NH2   HH21   sing N N 36  
ARG NH2   HH22   sing N N 37  
ARG OXT   HXT    sing N N 38  
ASN N     CA     sing N N 39  
ASN N     H      sing N N 40  
ASN N     H2     sing N N 41  
ASN CA    C      sing N N 42  
ASN CA    CB     sing N N 43  
ASN CA    HA     sing N N 44  
ASN C     O      doub N N 45  
ASN C     OXT    sing N N 46  
ASN CB    CG     sing N N 47  
ASN CB    HB2    sing N N 48  
ASN CB    HB3    sing N N 49  
ASN CG    OD1    doub N N 50  
ASN CG    ND2    sing N N 51  
ASN ND2   HD21   sing N N 52  
ASN ND2   HD22   sing N N 53  
ASN OXT   HXT    sing N N 54  
ASP N     CA     sing N N 55  
ASP N     H      sing N N 56  
ASP N     H2     sing N N 57  
ASP CA    C      sing N N 58  
ASP CA    CB     sing N N 59  
ASP CA    HA     sing N N 60  
ASP C     O      doub N N 61  
ASP C     OXT    sing N N 62  
ASP CB    CG     sing N N 63  
ASP CB    HB2    sing N N 64  
ASP CB    HB3    sing N N 65  
ASP CG    OD1    doub N N 66  
ASP CG    OD2    sing N N 67  
ASP OD2   HD2    sing N N 68  
ASP OXT   HXT    sing N N 69  
C   OP3   P      sing N N 70  
C   OP3   HOP3   sing N N 71  
C   P     OP1    doub N N 72  
C   P     OP2    sing N N 73  
C   P     "O5'"  sing N N 74  
C   OP2   HOP2   sing N N 75  
C   "O5'" "C5'"  sing N N 76  
C   "C5'" "C4'"  sing N N 77  
C   "C5'" "H5'"  sing N N 78  
C   "C5'" "H5''" sing N N 79  
C   "C4'" "O4'"  sing N N 80  
C   "C4'" "C3'"  sing N N 81  
C   "C4'" "H4'"  sing N N 82  
C   "O4'" "C1'"  sing N N 83  
C   "C3'" "O3'"  sing N N 84  
C   "C3'" "C2'"  sing N N 85  
C   "C3'" "H3'"  sing N N 86  
C   "O3'" "HO3'" sing N N 87  
C   "C2'" "O2'"  sing N N 88  
C   "C2'" "C1'"  sing N N 89  
C   "C2'" "H2'"  sing N N 90  
C   "O2'" "HO2'" sing N N 91  
C   "C1'" N1     sing N N 92  
C   "C1'" "H1'"  sing N N 93  
C   N1    C2     sing N N 94  
C   N1    C6     sing N N 95  
C   C2    O2     doub N N 96  
C   C2    N3     sing N N 97  
C   N3    C4     doub N N 98  
C   C4    N4     sing N N 99  
C   C4    C5     sing N N 100 
C   N4    H41    sing N N 101 
C   N4    H42    sing N N 102 
C   C5    C6     doub N N 103 
C   C5    H5     sing N N 104 
C   C6    H6     sing N N 105 
G   OP3   P      sing N N 106 
G   OP3   HOP3   sing N N 107 
G   P     OP1    doub N N 108 
G   P     OP2    sing N N 109 
G   P     "O5'"  sing N N 110 
G   OP2   HOP2   sing N N 111 
G   "O5'" "C5'"  sing N N 112 
G   "C5'" "C4'"  sing N N 113 
G   "C5'" "H5'"  sing N N 114 
G   "C5'" "H5''" sing N N 115 
G   "C4'" "O4'"  sing N N 116 
G   "C4'" "C3'"  sing N N 117 
G   "C4'" "H4'"  sing N N 118 
G   "O4'" "C1'"  sing N N 119 
G   "C3'" "O3'"  sing N N 120 
G   "C3'" "C2'"  sing N N 121 
G   "C3'" "H3'"  sing N N 122 
G   "O3'" "HO3'" sing N N 123 
G   "C2'" "O2'"  sing N N 124 
G   "C2'" "C1'"  sing N N 125 
G   "C2'" "H2'"  sing N N 126 
G   "O2'" "HO2'" sing N N 127 
G   "C1'" N9     sing N N 128 
G   "C1'" "H1'"  sing N N 129 
G   N9    C8     sing Y N 130 
G   N9    C4     sing Y N 131 
G   C8    N7     doub Y N 132 
G   C8    H8     sing N N 133 
G   N7    C5     sing Y N 134 
G   C5    C6     sing N N 135 
G   C5    C4     doub Y N 136 
G   C6    O6     doub N N 137 
G   C6    N1     sing N N 138 
G   N1    C2     sing N N 139 
G   N1    H1     sing N N 140 
G   C2    N2     sing N N 141 
G   C2    N3     doub N N 142 
G   N2    H21    sing N N 143 
G   N2    H22    sing N N 144 
G   N3    C4     sing N N 145 
GLN N     CA     sing N N 146 
GLN N     H      sing N N 147 
GLN N     H2     sing N N 148 
GLN CA    C      sing N N 149 
GLN CA    CB     sing N N 150 
GLN CA    HA     sing N N 151 
GLN C     O      doub N N 152 
GLN C     OXT    sing N N 153 
GLN CB    CG     sing N N 154 
GLN CB    HB2    sing N N 155 
GLN CB    HB3    sing N N 156 
GLN CG    CD     sing N N 157 
GLN CG    HG2    sing N N 158 
GLN CG    HG3    sing N N 159 
GLN CD    OE1    doub N N 160 
GLN CD    NE2    sing N N 161 
GLN NE2   HE21   sing N N 162 
GLN NE2   HE22   sing N N 163 
GLN OXT   HXT    sing N N 164 
GLU N     CA     sing N N 165 
GLU N     H      sing N N 166 
GLU N     H2     sing N N 167 
GLU CA    C      sing N N 168 
GLU CA    CB     sing N N 169 
GLU CA    HA     sing N N 170 
GLU C     O      doub N N 171 
GLU C     OXT    sing N N 172 
GLU CB    CG     sing N N 173 
GLU CB    HB2    sing N N 174 
GLU CB    HB3    sing N N 175 
GLU CG    CD     sing N N 176 
GLU CG    HG2    sing N N 177 
GLU CG    HG3    sing N N 178 
GLU CD    OE1    doub N N 179 
GLU CD    OE2    sing N N 180 
GLU OE2   HE2    sing N N 181 
GLU OXT   HXT    sing N N 182 
GLY N     CA     sing N N 183 
GLY N     H      sing N N 184 
GLY N     H2     sing N N 185 
GLY CA    C      sing N N 186 
GLY CA    HA2    sing N N 187 
GLY CA    HA3    sing N N 188 
GLY C     O      doub N N 189 
GLY C     OXT    sing N N 190 
GLY OXT   HXT    sing N N 191 
HIS N     CA     sing N N 192 
HIS N     H      sing N N 193 
HIS N     H2     sing N N 194 
HIS CA    C      sing N N 195 
HIS CA    CB     sing N N 196 
HIS CA    HA     sing N N 197 
HIS C     O      doub N N 198 
HIS C     OXT    sing N N 199 
HIS CB    CG     sing N N 200 
HIS CB    HB2    sing N N 201 
HIS CB    HB3    sing N N 202 
HIS CG    ND1    sing Y N 203 
HIS CG    CD2    doub Y N 204 
HIS ND1   CE1    doub Y N 205 
HIS ND1   HD1    sing N N 206 
HIS CD2   NE2    sing Y N 207 
HIS CD2   HD2    sing N N 208 
HIS CE1   NE2    sing Y N 209 
HIS CE1   HE1    sing N N 210 
HIS NE2   HE2    sing N N 211 
HIS OXT   HXT    sing N N 212 
HOH O     H1     sing N N 213 
HOH O     H2     sing N N 214 
ILE N     CA     sing N N 215 
ILE N     H      sing N N 216 
ILE N     H2     sing N N 217 
ILE CA    C      sing N N 218 
ILE CA    CB     sing N N 219 
ILE CA    HA     sing N N 220 
ILE C     O      doub N N 221 
ILE C     OXT    sing N N 222 
ILE CB    CG1    sing N N 223 
ILE CB    CG2    sing N N 224 
ILE CB    HB     sing N N 225 
ILE CG1   CD1    sing N N 226 
ILE CG1   HG12   sing N N 227 
ILE CG1   HG13   sing N N 228 
ILE CG2   HG21   sing N N 229 
ILE CG2   HG22   sing N N 230 
ILE CG2   HG23   sing N N 231 
ILE CD1   HD11   sing N N 232 
ILE CD1   HD12   sing N N 233 
ILE CD1   HD13   sing N N 234 
ILE OXT   HXT    sing N N 235 
LEU N     CA     sing N N 236 
LEU N     H      sing N N 237 
LEU N     H2     sing N N 238 
LEU CA    C      sing N N 239 
LEU CA    CB     sing N N 240 
LEU CA    HA     sing N N 241 
LEU C     O      doub N N 242 
LEU C     OXT    sing N N 243 
LEU CB    CG     sing N N 244 
LEU CB    HB2    sing N N 245 
LEU CB    HB3    sing N N 246 
LEU CG    CD1    sing N N 247 
LEU CG    CD2    sing N N 248 
LEU CG    HG     sing N N 249 
LEU CD1   HD11   sing N N 250 
LEU CD1   HD12   sing N N 251 
LEU CD1   HD13   sing N N 252 
LEU CD2   HD21   sing N N 253 
LEU CD2   HD22   sing N N 254 
LEU CD2   HD23   sing N N 255 
LEU OXT   HXT    sing N N 256 
LYS N     CA     sing N N 257 
LYS N     H      sing N N 258 
LYS N     H2     sing N N 259 
LYS CA    C      sing N N 260 
LYS CA    CB     sing N N 261 
LYS CA    HA     sing N N 262 
LYS C     O      doub N N 263 
LYS C     OXT    sing N N 264 
LYS CB    CG     sing N N 265 
LYS CB    HB2    sing N N 266 
LYS CB    HB3    sing N N 267 
LYS CG    CD     sing N N 268 
LYS CG    HG2    sing N N 269 
LYS CG    HG3    sing N N 270 
LYS CD    CE     sing N N 271 
LYS CD    HD2    sing N N 272 
LYS CD    HD3    sing N N 273 
LYS CE    NZ     sing N N 274 
LYS CE    HE2    sing N N 275 
LYS CE    HE3    sing N N 276 
LYS NZ    HZ1    sing N N 277 
LYS NZ    HZ2    sing N N 278 
LYS NZ    HZ3    sing N N 279 
LYS OXT   HXT    sing N N 280 
PHE N     CA     sing N N 281 
PHE N     H      sing N N 282 
PHE N     H2     sing N N 283 
PHE CA    C      sing N N 284 
PHE CA    CB     sing N N 285 
PHE CA    HA     sing N N 286 
PHE C     O      doub N N 287 
PHE C     OXT    sing N N 288 
PHE CB    CG     sing N N 289 
PHE CB    HB2    sing N N 290 
PHE CB    HB3    sing N N 291 
PHE CG    CD1    doub Y N 292 
PHE CG    CD2    sing Y N 293 
PHE CD1   CE1    sing Y N 294 
PHE CD1   HD1    sing N N 295 
PHE CD2   CE2    doub Y N 296 
PHE CD2   HD2    sing N N 297 
PHE CE1   CZ     doub Y N 298 
PHE CE1   HE1    sing N N 299 
PHE CE2   CZ     sing Y N 300 
PHE CE2   HE2    sing N N 301 
PHE CZ    HZ     sing N N 302 
PHE OXT   HXT    sing N N 303 
PRO N     CA     sing N N 304 
PRO N     CD     sing N N 305 
PRO N     H      sing N N 306 
PRO CA    C      sing N N 307 
PRO CA    CB     sing N N 308 
PRO CA    HA     sing N N 309 
PRO C     O      doub N N 310 
PRO C     OXT    sing N N 311 
PRO CB    CG     sing N N 312 
PRO CB    HB2    sing N N 313 
PRO CB    HB3    sing N N 314 
PRO CG    CD     sing N N 315 
PRO CG    HG2    sing N N 316 
PRO CG    HG3    sing N N 317 
PRO CD    HD2    sing N N 318 
PRO CD    HD3    sing N N 319 
PRO OXT   HXT    sing N N 320 
SER N     CA     sing N N 321 
SER N     H      sing N N 322 
SER N     H2     sing N N 323 
SER CA    C      sing N N 324 
SER CA    CB     sing N N 325 
SER CA    HA     sing N N 326 
SER C     O      doub N N 327 
SER C     OXT    sing N N 328 
SER CB    OG     sing N N 329 
SER CB    HB2    sing N N 330 
SER CB    HB3    sing N N 331 
SER OG    HG     sing N N 332 
SER OXT   HXT    sing N N 333 
THR N     CA     sing N N 334 
THR N     H      sing N N 335 
THR N     H2     sing N N 336 
THR CA    C      sing N N 337 
THR CA    CB     sing N N 338 
THR CA    HA     sing N N 339 
THR C     O      doub N N 340 
THR C     OXT    sing N N 341 
THR CB    OG1    sing N N 342 
THR CB    CG2    sing N N 343 
THR CB    HB     sing N N 344 
THR OG1   HG1    sing N N 345 
THR CG2   HG21   sing N N 346 
THR CG2   HG22   sing N N 347 
THR CG2   HG23   sing N N 348 
THR OXT   HXT    sing N N 349 
TRP N     CA     sing N N 350 
TRP N     H      sing N N 351 
TRP N     H2     sing N N 352 
TRP CA    C      sing N N 353 
TRP CA    CB     sing N N 354 
TRP CA    HA     sing N N 355 
TRP C     O      doub N N 356 
TRP C     OXT    sing N N 357 
TRP CB    CG     sing N N 358 
TRP CB    HB2    sing N N 359 
TRP CB    HB3    sing N N 360 
TRP CG    CD1    doub Y N 361 
TRP CG    CD2    sing Y N 362 
TRP CD1   NE1    sing Y N 363 
TRP CD1   HD1    sing N N 364 
TRP CD2   CE2    doub Y N 365 
TRP CD2   CE3    sing Y N 366 
TRP NE1   CE2    sing Y N 367 
TRP NE1   HE1    sing N N 368 
TRP CE2   CZ2    sing Y N 369 
TRP CE3   CZ3    doub Y N 370 
TRP CE3   HE3    sing N N 371 
TRP CZ2   CH2    doub Y N 372 
TRP CZ2   HZ2    sing N N 373 
TRP CZ3   CH2    sing Y N 374 
TRP CZ3   HZ3    sing N N 375 
TRP CH2   HH2    sing N N 376 
TRP OXT   HXT    sing N N 377 
TYR N     CA     sing N N 378 
TYR N     H      sing N N 379 
TYR N     H2     sing N N 380 
TYR CA    C      sing N N 381 
TYR CA    CB     sing N N 382 
TYR CA    HA     sing N N 383 
TYR C     O      doub N N 384 
TYR C     OXT    sing N N 385 
TYR CB    CG     sing N N 386 
TYR CB    HB2    sing N N 387 
TYR CB    HB3    sing N N 388 
TYR CG    CD1    doub Y N 389 
TYR CG    CD2    sing Y N 390 
TYR CD1   CE1    sing Y N 391 
TYR CD1   HD1    sing N N 392 
TYR CD2   CE2    doub Y N 393 
TYR CD2   HD2    sing N N 394 
TYR CE1   CZ     doub Y N 395 
TYR CE1   HE1    sing N N 396 
TYR CE2   CZ     sing Y N 397 
TYR CE2   HE2    sing N N 398 
TYR CZ    OH     sing N N 399 
TYR OH    HH     sing N N 400 
TYR OXT   HXT    sing N N 401 
U   OP3   P      sing N N 402 
U   OP3   HOP3   sing N N 403 
U   P     OP1    doub N N 404 
U   P     OP2    sing N N 405 
U   P     "O5'"  sing N N 406 
U   OP2   HOP2   sing N N 407 
U   "O5'" "C5'"  sing N N 408 
U   "C5'" "C4'"  sing N N 409 
U   "C5'" "H5'"  sing N N 410 
U   "C5'" "H5''" sing N N 411 
U   "C4'" "O4'"  sing N N 412 
U   "C4'" "C3'"  sing N N 413 
U   "C4'" "H4'"  sing N N 414 
U   "O4'" "C1'"  sing N N 415 
U   "C3'" "O3'"  sing N N 416 
U   "C3'" "C2'"  sing N N 417 
U   "C3'" "H3'"  sing N N 418 
U   "O3'" "HO3'" sing N N 419 
U   "C2'" "O2'"  sing N N 420 
U   "C2'" "C1'"  sing N N 421 
U   "C2'" "H2'"  sing N N 422 
U   "O2'" "HO2'" sing N N 423 
U   "C1'" N1     sing N N 424 
U   "C1'" "H1'"  sing N N 425 
U   N1    C2     sing N N 426 
U   N1    C6     sing N N 427 
U   C2    O2     doub N N 428 
U   C2    N3     sing N N 429 
U   N3    C4     sing N N 430 
U   N3    H3     sing N N 431 
U   C4    O4     doub N N 432 
U   C4    C5     sing N N 433 
U   C5    C6     doub N N 434 
U   C5    H5     sing N N 435 
U   C6    H6     sing N N 436 
VAL N     CA     sing N N 437 
VAL N     H      sing N N 438 
VAL N     H2     sing N N 439 
VAL CA    C      sing N N 440 
VAL CA    CB     sing N N 441 
VAL CA    HA     sing N N 442 
VAL C     O      doub N N 443 
VAL C     OXT    sing N N 444 
VAL CB    CG1    sing N N 445 
VAL CB    CG2    sing N N 446 
VAL CB    HB     sing N N 447 
VAL CG1   HG11   sing N N 448 
VAL CG1   HG12   sing N N 449 
VAL CG1   HG13   sing N N 450 
VAL CG2   HG21   sing N N 451 
VAL CG2   HG22   sing N N 452 
VAL CG2   HG23   sing N N 453 
VAL OXT   HXT    sing N N 454 
# 
_atom_sites.entry_id                    6KUG 
_atom_sites.Cartn_transf_matrix[1][1]   ? 
_atom_sites.Cartn_transf_matrix[1][2]   ? 
_atom_sites.Cartn_transf_matrix[1][3]   ? 
_atom_sites.Cartn_transf_matrix[2][1]   ? 
_atom_sites.Cartn_transf_matrix[2][2]   ? 
_atom_sites.Cartn_transf_matrix[2][3]   ? 
_atom_sites.Cartn_transf_matrix[3][1]   ? 
_atom_sites.Cartn_transf_matrix[3][2]   ? 
_atom_sites.Cartn_transf_matrix[3][3]   ? 
_atom_sites.Cartn_transf_vector[1]      ? 
_atom_sites.Cartn_transf_vector[2]      ? 
_atom_sites.Cartn_transf_vector[3]      ? 
_atom_sites.fract_transf_matrix[1][1]   -0.00845005 
_atom_sites.fract_transf_matrix[1][2]   0.00427420 
_atom_sites.fract_transf_matrix[1][3]   -0.01456293 
_atom_sites.fract_transf_matrix[2][1]   -0.00313697 
_atom_sites.fract_transf_matrix[2][2]   0.01669314 
_atom_sites.fract_transf_matrix[2][3]   -0.00364005 
_atom_sites.fract_transf_matrix[3][1]   0.02528377 
_atom_sites.fract_transf_matrix[3][2]   0.00165841 
_atom_sites.fract_transf_matrix[3][3]   -0.01418401 
_atom_sites.fract_transf_vector[1]      -0.146885 
_atom_sites.fract_transf_vector[2]      -0.425011 
_atom_sites.fract_transf_vector[3]      0.118256 
_atom_sites.solution_primary            ? 
_atom_sites.solution_secondary          ? 
_atom_sites.solution_hydrogens          ? 
_atom_sites.special_details             ? 
# 
loop_
_atom_type.symbol 
C 
N 
O 
P 
# 
loop_
_atom_site.group_PDB 
_atom_site.id 
_atom_site.type_symbol 
_atom_site.label_atom_id 
_atom_site.label_alt_id 
_atom_site.label_comp_id 
_atom_site.label_asym_id 
_atom_site.label_entity_id 
_atom_site.label_seq_id 
_atom_site.pdbx_PDB_ins_code 
_atom_site.Cartn_x 
_atom_site.Cartn_y 
_atom_site.Cartn_z 
_atom_site.occupancy 
_atom_site.B_iso_or_equiv 
_atom_site.pdbx_formal_charge 
_atom_site.auth_seq_id 
_atom_site.auth_comp_id 
_atom_site.auth_asym_id 
_atom_site.auth_atom_id 
_atom_site.pdbx_PDB_model_num 
ATOM   1   N N     . LYS A 1 2  ? 4.001   14.595  3.595   1.00 56.67 ? 52  LYS A N     1 
ATOM   2   C CA    . LYS A 1 2  ? 3.161   13.688  4.374   1.00 52.43 ? 52  LYS A CA    1 
ATOM   3   C C     . LYS A 1 2  ? 3.957   13.027  5.494   1.00 44.86 ? 52  LYS A C     1 
ATOM   4   O O     . LYS A 1 2  ? 5.034   12.472  5.264   1.00 42.78 ? 52  LYS A O     1 
ATOM   5   C CB    . LYS A 1 2  ? 2.518   12.638  3.462   1.00 48.46 ? 52  LYS A CB    1 
ATOM   6   C CG    . LYS A 1 2  ? 2.316   13.116  2.033   1.00 48.21 ? 52  LYS A CG    1 
ATOM   7   C CD    . LYS A 1 2  ? 1.827   11.998  1.124   1.00 50.91 ? 52  LYS A CD    1 
ATOM   8   C CE    . LYS A 1 2  ? 1.458   12.544  -0.251  1.00 57.12 ? 52  LYS A CE    1 
ATOM   9   N NZ    . LYS A 1 2  ? 2.331   13.698  -0.623  1.00 57.59 ? 52  LYS A NZ    1 
ATOM   10  N N     . LYS A 1 3  ? 3.411   13.085  6.706   1.00 44.78 ? 53  LYS A N     1 
ATOM   11  C CA    . LYS A 1 3  ? 4.109   12.565  7.875   1.00 37.55 ? 53  LYS A CA    1 
ATOM   12  C C     . LYS A 1 3  ? 4.157   11.043  7.835   1.00 31.93 ? 53  LYS A C     1 
ATOM   13  O O     . LYS A 1 3  ? 3.155   10.381  7.550   1.00 33.39 ? 53  LYS A O     1 
ATOM   14  C CB    . LYS A 1 3  ? 3.406   13.020  9.155   1.00 37.09 ? 53  LYS A CB    1 
ATOM   15  C CG    . LYS A 1 3  ? 3.628   14.483  9.505   1.00 45.07 ? 53  LYS A CG    1 
ATOM   16  C CD    . LYS A 1 3  ? 3.500   14.727  11.002  1.00 48.66 ? 53  LYS A CD    1 
ATOM   17  C CE    . LYS A 1 3  ? 3.159   16.176  11.311  1.00 55.41 ? 53  LYS A CE    1 
ATOM   18  N NZ    . LYS A 1 3  ? 3.379   16.503  12.750  1.00 56.88 ? 53  LYS A NZ    1 
ATOM   19  N N     . VAL A 1 4  ? 5.324   10.487  8.126   1.00 29.93 ? 54  VAL A N     1 
ATOM   20  C CA    . VAL A 1 4  ? 5.466   9.041   8.218   1.00 29.61 ? 54  VAL A CA    1 
ATOM   21  C C     . VAL A 1 4  ? 4.945   8.581   9.573   1.00 24.79 ? 54  VAL A C     1 
ATOM   22  O O     . VAL A 1 4  ? 5.389   9.063   10.617  1.00 26.74 ? 54  VAL A O     1 
ATOM   23  C CB    . VAL A 1 4  ? 6.931   8.631   8.016   1.00 29.31 ? 54  VAL A CB    1 
ATOM   24  C CG1   . VAL A 1 4  ? 7.076   7.126   8.108   1.00 26.66 ? 54  VAL A CG1   1 
ATOM   25  C CG2   . VAL A 1 4  ? 7.447   9.158   6.684   1.00 28.75 ? 54  VAL A CG2   1 
ATOM   26  N N     . ILE A 1 5  ? 4.020   7.628   9.560   1.00 23.72 ? 55  ILE A N     1 
ATOM   27  C CA    . ILE A 1 5  ? 3.423   7.095   10.779  1.00 23.91 ? 55  ILE A CA    1 
ATOM   28  C C     . ILE A 1 5  ? 4.059   5.771   11.189  1.00 23.30 ? 55  ILE A C     1 
ATOM   29  O O     . ILE A 1 5  ? 4.253   5.509   12.379  1.00 27.44 ? 55  ILE A O     1 
ATOM   30  C CB    . ILE A 1 5  ? 1.896   6.964   10.586  1.00 28.43 ? 55  ILE A CB    1 
ATOM   31  C CG1   . ILE A 1 5  ? 1.247   8.345   10.475  1.00 31.52 ? 55  ILE A CG1   1 
ATOM   32  C CG2   . ILE A 1 5  ? 1.271   6.161   11.709  1.00 27.91 ? 55  ILE A CG2   1 
ATOM   33  C CD1   . ILE A 1 5  ? -0.041  8.342   9.666   1.00 32.31 ? 55  ILE A CD1   1 
ATOM   34  N N     . ALA A 1 6  ? 4.398   4.933   10.213  1.00 23.14 ? 56  ALA A N     1 
ATOM   35  C CA    . ALA A 1 6  ? 4.977   3.619   10.451  1.00 21.53 ? 56  ALA A CA    1 
ATOM   36  C C     . ALA A 1 6  ? 5.854   3.259   9.262   1.00 20.75 ? 56  ALA A C     1 
ATOM   37  O O     . ALA A 1 6  ? 5.570   3.659   8.129   1.00 22.90 ? 56  ALA A O     1 
ATOM   38  C CB    . ALA A 1 6  ? 3.881   2.560   10.641  1.00 22.79 ? 56  ALA A CB    1 
ATOM   39  N N     . THR A 1 7  ? 6.925   2.499   9.513   1.00 22.16 ? 57  THR A N     1 
ATOM   40  C CA    . THR A 1 7  ? 7.776   2.013   8.428   1.00 22.12 ? 57  THR A CA    1 
ATOM   41  C C     . THR A 1 7  ? 7.904   0.496   8.474   1.00 22.96 ? 57  THR A C     1 
ATOM   42  O O     . THR A 1 7  ? 7.704   -0.139  9.512   1.00 23.14 ? 57  THR A O     1 
ATOM   43  C CB    . THR A 1 7  ? 9.184   2.638   8.430   1.00 26.41 ? 57  THR A CB    1 
ATOM   44  O OG1   . THR A 1 7  ? 9.889   2.252   9.619   1.00 31.30 ? 57  THR A OG1   1 
ATOM   45  C CG2   . THR A 1 7  ? 9.110   4.157   8.340   1.00 34.13 ? 57  THR A CG2   1 
ATOM   46  N N     . LYS A 1 8  ? 8.256   -0.078  7.323   1.00 21.92 ? 58  LYS A N     1 
ATOM   47  C CA    . LYS A 1 8  ? 8.520   -1.512  7.213   1.00 25.86 ? 58  LYS A CA    1 
ATOM   48  C C     . LYS A 1 8  ? 7.318   -2.340  7.658   1.00 22.45 ? 58  LYS A C     1 
ATOM   49  O O     . LYS A 1 8  ? 7.459   -3.365  8.331   1.00 26.48 ? 58  LYS A O     1 
ATOM   50  C CB    . LYS A 1 8  ? 9.796   -1.923  7.954   1.00 29.36 ? 58  LYS A CB    1 
ATOM   51  C CG    . LYS A 1 8  ? 11.041  -1.182  7.491   1.00 34.88 ? 58  LYS A CG    1 
ATOM   52  C CD    . LYS A 1 8  ? 12.272  -1.627  8.266   1.00 41.76 ? 58  LYS A CD    1 
ATOM   53  C CE    . LYS A 1 8  ? 13.244  -0.478  8.469   1.00 49.18 ? 58  LYS A CE    1 
ATOM   54  N NZ    . LYS A 1 8  ? 14.616  -0.829  8.010   1.00 52.31 ? 58  LYS A NZ    1 
ATOM   55  N N     . VAL A 1 9  ? 6.131   -1.890  7.272   1.00 19.40 ? 59  VAL A N     1 
ATOM   56  C CA    . VAL A 1 9  ? 4.885   -2.578  7.576   1.00 20.04 ? 59  VAL A CA    1 
ATOM   57  C C     . VAL A 1 9  ? 4.641   -3.629  6.502   1.00 19.20 ? 59  VAL A C     1 
ATOM   58  O O     . VAL A 1 9  ? 4.796   -3.360  5.303   1.00 20.66 ? 59  VAL A O     1 
ATOM   59  C CB    . VAL A 1 9  ? 3.719   -1.574  7.627   1.00 20.67 ? 59  VAL A CB    1 
ATOM   60  C CG1   . VAL A 1 9  ? 2.411   -2.274  7.959   1.00 21.33 ? 59  VAL A CG1   1 
ATOM   61  C CG2   . VAL A 1 9  ? 4.011   -0.473  8.655   1.00 24.59 ? 59  VAL A CG2   1 
ATOM   62  N N     . LEU A 1 10 ? 4.255   -4.826  6.925   1.00 20.99 ? 60  LEU A N     1 
ATOM   63  C CA    . LEU A 1 10 ? 3.866   -5.892  6.011   1.00 20.16 ? 60  LEU A CA    1 
ATOM   64  C C     . LEU A 1 10 ? 2.347   -5.942  5.894   1.00 19.49 ? 60  LEU A C     1 
ATOM   65  O O     . LEU A 1 10 ? 1.627   -5.717  6.872   1.00 20.84 ? 60  LEU A O     1 
ATOM   66  C CB    . LEU A 1 10 ? 4.400   -7.233  6.504   1.00 21.49 ? 60  LEU A CB    1 
ATOM   67  C CG    . LEU A 1 10 ? 5.919   -7.376  6.427   1.00 23.42 ? 60  LEU A CG    1 
ATOM   68  C CD1   . LEU A 1 10 ? 6.352   -8.600  7.217   1.00 26.57 ? 60  LEU A CD1   1 
ATOM   69  C CD2   . LEU A 1 10 ? 6.408   -7.444  4.988   1.00 26.93 ? 60  LEU A CD2   1 
ATOM   70  N N     . GLY A 1 11 ? 1.863   -6.223  4.688   1.00 18.20 ? 61  GLY A N     1 
ATOM   71  C CA    . GLY A 1 11 ? 0.430   -6.353  4.499   1.00 18.92 ? 61  GLY A CA    1 
ATOM   72  C C     . GLY A 1 11 ? 0.126   -7.208  3.294   1.00 17.22 ? 61  GLY A C     1 
ATOM   73  O O     . GLY A 1 11 ? 1.014   -7.596  2.533   1.00 20.82 ? 61  GLY A O     1 
ATOM   74  N N     . THR A 1 12 ? -1.157  -7.511  3.140   1.00 18.61 ? 62  THR A N     1 
ATOM   75  C CA    . THR A 1 12 ? -1.653  -8.325  2.036   1.00 20.37 ? 62  THR A CA    1 
ATOM   76  C C     . THR A 1 12 ? -2.554  -7.461  1.162   1.00 19.34 ? 62  THR A C     1 
ATOM   77  O O     . THR A 1 12 ? -3.432  -6.775  1.676   1.00 20.19 ? 62  THR A O     1 
ATOM   78  C CB    . THR A 1 12 ? -2.453  -9.514  2.570   1.00 27.04 ? 62  THR A CB    1 
ATOM   79  O OG1   . THR A 1 12 ? -1.629  -10.264 3.475   1.00 34.22 ? 62  THR A OG1   1 
ATOM   80  C CG2   . THR A 1 12 ? -2.867  -10.416 1.438   1.00 35.18 ? 62  THR A CG2   1 
ATOM   81  N N     . VAL A 1 13 ? -2.343  -7.495  -0.153  1.00 18.23 ? 63  VAL A N     1 
ATOM   82  C CA    . VAL A 1 13 ? -3.156  -6.674  -1.052  1.00 16.11 ? 63  VAL A CA    1 
ATOM   83  C C     . VAL A 1 13 ? -4.574  -7.235  -1.080  1.00 17.79 ? 63  VAL A C     1 
ATOM   84  O O     . VAL A 1 13 ? -4.782  -8.401  -1.439  1.00 20.77 ? 63  VAL A O     1 
ATOM   85  C CB    . VAL A 1 13 ? -2.548  -6.634  -2.461  1.00 18.22 ? 63  VAL A CB    1 
ATOM   86  C CG1   . VAL A 1 13 ? -3.440  -5.833  -3.407  1.00 17.17 ? 63  VAL A CG1   1 
ATOM   87  C CG2   . VAL A 1 13 ? -1.130  -6.082  -2.430  1.00 18.82 ? 63  VAL A CG2   1 
ATOM   88  N N     . LYS A 1 14 ? -5.554  -6.421  -0.674  1.00 17.47 ? 64  LYS A N     1 
ATOM   89  C CA    . LYS A 1 14 ? -6.948  -6.838  -0.733  1.00 19.73 ? 64  LYS A CA    1 
ATOM   90  C C     . LYS A 1 14 ? -7.420  -6.832  -2.179  1.00 18.74 ? 64  LYS A C     1 
ATOM   91  O O     . LYS A 1 14 ? -7.869  -7.855  -2.716  1.00 21.33 ? 64  LYS A O     1 
ATOM   92  C CB    . LYS A 1 14 ? -7.793  -5.894  0.135   1.00 22.20 ? 64  LYS A CB    1 
ATOM   93  C CG    . LYS A 1 14 ? -9.214  -6.366  0.359   1.00 29.56 ? 64  LYS A CG    1 
ATOM   94  C CD    . LYS A 1 14 ? -9.906  -5.584  1.460   1.00 40.57 ? 64  LYS A CD    1 
ATOM   95  C CE    . LYS A 1 14 ? -10.746 -4.452  0.894   1.00 43.22 ? 64  LYS A CE    1 
ATOM   96  N NZ    . LYS A 1 14 ? -11.634 -3.845  1.921   1.00 44.54 ? 64  LYS A NZ    1 
ATOM   97  N N     . TRP A 1 15 ? -7.290  -5.690  -2.839  1.00 18.90 ? 65  TRP A N     1 
ATOM   98  C CA    . TRP A 1 15 ? -7.496  -5.610  -4.276  1.00 18.74 ? 65  TRP A CA    1 
ATOM   99  C C     . TRP A 1 15 ? -6.763  -4.383  -4.768  1.00 17.80 ? 65  TRP A C     1 
ATOM   100 O O     . TRP A 1 15 ? -6.501  -3.448  -4.007  1.00 18.45 ? 65  TRP A O     1 
ATOM   101 C CB    . TRP A 1 15 ? -8.980  -5.573  -4.663  1.00 20.81 ? 65  TRP A CB    1 
ATOM   102 C CG    . TRP A 1 15 ? -9.805  -4.479  -4.017  1.00 21.97 ? 65  TRP A CG    1 
ATOM   103 C CD1   . TRP A 1 15 ? -10.529 -4.569  -2.858  1.00 26.96 ? 65  TRP A CD1   1 
ATOM   104 C CD2   . TRP A 1 15 ? -10.019 -3.150  -4.517  1.00 21.68 ? 65  TRP A CD2   1 
ATOM   105 N NE1   . TRP A 1 15 ? -11.168 -3.375  -2.603  1.00 28.45 ? 65  TRP A NE1   1 
ATOM   106 C CE2   . TRP A 1 15 ? -10.876 -2.492  -3.608  1.00 24.42 ? 65  TRP A CE2   1 
ATOM   107 C CE3   . TRP A 1 15 ? -9.563  -2.454  -5.640  1.00 23.10 ? 65  TRP A CE3   1 
ATOM   108 C CZ2   . TRP A 1 15 ? -11.289 -1.167  -3.795  1.00 25.54 ? 65  TRP A CZ2   1 
ATOM   109 C CZ3   . TRP A 1 15 ? -9.980  -1.136  -5.829  1.00 23.64 ? 65  TRP A CZ3   1 
ATOM   110 C CH2   . TRP A 1 15 ? -10.830 -0.509  -4.908  1.00 25.95 ? 65  TRP A CH2   1 
ATOM   111 N N     . PHE A 1 16 ? -6.417  -4.396  -6.050  1.00 17.68 ? 66  PHE A N     1 
ATOM   112 C CA    . PHE A 1 16 ? -5.810  -3.239  -6.689  1.00 17.28 ? 66  PHE A CA    1 
ATOM   113 C C     . PHE A 1 16 ? -6.372  -3.161  -8.091  1.00 18.00 ? 66  PHE A C     1 
ATOM   114 O O     . PHE A 1 16 ? -6.267  -4.126  -8.855  1.00 19.73 ? 66  PHE A O     1 
ATOM   115 C CB    . PHE A 1 16 ? -4.283  -3.333  -6.734  1.00 18.16 ? 66  PHE A CB    1 
ATOM   116 C CG    . PHE A 1 16 ? -3.640  -2.108  -7.311  1.00 17.18 ? 66  PHE A CG    1 
ATOM   117 C CD1   . PHE A 1 16 ? -3.294  -2.058  -8.650  1.00 20.26 ? 66  PHE A CD1   1 
ATOM   118 C CD2   . PHE A 1 16 ? -3.425  -0.990  -6.519  1.00 20.92 ? 66  PHE A CD2   1 
ATOM   119 C CE1   . PHE A 1 16 ? -2.744  -0.907  -9.197  1.00 20.78 ? 66  PHE A CE1   1 
ATOM   120 C CE2   . PHE A 1 16 ? -2.871  0.154   -7.056  1.00 22.48 ? 66  PHE A CE2   1 
ATOM   121 C CZ    . PHE A 1 16 ? -2.524  0.189   -8.393  1.00 22.12 ? 66  PHE A CZ    1 
ATOM   122 N N     . ASN A 1 17 ? -6.979  -2.036  -8.421  1.00 17.09 ? 67  ASN A N     1 
ATOM   123 C CA    . ASN A 1 17 ? -7.675  -1.887  -9.691  1.00 18.83 ? 67  ASN A CA    1 
ATOM   124 C C     . ASN A 1 17 ? -6.825  -1.019  -10.611 1.00 19.77 ? 67  ASN A C     1 
ATOM   125 O O     . ASN A 1 17 ? -6.585  0.157   -10.322 1.00 19.22 ? 67  ASN A O     1 
ATOM   126 C CB    . ASN A 1 17 ? -9.059  -1.285  -9.468  1.00 20.32 ? 67  ASN A CB    1 
ATOM   127 C CG    . ASN A 1 17 ? -9.895  -1.290  -10.720 1.00 20.82 ? 67  ASN A CG    1 
ATOM   128 O OD1   . ASN A 1 17 ? -9.558  -0.616  -11.683 1.00 22.76 ? 67  ASN A OD1   1 
ATOM   129 N ND2   . ASN A 1 17 ? -10.970 -2.071  -10.728 1.00 24.62 ? 67  ASN A ND2   1 
ATOM   130 N N     . VAL A 1 18 ? -6.369  -1.598  -11.719 1.00 18.21 ? 68  VAL A N     1 
ATOM   131 C CA    . VAL A 1 18 ? -5.470  -0.875  -12.610 1.00 19.76 ? 68  VAL A CA    1 
ATOM   132 C C     . VAL A 1 18 ? -6.196  0.171   -13.446 1.00 20.48 ? 68  VAL A C     1 
ATOM   133 O O     . VAL A 1 18 ? -5.560  1.105   -13.955 1.00 23.86 ? 68  VAL A O     1 
ATOM   134 C CB    . VAL A 1 18 ? -4.657  -1.853  -13.476 1.00 23.22 ? 68  VAL A CB    1 
ATOM   135 C CG1   . VAL A 1 18 ? -3.878  -2.834  -12.585 1.00 25.07 ? 68  VAL A CG1   1 
ATOM   136 C CG2   . VAL A 1 18 ? -5.572  -2.589  -14.466 1.00 23.48 ? 68  VAL A CG2   1 
ATOM   137 N N     . ARG A 1 19 ? -7.515  0.033   -13.619 1.00 19.15 ? 69  ARG A N     1 
ATOM   138 C CA    . ARG A 1 19 ? -8.277  1.045   -14.341 1.00 20.79 ? 69  ARG A CA    1 
ATOM   139 C C     . ARG A 1 19 ? -8.417  2.314   -13.510 1.00 21.22 ? 69  ARG A C     1 
ATOM   140 O O     . ARG A 1 19 ? -8.203  3.422   -14.015 1.00 24.05 ? 69  ARG A O     1 
ATOM   141 C CB    . ARG A 1 19 ? -9.645  0.483   -14.739 1.00 23.81 ? 69  ARG A CB    1 
ATOM   142 C CG    . ARG A 1 19 ? -10.601 1.507   -15.311 1.00 29.76 ? 69  ARG A CG    1 
ATOM   143 C CD    . ARG A 1 19 ? -11.963 0.884   -15.591 1.00 40.76 ? 69  ARG A CD    1 
ATOM   144 N NE    . ARG A 1 19 ? -12.570 0.335   -14.378 1.00 56.07 ? 69  ARG A NE    1 
ATOM   145 C CZ    . ARG A 1 19 ? -13.211 -0.830  -14.319 1.00 61.36 ? 69  ARG A CZ    1 
ATOM   146 N NH1   . ARG A 1 19 ? -13.725 -1.249  -13.168 1.00 64.19 ? 69  ARG A NH1   1 
ATOM   147 N NH2   . ARG A 1 19 ? -13.339 -1.581  -15.408 1.00 60.73 ? 69  ARG A NH2   1 
ATOM   148 N N     . ASN A 1 20 ? -8.722  2.170   -12.223 1.00 20.93 ? 70  ASN A N     1 
ATOM   149 C CA    . ASN A 1 20 ? -8.902  3.322   -11.351 1.00 23.19 ? 70  ASN A CA    1 
ATOM   150 C C     . ASN A 1 20 ? -7.609  3.798   -10.714 1.00 21.87 ? 70  ASN A C     1 
ATOM   151 O O     . ASN A 1 20 ? -7.553  4.940   -10.236 1.00 26.26 ? 70  ASN A O     1 
ATOM   152 C CB    . ASN A 1 20 ? -9.960  3.026   -10.291 1.00 30.53 ? 70  ASN A CB    1 
ATOM   153 C CG    . ASN A 1 20 ? -11.331 2.848   -10.897 1.00 44.19 ? 70  ASN A CG    1 
ATOM   154 O OD1   . ASN A 1 20 ? -12.075 1.952   -10.522 1.00 47.35 ? 70  ASN A OD1   1 
ATOM   155 N ND2   . ASN A 1 20 ? -11.663 3.696   -11.866 1.00 44.18 ? 70  ASN A ND2   1 
ATOM   156 N N     . GLY A 1 21 ? -6.578  2.958   -10.703 1.00 19.66 ? 71  GLY A N     1 
ATOM   157 C CA    . GLY A 1 21 ? -5.286  3.372   -10.192 1.00 21.00 ? 71  GLY A CA    1 
ATOM   158 C C     . GLY A 1 21 ? -5.139  3.348   -8.694  1.00 19.80 ? 71  GLY A C     1 
ATOM   159 O O     . GLY A 1 21 ? -4.271  4.048   -8.168  1.00 21.32 ? 71  GLY A O     1 
ATOM   160 N N     . TYR A 1 22 ? -5.950  2.567   -7.984  1.00 18.87 ? 72  TYR A N     1 
ATOM   161 C CA    . TYR A 1 22 ? -5.812  2.484   -6.539  1.00 18.73 ? 72  TYR A CA    1 
ATOM   162 C C     . TYR A 1 22 ? -6.352  1.151   -6.038  1.00 18.61 ? 72  TYR A C     1 
ATOM   163 O O     . TYR A 1 22 ? -6.981  0.388   -6.770  1.00 18.77 ? 72  TYR A O     1 
ATOM   164 C CB    . TYR A 1 22 ? -6.501  3.663   -5.835  1.00 22.19 ? 72  TYR A CB    1 
ATOM   165 C CG    . TYR A 1 22 ? -8.006  3.535   -5.702  1.00 23.49 ? 72  TYR A CG    1 
ATOM   166 C CD1   . TYR A 1 22 ? -8.855  4.000   -6.699  1.00 27.65 ? 72  TYR A CD1   1 
ATOM   167 C CD2   . TYR A 1 22 ? -8.580  2.982   -4.563  1.00 26.85 ? 72  TYR A CD2   1 
ATOM   168 C CE1   . TYR A 1 22 ? -10.229 3.896   -6.571  1.00 28.42 ? 72  TYR A CE1   1 
ATOM   169 C CE2   . TYR A 1 22 ? -9.951  2.870   -4.435  1.00 30.17 ? 72  TYR A CE2   1 
ATOM   170 C CZ    . TYR A 1 22 ? -10.770 3.329   -5.437  1.00 31.04 ? 72  TYR A CZ    1 
ATOM   171 O OH    . TYR A 1 22 ? -12.137 3.219   -5.299  1.00 38.58 ? 72  TYR A OH    1 
ATOM   172 N N     . GLY A 1 23 ? -6.103  0.901   -4.760  1.00 18.09 ? 73  GLY A N     1 
ATOM   173 C CA    . GLY A 1 23 ? -6.603  -0.284  -4.103  1.00 17.88 ? 73  GLY A CA    1 
ATOM   174 C C     . GLY A 1 23 ? -6.413  -0.159  -2.607  1.00 17.30 ? 73  GLY A C     1 
ATOM   175 O O     . GLY A 1 23 ? -6.221  0.941   -2.080  1.00 18.65 ? 73  GLY A O     1 
ATOM   176 N N     . PHE A 1 24 ? -6.453  -1.304  -1.920  1.00 18.27 ? 74  PHE A N     1 
ATOM   177 C CA    . PHE A 1 24 ? -6.287  -1.341  -0.471  1.00 16.45 ? 74  PHE A CA    1 
ATOM   178 C C     . PHE A 1 24 ? -5.389  -2.498  -0.080  1.00 17.95 ? 74  PHE A C     1 
ATOM   179 O O     . PHE A 1 24 ? -5.446  -3.569  -0.688  1.00 18.66 ? 74  PHE A O     1 
ATOM   180 C CB    . PHE A 1 24 ? -7.640  -1.476  0.237   1.00 19.05 ? 74  PHE A CB    1 
ATOM   181 C CG    . PHE A 1 24 ? -8.496  -0.255  0.115   1.00 19.54 ? 74  PHE A CG    1 
ATOM   182 C CD1   . PHE A 1 24 ? -9.404  -0.133  -0.924  1.00 21.61 ? 74  PHE A CD1   1 
ATOM   183 C CD2   . PHE A 1 24 ? -8.373  0.792   1.014   1.00 22.88 ? 74  PHE A CD2   1 
ATOM   184 C CE1   . PHE A 1 24 ? -10.189 1.002   -1.051  1.00 25.33 ? 74  PHE A CE1   1 
ATOM   185 C CE2   . PHE A 1 24 ? -9.157  1.927   0.883   1.00 24.95 ? 74  PHE A CE2   1 
ATOM   186 C CZ    . PHE A 1 24 ? -10.060 2.027   -0.144  1.00 24.78 ? 74  PHE A CZ    1 
ATOM   187 N N     . ILE A 1 25 ? -4.557  -2.260  0.931   1.00 18.89 ? 75  ILE A N     1 
ATOM   188 C CA    . ILE A 1 25 ? -3.678  -3.262  1.520   1.00 17.94 ? 75  ILE A CA    1 
ATOM   189 C C     . ILE A 1 25 ? -4.136  -3.474  2.952   1.00 20.08 ? 75  ILE A C     1 
ATOM   190 O O     . ILE A 1 25 ? -4.290  -2.508  3.693   1.00 20.89 ? 75  ILE A O     1 
ATOM   191 C CB    . ILE A 1 25 ? -2.212  -2.788  1.521   1.00 16.87 ? 75  ILE A CB    1 
ATOM   192 C CG1   . ILE A 1 25 ? -1.725  -2.522  0.092   1.00 18.81 ? 75  ILE A CG1   1 
ATOM   193 C CG2   . ILE A 1 25 ? -1.331  -3.807  2.220   1.00 19.23 ? 75  ILE A CG2   1 
ATOM   194 C CD1   . ILE A 1 25 ? -0.446  -1.705  0.007   1.00 20.97 ? 75  ILE A CD1   1 
ATOM   195 N N     . ASN A 1 26 ? -4.332  -4.722  3.355   1.00 18.08 ? 76  ASN A N     1 
ATOM   196 C CA    . ASN A 1 26 ? -4.656  -5.010  4.746   1.00 19.54 ? 76  ASN A CA    1 
ATOM   197 C C     . ASN A 1 26 ? -3.366  -5.183  5.543   1.00 18.71 ? 76  ASN A C     1 
ATOM   198 O O     . ASN A 1 26 ? -2.579  -6.093  5.263   1.00 21.29 ? 76  ASN A O     1 
ATOM   199 C CB    . ASN A 1 26 ? -5.533  -6.258  4.858   1.00 21.44 ? 76  ASN A CB    1 
ATOM   200 C CG    . ASN A 1 26 ? -6.069  -6.442  6.265   1.00 23.54 ? 76  ASN A CG    1 
ATOM   201 O OD1   . ASN A 1 26 ? -5.551  -7.246  7.047   1.00 27.42 ? 76  ASN A OD1   1 
ATOM   202 N ND2   . ASN A 1 26 ? -7.090  -5.667  6.610   1.00 23.40 ? 76  ASN A ND2   1 
ATOM   203 N N     . ARG A 1 27 ? -3.154  -4.305  6.527   1.00 18.94 ? 77  ARG A N     1 
ATOM   204 C CA    . ARG A 1 27 ? -1.963  -4.371  7.371   1.00 19.25 ? 77  ARG A CA    1 
ATOM   205 C C     . ARG A 1 27 ? -1.956  -5.646  8.204   1.00 19.00 ? 77  ARG A C     1 
ATOM   206 O O     . ARG A 1 27 ? -2.942  -5.971  8.866   1.00 22.28 ? 77  ARG A O     1 
ATOM   207 C CB    . ARG A 1 27 ? -1.941  -3.176  8.320   1.00 20.44 ? 77  ARG A CB    1 
ATOM   208 C CG    . ARG A 1 27 ? -1.626  -1.860  7.660   1.00 21.61 ? 77  ARG A CG    1 
ATOM   209 C CD    . ARG A 1 27 ? -1.732  -0.719  8.673   1.00 19.95 ? 77  ARG A CD    1 
ATOM   210 N NE    . ARG A 1 27 ? -0.671  -0.815  9.677   1.00 21.90 ? 77  ARG A NE    1 
ATOM   211 C CZ    . ARG A 1 27 ? -0.275  0.184   10.454  1.00 25.89 ? 77  ARG A CZ    1 
ATOM   212 N NH1   . ARG A 1 27 ? -0.849  1.371   10.337  1.00 27.21 ? 77  ARG A NH1   1 
ATOM   213 N NH2   . ARG A 1 27 ? 0.700   -0.006  11.335  1.00 25.73 ? 77  ARG A NH2   1 
ATOM   214 N N     . ASN A 1 28 ? -0.825  -6.350  8.199   1.00 21.38 ? 78  ASN A N     1 
ATOM   215 C CA    . ASN A 1 28 ? -0.737  -7.580  8.976   1.00 24.50 ? 78  ASN A CA    1 
ATOM   216 C C     . ASN A 1 28 ? -0.647  -7.303  10.470  1.00 25.79 ? 78  ASN A C     1 
ATOM   217 O O     . ASN A 1 28 ? -1.090  -8.132  11.273  1.00 29.42 ? 78  ASN A O     1 
ATOM   218 C CB    . ASN A 1 28 ? 0.455   -8.419  8.515   1.00 25.25 ? 78  ASN A CB    1 
ATOM   219 C CG    . ASN A 1 28 ? 0.260   -9.002  7.135   1.00 22.67 ? 78  ASN A CG    1 
ATOM   220 O OD1   . ASN A 1 28 ? -0.812  -8.902  6.549   1.00 24.67 ? 78  ASN A OD1   1 
ATOM   221 N ND2   . ASN A 1 28 ? 1.307   -9.620  6.607   1.00 23.83 ? 78  ASN A ND2   1 
ATOM   222 N N     . ASP A 1 29 ? -0.095  -6.141  10.861  1.00 22.62 ? 79  ASP A N     1 
ATOM   223 C CA    . ASP A 1 29 ? 0.096   -5.811  12.268  1.00 23.05 ? 79  ASP A CA    1 
ATOM   224 C C     . ASP A 1 29 ? -1.178  -5.330  12.958  1.00 24.16 ? 79  ASP A C     1 
ATOM   225 O O     . ASP A 1 29 ? -1.356  -5.581  14.151  1.00 26.13 ? 79  ASP A O     1 
ATOM   226 C CB    . ASP A 1 29 ? 1.249   -4.810  12.451  1.00 24.11 ? 79  ASP A CB    1 
ATOM   227 C CG    . ASP A 1 29 ? 1.045   -3.492  11.686  1.00 26.62 ? 79  ASP A CG    1 
ATOM   228 O OD1   . ASP A 1 29 ? 0.105   -3.385  10.865  1.00 23.42 ? 79  ASP A OD1   1 
ATOM   229 O OD2   . ASP A 1 29 ? 1.840   -2.553  11.918  1.00 29.40 ? 79  ASP A OD2   1 
ATOM   230 N N     . THR A 1 30 ? -2.063  -4.631  12.254  1.00 21.33 ? 80  THR A N     1 
ATOM   231 C CA    . THR A 1 30 ? -3.275  -4.105  12.869  1.00 19.54 ? 80  THR A CA    1 
ATOM   232 C C     . THR A 1 30 ? -4.554  -4.645  12.254  1.00 20.40 ? 80  THR A C     1 
ATOM   233 O O     . THR A 1 30 ? -5.628  -4.421  12.823  1.00 24.08 ? 80  THR A O     1 
ATOM   234 C CB    . THR A 1 30 ? -3.329  -2.574  12.765  1.00 21.96 ? 80  THR A CB    1 
ATOM   235 O OG1   . THR A 1 30 ? -3.415  -2.213  11.381  1.00 21.30 ? 80  THR A OG1   1 
ATOM   236 C CG2   . THR A 1 30 ? -2.106  -1.925  13.407  1.00 22.81 ? 80  THR A CG2   1 
ATOM   237 N N     . LYS A 1 31 ? -4.475  -5.307  11.102  1.00 21.51 ? 81  LYS A N     1 
ATOM   238 C CA    . LYS A 1 31 ? -5.623  -5.839  10.369  1.00 22.87 ? 81  LYS A CA    1 
ATOM   239 C C     . LYS A 1 31 ? -6.533  -4.751  9.803   1.00 24.16 ? 81  LYS A C     1 
ATOM   240 O O     . LYS A 1 31 ? -7.674  -5.033  9.417   1.00 25.30 ? 81  LYS A O     1 
ATOM   241 C CB    . LYS A 1 31 ? -6.417  -6.890  11.156  1.00 26.56 ? 81  LYS A CB    1 
ATOM   242 C CG    . LYS A 1 31 ? -5.578  -8.022  11.749  1.00 27.35 ? 81  LYS A CG    1 
ATOM   243 C CD    . LYS A 1 31 ? -4.649  -8.695  10.738  1.00 33.99 ? 81  LYS A CD    1 
ATOM   244 C CE    . LYS A 1 31 ? -3.864  -9.816  11.421  1.00 40.40 ? 81  LYS A CE    1 
ATOM   245 N NZ    . LYS A 1 31 ? -2.750  -10.394 10.612  1.00 38.13 ? 81  LYS A NZ    1 
ATOM   246 N N     . GLU A 1 32 ? -6.056  -3.509  9.740   1.00 23.39 ? 82  GLU A N     1 
ATOM   247 C CA    . GLU A 1 32 ? -6.800  -2.422  9.117   1.00 22.61 ? 82  GLU A CA    1 
ATOM   248 C C     . GLU A 1 32 ? -6.375  -2.249  7.667   1.00 22.59 ? 82  GLU A C     1 
ATOM   249 O O     . GLU A 1 32 ? -5.194  -2.380  7.334   1.00 21.89 ? 82  GLU A O     1 
ATOM   250 C CB    . GLU A 1 32 ? -6.566  -1.104  9.860   1.00 25.54 ? 82  GLU A CB    1 
ATOM   251 C CG    . GLU A 1 32 ? -7.127  -1.087  11.260  1.00 31.13 ? 82  GLU A CG    1 
ATOM   252 C CD    . GLU A 1 32 ? -8.641  -1.020  11.287  1.00 38.52 ? 82  GLU A CD    1 
ATOM   253 O OE1   . GLU A 1 32 ? -9.225  -0.347  10.413  1.00 47.50 ? 82  GLU A OE1   1 
ATOM   254 O OE2   . GLU A 1 32 ? -9.247  -1.645  12.184  1.00 49.27 ? 82  GLU A OE2   1 
ATOM   255 N N     . ASP A 1 33 ? -7.349  -1.952  6.807   1.00 22.27 ? 83  ASP A N     1 
ATOM   256 C CA    . ASP A 1 33 ? -7.057  -1.610  5.423   1.00 22.27 ? 83  ASP A CA    1 
ATOM   257 C C     . ASP A 1 33 ? -6.414  -0.230  5.334   1.00 19.07 ? 83  ASP A C     1 
ATOM   258 O O     . ASP A 1 33 ? -6.789  0.701   6.056   1.00 23.13 ? 83  ASP A O     1 
ATOM   259 C CB    . ASP A 1 33 ? -8.349  -1.582  4.610   1.00 24.16 ? 83  ASP A CB    1 
ATOM   260 C CG    . ASP A 1 33 ? -8.912  -2.960  4.336   1.00 30.25 ? 83  ASP A CG    1 
ATOM   261 O OD1   . ASP A 1 33 ? -8.197  -3.965  4.544   1.00 26.58 ? 83  ASP A OD1   1 
ATOM   262 O OD2   . ASP A 1 33 ? -10.079 -3.027  3.899   1.00 34.12 ? 83  ASP A OD2   1 
ATOM   263 N N     . VAL A 1 34 ? -5.463  -0.099  4.415   1.00 20.15 ? 84  VAL A N     1 
ATOM   264 C CA    . VAL A 1 34 ? -4.807  1.162   4.090   1.00 21.25 ? 84  VAL A CA    1 
ATOM   265 C C     . VAL A 1 34 ? -4.944  1.391   2.589   1.00 19.37 ? 84  VAL A C     1 
ATOM   266 O O     . VAL A 1 34 ? -4.680  0.487   1.790   1.00 19.83 ? 84  VAL A O     1 
ATOM   267 C CB    . VAL A 1 34 ? -3.327  1.156   4.517   1.00 24.88 ? 84  VAL A CB    1 
ATOM   268 C CG1   . VAL A 1 34 ? -2.653  2.453   4.142   1.00 32.25 ? 84  VAL A CG1   1 
ATOM   269 C CG2   . VAL A 1 34 ? -3.224  0.966   6.005   1.00 29.87 ? 84  VAL A CG2   1 
ATOM   270 N N     . PHE A 1 35 ? -5.371  2.595   2.224   1.00 20.02 ? 85  PHE A N     1 
ATOM   271 C CA    . PHE A 1 35 ? -5.473  2.999   0.826   1.00 18.03 ? 85  PHE A CA    1 
ATOM   272 C C     . PHE A 1 35 ? -4.093  2.995   0.181   1.00 18.17 ? 85  PHE A C     1 
ATOM   273 O O     . PHE A 1 35 ? -3.105  3.391   0.800   1.00 21.46 ? 85  PHE A O     1 
ATOM   274 C CB    . PHE A 1 35 ? -6.057  4.414   0.793   1.00 20.94 ? 85  PHE A CB    1 
ATOM   275 C CG    . PHE A 1 35 ? -6.089  5.059   -0.569  1.00 21.78 ? 85  PHE A CG    1 
ATOM   276 C CD1   . PHE A 1 35 ? -7.125  4.803   -1.449  1.00 25.16 ? 85  PHE A CD1   1 
ATOM   277 C CD2   . PHE A 1 35 ? -5.121  5.989   -0.930  1.00 25.03 ? 85  PHE A CD2   1 
ATOM   278 C CE1   . PHE A 1 35 ? -7.181  5.435   -2.699  1.00 23.74 ? 85  PHE A CE1   1 
ATOM   279 C CE2   . PHE A 1 35 ? -5.162  6.620   -2.168  1.00 25.71 ? 85  PHE A CE2   1 
ATOM   280 C CZ    . PHE A 1 35 ? -6.193  6.341   -3.051  1.00 23.76 ? 85  PHE A CZ    1 
ATOM   281 N N     . VAL A 1 36 ? -4.021  2.547   -1.074  1.00 18.45 ? 86  VAL A N     1 
ATOM   282 C CA    . VAL A 1 36 ? -2.779  2.630   -1.834  1.00 18.56 ? 86  VAL A CA    1 
ATOM   283 C C     . VAL A 1 36 ? -3.091  3.182   -3.217  1.00 19.05 ? 86  VAL A C     1 
ATOM   284 O O     . VAL A 1 36 ? -3.933  2.634   -3.940  1.00 20.57 ? 86  VAL A O     1 
ATOM   285 C CB    . VAL A 1 36 ? -2.019  1.289   -1.920  1.00 17.66 ? 86  VAL A CB    1 
ATOM   286 C CG1   . VAL A 1 36 ? -2.884  0.138   -2.477  1.00 19.25 ? 86  VAL A CG1   1 
ATOM   287 C CG2   . VAL A 1 36 ? -0.757  1.462   -2.752  1.00 20.25 ? 86  VAL A CG2   1 
ATOM   288 N N     . HIS A 1 37 ? -2.438  4.278   -3.577  1.00 20.52 ? 87  HIS A N     1 
ATOM   289 C CA    . HIS A 1 37 ? -2.524  4.808   -4.927  1.00 20.53 ? 87  HIS A CA    1 
ATOM   290 C C     . HIS A 1 37 ? -1.367  4.275   -5.767  1.00 20.77 ? 87  HIS A C     1 
ATOM   291 O O     . HIS A 1 37 ? -0.299  3.953   -5.248  1.00 21.16 ? 87  HIS A O     1 
ATOM   292 C CB    . HIS A 1 37 ? -2.492  6.337   -4.912  1.00 23.15 ? 87  HIS A CB    1 
ATOM   293 C CG    . HIS A 1 37 ? -2.857  6.943   -6.227  1.00 25.89 ? 87  HIS A CG    1 
ATOM   294 N ND1   . HIS A 1 37 ? -1.929  7.515   -7.069  1.00 31.50 ? 87  HIS A ND1   1 
ATOM   295 C CD2   . HIS A 1 37 ? -4.050  7.035   -6.860  1.00 28.78 ? 87  HIS A CD2   1 
ATOM   296 C CE1   . HIS A 1 37 ? -2.538  7.951   -8.158  1.00 32.68 ? 87  HIS A CE1   1 
ATOM   297 N NE2   . HIS A 1 37 ? -3.825  7.672   -8.055  1.00 32.54 ? 87  HIS A NE2   1 
ATOM   298 N N     . GLN A 1 38 ? -1.589  4.195   -7.086  1.00 21.08 ? 88  GLN A N     1 
ATOM   299 C CA    . GLN A 1 38 ? -0.569  3.632   -7.969  1.00 22.10 ? 88  GLN A CA    1 
ATOM   300 C C     . GLN A 1 38 ? 0.763   4.375   -7.859  1.00 22.08 ? 88  GLN A C     1 
ATOM   301 O O     . GLN A 1 38 ? 1.830   3.753   -7.950  1.00 24.38 ? 88  GLN A O     1 
ATOM   302 C CB    . GLN A 1 38 ? -1.061  3.592   -9.417  1.00 20.98 ? 88  GLN A CB    1 
ATOM   303 C CG    . GLN A 1 38 ? -1.507  4.929   -9.950  1.00 29.34 ? 88  GLN A CG    1 
ATOM   304 C CD    . GLN A 1 38 ? -2.209  4.801   -11.276 1.00 26.15 ? 88  GLN A CD    1 
ATOM   305 O OE1   . GLN A 1 38 ? -2.353  3.696   -11.817 1.00 27.72 ? 88  GLN A OE1   1 
ATOM   306 N NE2   . GLN A 1 38 ? -2.673  5.926   -11.803 1.00 29.24 ? 88  GLN A NE2   1 
ATOM   307 N N     . THR A 1 39 ? 0.728   5.698   -7.656  1.00 23.21 ? 89  THR A N     1 
ATOM   308 C CA    . THR A 1 39 ? 1.971   6.466   -7.574  1.00 26.75 ? 89  THR A CA    1 
ATOM   309 C C     . THR A 1 39 ? 2.804   6.119   -6.340  1.00 27.92 ? 89  THR A C     1 
ATOM   310 O O     . THR A 1 39 ? 3.983   6.487   -6.284  1.00 29.00 ? 89  THR A O     1 
ATOM   311 C CB    . THR A 1 39 ? 1.703   7.978   -7.582  1.00 25.79 ? 89  THR A CB    1 
ATOM   312 O OG1   . THR A 1 39 ? 0.799   8.331   -6.525  1.00 31.26 ? 89  THR A OG1   1 
ATOM   313 C CG2   . THR A 1 39 ? 1.124   8.423   -8.929  1.00 29.71 ? 89  THR A CG2   1 
ATOM   314 N N     . ALA A 1 40 ? 2.220   5.447   -5.351  1.00 24.58 ? 90  ALA A N     1 
ATOM   315 C CA    . ALA A 1 40 ? 2.931   5.078   -4.134  1.00 24.21 ? 90  ALA A CA    1 
ATOM   316 C C     . ALA A 1 40 ? 3.660   3.746   -4.248  1.00 22.52 ? 90  ALA A C     1 
ATOM   317 O O     . ALA A 1 40 ? 4.338   3.343   -3.296  1.00 26.01 ? 90  ALA A O     1 
ATOM   318 C CB    . ALA A 1 40 ? 1.954   5.042   -2.957  1.00 24.86 ? 90  ALA A CB    1 
ATOM   319 N N     . ILE A 1 41 ? 3.531   3.053   -5.373  1.00 23.26 ? 91  ILE A N     1 
ATOM   320 C CA    . ILE A 1 41 ? 4.120   1.739   -5.568  1.00 23.67 ? 91  ILE A CA    1 
ATOM   321 C C     . ILE A 1 41 ? 5.451   1.909   -6.286  1.00 24.86 ? 91  ILE A C     1 
ATOM   322 O O     . ILE A 1 41 ? 5.524   2.597   -7.316  1.00 26.35 ? 91  ILE A O     1 
ATOM   323 C CB    . ILE A 1 41 ? 3.169   0.844   -6.380  1.00 23.93 ? 91  ILE A CB    1 
ATOM   324 C CG1   . ILE A 1 41 ? 1.826   0.715   -5.651  1.00 22.74 ? 91  ILE A CG1   1 
ATOM   325 C CG2   . ILE A 1 41 ? 3.811   -0.508  -6.638  1.00 25.31 ? 91  ILE A CG2   1 
ATOM   326 C CD1   . ILE A 1 41 ? 0.725   0.078   -6.473  1.00 25.46 ? 91  ILE A CD1   1 
ATOM   327 N N     . LYS A 1 42 ? 6.497   1.275   -5.756  1.00 24.30 ? 92  LYS A N     1 
ATOM   328 C CA    . LYS A 1 42 ? 7.810   1.355   -6.381  1.00 27.41 ? 92  LYS A CA    1 
ATOM   329 C C     . LYS A 1 42 ? 7.843   0.532   -7.666  1.00 33.55 ? 92  LYS A C     1 
ATOM   330 O O     . LYS A 1 42 ? 7.131   -0.470  -7.815  1.00 35.92 ? 92  LYS A O     1 
ATOM   331 C CB    . LYS A 1 42 ? 8.887   0.850   -5.413  1.00 31.52 ? 92  LYS A CB    1 
ATOM   332 C CG    . LYS A 1 42 ? 9.113   1.717   -4.171  1.00 41.10 ? 92  LYS A CG    1 
ATOM   333 C CD    . LYS A 1 42 ? 10.327  2.641   -4.277  1.00 46.32 ? 92  LYS A CD    1 
ATOM   334 C CE    . LYS A 1 42 ? 10.114  3.772   -5.271  1.00 49.78 ? 92  LYS A CE    1 
ATOM   335 N NZ    . LYS A 1 42 ? 11.325  4.633   -5.403  1.00 54.31 ? 92  LYS A NZ    1 
ATOM   336 N N     . LYS A 1 43 ? 8.676   0.981   -8.604  1.00 39.19 ? 93  LYS A N     1 
ATOM   337 C CA    . LYS A 1 43 ? 8.866   0.297   -9.877  1.00 41.70 ? 93  LYS A CA    1 
ATOM   338 C C     . LYS A 1 43 ? 9.262   -1.170  -9.665  1.00 41.94 ? 93  LYS A C     1 
ATOM   339 O O     . LYS A 1 43 ? 10.175  -1.482  -8.893  1.00 49.26 ? 93  LYS A O     1 
ATOM   340 C CB    . LYS A 1 43 ? 9.938   0.997   -10.720 1.00 46.51 ? 93  LYS A CB    1 
ATOM   341 C CG    . LYS A 1 43 ? 9.587   2.407   -11.283 1.00 51.96 ? 93  LYS A CG    1 
ATOM   342 C CD    . LYS A 1 43 ? 9.425   3.480   -10.210 1.00 54.84 ? 93  LYS A CD    1 
ATOM   343 C CE    . LYS A 1 43 ? 10.516  3.531   -9.144  1.00 56.66 ? 93  LYS A CE    1 
ATOM   344 N NZ    . LYS A 1 43 ? 10.407  4.755   -8.286  1.00 60.10 ? 93  LYS A NZ    1 
ATOM   345 N N     . TYR A 1 49 ? 0.538   -1.986  -14.838 1.00 38.61 ? 99  TYR A N     1 
ATOM   346 C CA    . TYR A 1 49 ? 1.873   -1.979  -15.422 1.00 37.81 ? 99  TYR A CA    1 
ATOM   347 C C     . TYR A 1 49 ? 2.954   -1.686  -14.387 1.00 39.04 ? 99  TYR A C     1 
ATOM   348 O O     . TYR A 1 49 ? 2.985   -2.283  -13.305 1.00 37.45 ? 99  TYR A O     1 
ATOM   349 C CB    . TYR A 1 49 ? 1.956   -0.956  -16.558 1.00 46.76 ? 99  TYR A CB    1 
ATOM   350 N N     . LEU A 1 50 ? 3.832   -0.745  -14.739 1.00 39.99 ? 100 LEU A N     1 
ATOM   351 C CA    . LEU A 1 50 ? 5.074   -0.540  -13.995 1.00 38.11 ? 100 LEU A CA    1 
ATOM   352 C C     . LEU A 1 50 ? 4.823   -0.284  -12.513 1.00 42.06 ? 100 LEU A C     1 
ATOM   353 O O     . LEU A 1 50 ? 5.599   -0.733  -11.662 1.00 43.23 ? 100 LEU A O     1 
ATOM   354 C CB    . LEU A 1 50 ? 5.881   0.603   -14.617 1.00 42.90 ? 100 LEU A CB    1 
ATOM   355 C CG    . LEU A 1 50 ? 7.028   0.174   -15.537 1.00 44.76 ? 100 LEU A CG    1 
ATOM   356 C CD1   . LEU A 1 50 ? 6.516   -0.616  -16.739 1.00 45.38 ? 100 LEU A CD1   1 
ATOM   357 C CD2   . LEU A 1 50 ? 7.815   1.393   -15.989 1.00 43.70 ? 100 LEU A CD2   1 
ATOM   358 N N     . ARG A 1 51 ? 3.752   0.427   -12.179 1.00 44.13 ? 101 ARG A N     1 
ATOM   359 C CA    . ARG A 1 51 ? 3.410   0.670   -10.779 1.00 35.64 ? 101 ARG A CA    1 
ATOM   360 C C     . ARG A 1 51 ? 2.071   -0.007  -10.492 1.00 28.35 ? 101 ARG A C     1 
ATOM   361 O O     . ARG A 1 51 ? 1.001   0.576   -10.674 1.00 31.94 ? 101 ARG A O     1 
ATOM   362 C CB    . ARG A 1 51 ? 3.415   2.157   -10.423 1.00 29.48 ? 101 ARG A CB    1 
ATOM   363 C CG    . ARG A 1 51 ? 4.758   2.850   -10.598 1.00 30.96 ? 101 ARG A CG    1 
ATOM   364 C CD    . ARG A 1 51 ? 4.685   4.249   -10.061 1.00 34.28 ? 101 ARG A CD    1 
ATOM   365 N NE    . ARG A 1 51 ? 5.846   5.078   -10.388 1.00 38.49 ? 101 ARG A NE    1 
ATOM   366 C CZ    . ARG A 1 51 ? 6.852   5.335   -9.563  1.00 40.83 ? 101 ARG A CZ    1 
ATOM   367 N NH1   . ARG A 1 51 ? 6.867   4.808   -8.350  1.00 35.89 ? 101 ARG A NH1   1 
ATOM   368 N NH2   . ARG A 1 51 ? 7.848   6.109   -9.957  1.00 44.27 ? 101 ARG A NH2   1 
ATOM   369 N N     . SER A 1 52 ? 2.145   -1.256  -10.040 1.00 24.41 ? 102 SER A N     1 
ATOM   370 C CA    . SER A 1 52 ? 0.961   -2.024  -9.678  1.00 22.30 ? 102 SER A CA    1 
ATOM   371 C C     . SER A 1 52 ? 1.377   -3.110  -8.697  1.00 19.75 ? 102 SER A C     1 
ATOM   372 O O     . SER A 1 52 ? 2.553   -3.470  -8.603  1.00 23.56 ? 102 SER A O     1 
ATOM   373 C CB    . SER A 1 52 ? 0.315   -2.660  -10.911 1.00 26.24 ? 102 SER A CB    1 
ATOM   374 O OG    . SER A 1 52 ? 1.205   -3.591  -11.502 1.00 28.13 ? 102 SER A OG    1 
ATOM   375 N N     . VAL A 1 53 ? 0.392   -3.616  -7.952  1.00 19.01 ? 103 VAL A N     1 
ATOM   376 C CA    . VAL A 1 53 ? 0.538   -4.795  -7.110  1.00 19.02 ? 103 VAL A CA    1 
ATOM   377 C C     . VAL A 1 53 ? -0.626  -5.724  -7.425  1.00 20.02 ? 103 VAL A C     1 
ATOM   378 O O     . VAL A 1 53 ? -1.633  -5.310  -8.004  1.00 21.05 ? 103 VAL A O     1 
ATOM   379 C CB    . VAL A 1 53 ? 0.572   -4.446  -5.607  1.00 20.00 ? 103 VAL A CB    1 
ATOM   380 C CG1   . VAL A 1 53 ? 1.827   -3.664  -5.275  1.00 21.91 ? 103 VAL A CG1   1 
ATOM   381 C CG2   . VAL A 1 53 ? -0.676  -3.686  -5.190  1.00 21.08 ? 103 VAL A CG2   1 
ATOM   382 N N     . GLY A 1 54 ? -0.482  -6.989  -7.035  1.00 20.82 ? 104 GLY A N     1 
ATOM   383 C CA    . GLY A 1 54 ? -1.451  -8.031  -7.365  1.00 18.66 ? 104 GLY A CA    1 
ATOM   384 C C     . GLY A 1 54 ? -2.277  -8.441  -6.157  1.00 17.20 ? 104 GLY A C     1 
ATOM   385 O O     . GLY A 1 54 ? -1.755  -8.531  -5.033  1.00 19.09 ? 104 GLY A O     1 
ATOM   386 N N     . ASP A 1 55 ? -3.556  -8.732  -6.399  1.00 18.40 ? 105 ASP A N     1 
ATOM   387 C CA    . ASP A 1 55 ? -4.441  -9.140  -5.316  1.00 18.42 ? 105 ASP A CA    1 
ATOM   388 C C     . ASP A 1 55 ? -3.863  -10.376 -4.636  1.00 17.99 ? 105 ASP A C     1 
ATOM   389 O O     . ASP A 1 55 ? -3.485  -11.348 -5.300  1.00 19.04 ? 105 ASP A O     1 
ATOM   390 C CB    . ASP A 1 55 ? -5.817  -9.504  -5.865  1.00 19.95 ? 105 ASP A CB    1 
ATOM   391 C CG    . ASP A 1 55 ? -6.551  -8.346  -6.490  1.00 18.54 ? 105 ASP A CG    1 
ATOM   392 O OD1   . ASP A 1 55 ? -5.973  -7.262  -6.686  1.00 19.79 ? 105 ASP A OD1   1 
ATOM   393 O OD2   . ASP A 1 55 ? -7.742  -8.548  -6.786  1.00 20.91 ? 105 ASP A OD2   1 
ATOM   394 N N     . GLY A 1 56 ? -3.814  -10.351 -3.307  1.00 18.28 ? 106 GLY A N     1 
ATOM   395 C CA    . GLY A 1 56 ? -3.342  -11.479 -2.536  1.00 20.21 ? 106 GLY A CA    1 
ATOM   396 C C     . GLY A 1 56 ? -1.862  -11.483 -2.234  1.00 20.07 ? 106 GLY A C     1 
ATOM   397 O O     . GLY A 1 56 ? -1.423  -12.274 -1.388  1.00 24.01 ? 106 GLY A O     1 
ATOM   398 N N     . GLU A 1 57 ? -1.069  -10.619 -2.864  1.00 18.06 ? 107 GLU A N     1 
ATOM   399 C CA    . GLU A 1 57 ? 0.359   -10.652 -2.580  1.00 21.43 ? 107 GLU A CA    1 
ATOM   400 C C     . GLU A 1 57 ? 0.709   -9.923  -1.291  1.00 18.07 ? 107 GLU A C     1 
ATOM   401 O O     . GLU A 1 57 ? -0.032  -9.064  -0.800  1.00 20.10 ? 107 GLU A O     1 
ATOM   402 C CB    . GLU A 1 57 ? 1.190   -10.152 -3.756  1.00 28.93 ? 107 GLU A CB    1 
ATOM   403 C CG    . GLU A 1 57 ? 1.361   -8.685  -3.867  1.00 31.01 ? 107 GLU A CG    1 
ATOM   404 C CD    . GLU A 1 57 ? 2.310   -8.323  -4.996  1.00 34.39 ? 107 GLU A CD    1 
ATOM   405 O OE1   . GLU A 1 57 ? 3.439   -8.856  -5.036  1.00 40.36 ? 107 GLU A OE1   1 
ATOM   406 O OE2   . GLU A 1 57 ? 1.924   -7.514  -5.854  1.00 35.18 ? 107 GLU A OE2   1 
ATOM   407 N N     . THR A 1 58 ? 1.829   -10.329 -0.710  1.00 20.21 ? 108 THR A N     1 
ATOM   408 C CA    . THR A 1 58 ? 2.362   -9.698  0.484   1.00 19.64 ? 108 THR A CA    1 
ATOM   409 C C     . THR A 1 58 ? 3.306   -8.593  0.033   1.00 20.12 ? 108 THR A C     1 
ATOM   410 O O     . THR A 1 58 ? 4.151   -8.806  -0.841  1.00 21.76 ? 108 THR A O     1 
ATOM   411 C CB    . THR A 1 58 ? 3.109   -10.735 1.334   1.00 22.59 ? 108 THR A CB    1 
ATOM   412 O OG1   . THR A 1 58 ? 2.174   -11.670 1.904   1.00 24.37 ? 108 THR A OG1   1 
ATOM   413 C CG2   . THR A 1 58 ? 3.902   -10.070 2.465   1.00 26.05 ? 108 THR A CG2   1 
ATOM   414 N N     . VAL A 1 59 ? 3.130   -7.403  0.602   1.00 19.64 ? 109 VAL A N     1 
ATOM   415 C CA    . VAL A 1 59 ? 3.932   -6.240  0.252   1.00 18.38 ? 109 VAL A CA    1 
ATOM   416 C C     . VAL A 1 59 ? 4.439   -5.596  1.533   1.00 17.91 ? 109 VAL A C     1 
ATOM   417 O O     . VAL A 1 59 ? 3.905   -5.822  2.621   1.00 18.86 ? 109 VAL A O     1 
ATOM   418 C CB    . VAL A 1 59 ? 3.149   -5.213  -0.593  1.00 18.99 ? 109 VAL A CB    1 
ATOM   419 C CG1   . VAL A 1 59 ? 2.872   -5.778  -1.978  1.00 20.71 ? 109 VAL A CG1   1 
ATOM   420 C CG2   . VAL A 1 59 ? 1.867   -4.818  0.121   1.00 20.79 ? 109 VAL A CG2   1 
ATOM   421 N N     . GLU A 1 60 ? 5.507   -4.813  1.394   1.00 19.18 ? 110 GLU A N     1 
ATOM   422 C CA    . GLU A 1 60 ? 6.088   -4.044  2.487   1.00 18.67 ? 110 GLU A CA    1 
ATOM   423 C C     . GLU A 1 60 ? 6.006   -2.565  2.128   1.00 20.87 ? 110 GLU A C     1 
ATOM   424 O O     . GLU A 1 60 ? 6.183   -2.193  0.965   1.00 21.34 ? 110 GLU A O     1 
ATOM   425 C CB    . GLU A 1 60 ? 7.548   -4.461  2.740   1.00 22.44 ? 110 GLU A CB    1 
ATOM   426 C CG    . GLU A 1 60 ? 8.213   -3.759  3.917   1.00 24.01 ? 110 GLU A CG    1 
ATOM   427 C CD    . GLU A 1 60 ? 9.542   -4.378  4.307   1.00 33.26 ? 110 GLU A CD    1 
ATOM   428 O OE1   . GLU A 1 60 ? 9.886   -5.449  3.765   1.00 41.44 ? 110 GLU A OE1   1 
ATOM   429 O OE2   . GLU A 1 60 ? 10.239  -3.797  5.169   1.00 35.09 ? 110 GLU A OE2   1 
ATOM   430 N N     . PHE A 1 61 ? 5.711   -1.724  3.117   1.00 18.72 ? 111 PHE A N     1 
ATOM   431 C CA    . PHE A 1 61 ? 5.389   -0.338  2.809   1.00 19.48 ? 111 PHE A CA    1 
ATOM   432 C C     . PHE A 1 61 ? 5.498   0.506   4.067   1.00 20.18 ? 111 PHE A C     1 
ATOM   433 O O     . PHE A 1 61 ? 5.524   -0.006  5.191   1.00 21.52 ? 111 PHE A O     1 
ATOM   434 C CB    . PHE A 1 61 ? 3.979   -0.224  2.203   1.00 19.73 ? 111 PHE A CB    1 
ATOM   435 C CG    . PHE A 1 61 ? 2.909   -0.873  3.035   1.00 19.26 ? 111 PHE A CG    1 
ATOM   436 C CD1   . PHE A 1 61 ? 2.681   -2.232  2.951   1.00 19.47 ? 111 PHE A CD1   1 
ATOM   437 C CD2   . PHE A 1 61 ? 2.152   -0.125  3.925   1.00 21.28 ? 111 PHE A CD2   1 
ATOM   438 C CE1   . PHE A 1 61 ? 1.711   -2.841  3.731   1.00 21.21 ? 111 PHE A CE1   1 
ATOM   439 C CE2   . PHE A 1 61 ? 1.172   -0.728  4.703   1.00 23.76 ? 111 PHE A CE2   1 
ATOM   440 C CZ    . PHE A 1 61 ? 0.955   -2.085  4.608   1.00 22.45 ? 111 PHE A CZ    1 
ATOM   441 N N     . ASP A 1 62 ? 5.584   1.811   3.855   1.00 19.86 ? 112 ASP A N     1 
ATOM   442 C CA    . ASP A 1 62 ? 5.417   2.772   4.926   1.00 20.30 ? 112 ASP A CA    1 
ATOM   443 C C     . ASP A 1 62 ? 3.964   3.222   4.956   1.00 19.79 ? 112 ASP A C     1 
ATOM   444 O O     . ASP A 1 62 ? 3.252   3.153   3.951   1.00 20.57 ? 112 ASP A O     1 
ATOM   445 C CB    . ASP A 1 62 ? 6.325   3.981   4.706   1.00 20.80 ? 112 ASP A CB    1 
ATOM   446 C CG    . ASP A 1 62 ? 7.787   3.598   4.576   1.00 24.87 ? 112 ASP A CG    1 
ATOM   447 O OD1   . ASP A 1 62 ? 8.210   2.608   5.212   1.00 26.42 ? 112 ASP A OD1   1 
ATOM   448 O OD2   . ASP A 1 62 ? 8.518   4.295   3.833   1.00 30.18 ? 112 ASP A OD2   1 
ATOM   449 N N     . VAL A 1 63 ? 3.522   3.679   6.117   1.00 21.13 ? 113 VAL A N     1 
ATOM   450 C CA    . VAL A 1 63 ? 2.196   4.260   6.268   1.00 21.00 ? 113 VAL A CA    1 
ATOM   451 C C     . VAL A 1 63 ? 2.390   5.741   6.545   1.00 23.32 ? 113 VAL A C     1 
ATOM   452 O O     . VAL A 1 63 ? 3.128   6.110   7.465   1.00 23.36 ? 113 VAL A O     1 
ATOM   453 C CB    . VAL A 1 63 ? 1.393   3.569   7.379   1.00 21.94 ? 113 VAL A CB    1 
ATOM   454 C CG1   . VAL A 1 63 ? 0.026   4.231   7.534   1.00 25.51 ? 113 VAL A CG1   1 
ATOM   455 C CG2   . VAL A 1 63 ? 1.237   2.079   7.067   1.00 23.70 ? 113 VAL A CG2   1 
ATOM   456 N N     . VAL A 1 64 ? 1.748   6.586   5.733   1.00 24.13 ? 114 VAL A N     1 
ATOM   457 C CA    . VAL A 1 64 ? 1.904   8.033   5.807   1.00 25.41 ? 114 VAL A CA    1 
ATOM   458 C C     . VAL A 1 64 ? 0.536   8.692   5.916   1.00 29.68 ? 114 VAL A C     1 
ATOM   459 O O     . VAL A 1 64 ? -0.500  8.093   5.625   1.00 31.50 ? 114 VAL A O     1 
ATOM   460 C CB    . VAL A 1 64 ? 2.691   8.617   4.614   1.00 29.46 ? 114 VAL A CB    1 
ATOM   461 C CG1   . VAL A 1 64 ? 4.049   7.957   4.482   1.00 27.84 ? 114 VAL A CG1   1 
ATOM   462 C CG2   . VAL A 1 64 ? 1.899   8.467   3.336   1.00 31.13 ? 114 VAL A CG2   1 
ATOM   463 N N     . GLU A 1 65 ? 0.544   9.952   6.354   1.00 33.47 ? 115 GLU A N     1 
ATOM   464 C CA    . GLU A 1 65 ? -0.678  10.737  6.491   1.00 38.69 ? 115 GLU A CA    1 
ATOM   465 C C     . GLU A 1 65 ? -0.887  11.544  5.213   1.00 46.36 ? 115 GLU A C     1 
ATOM   466 O O     . GLU A 1 65 ? -0.239  12.571  5.000   1.00 49.29 ? 115 GLU A O     1 
ATOM   467 C CB    . GLU A 1 65 ? -0.601  11.653  7.709   1.00 43.06 ? 115 GLU A CB    1 
ATOM   468 C CG    . GLU A 1 65 ? -1.870  12.460  7.953   1.00 47.67 ? 115 GLU A CG    1 
ATOM   469 C CD    . GLU A 1 65 ? -3.063  11.590  8.313   1.00 56.03 ? 115 GLU A CD    1 
ATOM   470 O OE1   . GLU A 1 65 ? -2.855  10.435  8.747   1.00 53.78 ? 115 GLU A OE1   1 
ATOM   471 O OE2   . GLU A 1 65 ? -4.211  12.062  8.158   1.00 60.66 ? 115 GLU A OE2   1 
ATOM   472 N N     . GLY A 1 66 ? -1.800  11.082  4.367   1.00 46.06 ? 116 GLY A N     1 
ATOM   473 C CA    . GLY A 1 66 ? -2.217  11.848  3.214   1.00 48.20 ? 116 GLY A CA    1 
ATOM   474 C C     . GLY A 1 66 ? -3.239  12.910  3.576   1.00 53.09 ? 116 GLY A C     1 
ATOM   475 O O     . GLY A 1 66 ? -3.609  13.107  4.734   1.00 49.32 ? 116 GLY A O     1 
ATOM   476 N N     . GLU A 1 67 ? -3.708  13.612  2.547   1.00 56.53 ? 117 GLU A N     1 
ATOM   477 C CA    . GLU A 1 67 ? -4.717  14.638  2.775   1.00 58.93 ? 117 GLU A CA    1 
ATOM   478 C C     . GLU A 1 67 ? -6.089  14.053  3.090   1.00 50.79 ? 117 GLU A C     1 
ATOM   479 O O     . GLU A 1 67 ? -6.985  14.802  3.491   1.00 49.28 ? 117 GLU A O     1 
ATOM   480 C CB    . GLU A 1 67 ? -4.789  15.589  1.579   1.00 66.95 ? 117 GLU A CB    1 
ATOM   481 C CG    . GLU A 1 67 ? -3.513  16.401  1.343   1.00 71.17 ? 117 GLU A CG    1 
ATOM   482 C CD    . GLU A 1 67 ? -3.077  17.196  2.566   1.00 73.06 ? 117 GLU A CD    1 
ATOM   483 O OE1   . GLU A 1 67 ? -2.010  16.878  3.136   1.00 75.30 ? 117 GLU A OE1   1 
ATOM   484 O OE2   . GLU A 1 67 ? -3.796  18.142  2.953   1.00 72.03 ? 117 GLU A OE2   1 
ATOM   485 N N     . LYS A 1 68 ? -6.270  12.741  2.935   1.00 47.99 ? 118 LYS A N     1 
ATOM   486 C CA    . LYS A 1 68 ? -7.543  12.090  3.225   1.00 45.27 ? 118 LYS A CA    1 
ATOM   487 C C     . LYS A 1 68 ? -7.427  11.028  4.311   1.00 51.66 ? 118 LYS A C     1 
ATOM   488 O O     . LYS A 1 68 ? -8.377  10.264  4.519   1.00 54.80 ? 118 LYS A O     1 
ATOM   489 C CB    . LYS A 1 68 ? -8.132  11.480  1.950   1.00 51.69 ? 118 LYS A CB    1 
ATOM   490 C CG    . LYS A 1 68 ? -9.093  12.397  1.223   1.00 48.89 ? 118 LYS A CG    1 
ATOM   491 C CD    . LYS A 1 68 ? -9.487  11.833  -0.132  1.00 56.41 ? 118 LYS A CD    1 
ATOM   492 C CE    . LYS A 1 68 ? -8.267  11.484  -0.964  1.00 59.25 ? 118 LYS A CE    1 
ATOM   493 N NZ    . LYS A 1 68 ? -7.289  12.608  -1.008  1.00 62.69 ? 118 LYS A NZ    1 
ATOM   494 N N     . GLY A 1 69 ? -6.299  10.956  5.004   1.00 49.57 ? 119 GLY A N     1 
ATOM   495 C CA    . GLY A 1 69 ? -6.064  9.959   6.027   1.00 49.21 ? 119 GLY A CA    1 
ATOM   496 C C     . GLY A 1 69 ? -4.826  9.142   5.720   1.00 38.93 ? 119 GLY A C     1 
ATOM   497 O O     . GLY A 1 69 ? -4.013  9.487   4.858   1.00 43.29 ? 119 GLY A O     1 
ATOM   498 N N     . ALA A 1 70 ? -4.689  8.033   6.444   1.00 38.47 ? 120 ALA A N     1 
ATOM   499 C CA    . ALA A 1 70 ? -3.531  7.166   6.265   1.00 34.06 ? 120 ALA A CA    1 
ATOM   500 C C     . ALA A 1 70 ? -3.532  6.547   4.872   1.00 32.65 ? 120 ALA A C     1 
ATOM   501 O O     . ALA A 1 70 ? -4.588  6.255   4.302   1.00 38.90 ? 120 ALA A O     1 
ATOM   502 C CB    . ALA A 1 70 ? -3.520  6.064   7.325   1.00 36.57 ? 120 ALA A CB    1 
ATOM   503 N N     . GLU A 1 71 ? -2.335  6.365   4.321   1.00 29.69 ? 121 GLU A N     1 
ATOM   504 C CA    . GLU A 1 71 ? -2.160  5.748   3.013   1.00 25.04 ? 121 GLU A CA    1 
ATOM   505 C C     . GLU A 1 71 ? -0.791  5.086   2.972   1.00 22.10 ? 121 GLU A C     1 
ATOM   506 O O     . GLU A 1 71 ? 0.106   5.417   3.756   1.00 24.26 ? 121 GLU A O     1 
ATOM   507 C CB    . GLU A 1 71 ? -2.303  6.774   1.879   1.00 27.53 ? 121 GLU A CB    1 
ATOM   508 C CG    . GLU A 1 71 ? -1.126  7.726   1.729   1.00 33.89 ? 121 GLU A CG    1 
ATOM   509 C CD    . GLU A 1 71 ? -1.395  8.869   0.759   1.00 39.45 ? 121 GLU A CD    1 
ATOM   510 O OE1   . GLU A 1 71 ? -2.575  9.215   0.555   1.00 42.73 ? 121 GLU A OE1   1 
ATOM   511 O OE2   . GLU A 1 71 ? -0.421  9.429   0.208   1.00 45.73 ? 121 GLU A OE2   1 
ATOM   512 N N     . ALA A 1 72 ? -0.633  4.143   2.052   1.00 22.17 ? 122 ALA A N     1 
ATOM   513 C CA    . ALA A 1 72 ? 0.640   3.465   1.882   1.00 21.86 ? 122 ALA A CA    1 
ATOM   514 C C     . ALA A 1 72 ? 1.601   4.321   1.063   1.00 23.32 ? 122 ALA A C     1 
ATOM   515 O O     . ALA A 1 72 ? 1.193   5.133   0.224   1.00 26.16 ? 122 ALA A O     1 
ATOM   516 C CB    . ALA A 1 72 ? 0.432   2.114   1.192   1.00 22.69 ? 122 ALA A CB    1 
ATOM   517 N N     . ALA A 1 73 ? 2.893   4.132   1.319   1.00 20.52 ? 123 ALA A N     1 
ATOM   518 C CA    . ALA A 1 73 ? 3.958   4.771   0.561   1.00 20.83 ? 123 ALA A CA    1 
ATOM   519 C C     . ALA A 1 73 ? 5.090   3.771   0.384   1.00 19.46 ? 123 ALA A C     1 
ATOM   520 O O     . ALA A 1 73 ? 5.251   2.857   1.192   1.00 21.47 ? 123 ALA A O     1 
ATOM   521 C CB    . ALA A 1 73 ? 4.487   6.025   1.278   1.00 23.90 ? 123 ALA A CB    1 
ATOM   522 N N     . ASN A 1 74 ? 5.862   3.936   -0.696  1.00 19.81 ? 124 ASN A N     1 
ATOM   523 C CA    . ASN A 1 74 ? 7.079   3.148   -0.906  1.00 20.82 ? 124 ASN A CA    1 
ATOM   524 C C     . ASN A 1 74 ? 6.775   1.653   -0.883  1.00 21.81 ? 124 ASN A C     1 
ATOM   525 O O     . ASN A 1 74 ? 7.479   0.860   -0.258  1.00 25.23 ? 124 ASN A O     1 
ATOM   526 C CB    . ASN A 1 74 ? 8.166   3.511   0.110   1.00 26.59 ? 124 ASN A CB    1 
ATOM   527 C CG    . ASN A 1 74 ? 8.487   4.987   0.115   1.00 29.94 ? 124 ASN A CG    1 
ATOM   528 O OD1   . ASN A 1 74 ? 8.624   5.607   -0.938  1.00 33.47 ? 124 ASN A OD1   1 
ATOM   529 N ND2   . ASN A 1 74 ? 8.604   5.562   1.305   1.00 33.05 ? 124 ASN A ND2   1 
ATOM   530 N N     . VAL A 1 75 ? 5.709   1.274   -1.578  1.00 19.21 ? 125 VAL A N     1 
ATOM   531 C CA    . VAL A 1 75 ? 5.219   -0.102  -1.564  1.00 18.43 ? 125 VAL A CA    1 
ATOM   532 C C     . VAL A 1 75 ? 6.136   -0.960  -2.430  1.00 19.41 ? 125 VAL A C     1 
ATOM   533 O O     . VAL A 1 75 ? 6.308   -0.693  -3.622  1.00 22.61 ? 125 VAL A O     1 
ATOM   534 C CB    . VAL A 1 75 ? 3.773   -0.183  -2.072  1.00 19.29 ? 125 VAL A CB    1 
ATOM   535 C CG1   . VAL A 1 75 ? 3.301   -1.632  -2.013  1.00 20.90 ? 125 VAL A CG1   1 
ATOM   536 C CG2   . VAL A 1 75 ? 2.837   0.735   -1.285  1.00 19.87 ? 125 VAL A CG2   1 
ATOM   537 N N     . THR A 1 76 ? 6.706   -2.005  -1.832  1.00 20.33 ? 126 THR A N     1 
ATOM   538 C CA    . THR A 1 76 ? 7.607   -2.922  -2.519  1.00 23.40 ? 126 THR A CA    1 
ATOM   539 C C     . THR A 1 76 ? 7.222   -4.346  -2.145  1.00 22.04 ? 126 THR A C     1 
ATOM   540 O O     . THR A 1 76 ? 6.318   -4.580  -1.337  1.00 22.51 ? 126 THR A O     1 
ATOM   541 C CB    . THR A 1 76 ? 9.066   -2.696  -2.096  1.00 29.83 ? 126 THR A CB    1 
ATOM   542 O OG1   . THR A 1 76 ? 9.227   -3.083  -0.723  1.00 28.88 ? 126 THR A OG1   1 
ATOM   543 C CG2   . THR A 1 76 ? 9.466   -1.237  -2.248  1.00 30.89 ? 126 THR A CG2   1 
ATOM   544 N N     . GLY A 1 77 ? 7.917   -5.311  -2.738  1.00 25.54 ? 127 GLY A N     1 
ATOM   545 C CA    . GLY A 1 77 ? 7.864   -6.668  -2.255  1.00 26.55 ? 127 GLY A CA    1 
ATOM   546 C C     . GLY A 1 77 ? 8.557   -6.784  -0.915  1.00 26.46 ? 127 GLY A C     1 
ATOM   547 O O     . GLY A 1 77 ? 9.306   -5.894  -0.496  1.00 30.15 ? 127 GLY A O     1 
ATOM   548 N N     . PRO A 1 78 ? 8.331   -7.899  -0.214  1.00 26.37 ? 128 PRO A N     1 
ATOM   549 C CA    . PRO A 1 78 ? 8.970   -8.090  1.095   1.00 27.18 ? 128 PRO A CA    1 
ATOM   550 C C     . PRO A 1 78 ? 10.402  -8.593  1.022   1.00 30.85 ? 128 PRO A C     1 
ATOM   551 O O     . PRO A 1 78 ? 11.067  -8.650  2.063   1.00 39.98 ? 128 PRO A O     1 
ATOM   552 C CB    . PRO A 1 78 ? 8.070   -9.132  1.763   1.00 27.21 ? 128 PRO A CB    1 
ATOM   553 C CG    . PRO A 1 78 ? 7.581   -9.962  0.615   1.00 27.26 ? 128 PRO A CG    1 
ATOM   554 C CD    . PRO A 1 78 ? 7.414   -9.002  -0.552  1.00 24.79 ? 128 PRO A CD    1 
ATOM   555 N N     . GLY A 1 79 ? 10.892  -8.969  -0.156  1.00 30.29 ? 129 GLY A N     1 
ATOM   556 C CA    . GLY A 1 79 ? 12.212  -9.556  -0.284  1.00 34.27 ? 129 GLY A CA    1 
ATOM   557 C C     . GLY A 1 79 ? 12.228  -11.035 0.052   1.00 36.44 ? 129 GLY A C     1 
ATOM   558 O O     . GLY A 1 79 ? 13.202  -11.528 0.619   1.00 42.79 ? 129 GLY A O     1 
ATOM   559 P P     . G   B 2 1  ? -7.023  8.657   -9.962  1.00 67.54 ? 1   G   B P     1 
ATOM   560 O OP1   . G   B 2 1  ? -6.612  10.038  -10.333 1.00 67.06 ? 1   G   B OP1   1 
ATOM   561 O OP2   . G   B 2 1  ? -5.983  7.625   -9.707  1.00 55.80 ? 1   G   B OP2   1 
ATOM   562 O "O5'" . G   B 2 1  ? -7.974  8.747   -8.684  1.00 56.64 ? 1   G   B "O5'" 1 
ATOM   563 C "C5'" . G   B 2 1  ? -8.348  7.580   -7.957  1.00 48.82 ? 1   G   B "C5'" 1 
ATOM   564 C "C4'" . G   B 2 1  ? -8.223  7.781   -6.463  1.00 42.62 ? 1   G   B "C4'" 1 
ATOM   565 O "O4'" . G   B 2 1  ? -6.836  8.059   -6.136  1.00 40.42 ? 1   G   B "O4'" 1 
ATOM   566 C "C3'" . G   B 2 1  ? -9.030  8.939   -5.886  1.00 42.30 ? 1   G   B "C3'" 1 
ATOM   567 O "O3'" . G   B 2 1  ? -9.376  8.628   -4.540  1.00 43.97 ? 1   G   B "O3'" 1 
ATOM   568 C "C2'" . G   B 2 1  ? -8.018  10.078  -5.885  1.00 42.11 ? 1   G   B "C2'" 1 
ATOM   569 O "O2'" . G   B 2 1  ? -8.296  11.106  -4.962  1.00 46.12 ? 1   G   B "O2'" 1 
ATOM   570 C "C1'" . G   B 2 1  ? -6.730  9.339   -5.534  1.00 39.34 ? 1   G   B "C1'" 1 
ATOM   571 N N9    . G   B 2 1  ? -5.524  9.976   -6.063  1.00 39.43 ? 1   G   B N9    1 
ATOM   572 C C8    . G   B 2 1  ? -5.368  10.554  -7.303  1.00 38.00 ? 1   G   B C8    1 
ATOM   573 N N7    . G   B 2 1  ? -4.166  11.031  -7.492  1.00 41.11 ? 1   G   B N7    1 
ATOM   574 C C5    . G   B 2 1  ? -3.497  10.756  -6.305  1.00 38.94 ? 1   G   B C5    1 
ATOM   575 C C6    . G   B 2 1  ? -2.164  11.036  -5.907  1.00 39.63 ? 1   G   B C6    1 
ATOM   576 O O6    . G   B 2 1  ? -1.268  11.600  -6.540  1.00 42.65 ? 1   G   B O6    1 
ATOM   577 N N1    . G   B 2 1  ? -1.905  10.580  -4.617  1.00 38.60 ? 1   G   B N1    1 
ATOM   578 C C2    . G   B 2 1  ? -2.806  9.939   -3.807  1.00 44.65 ? 1   G   B C2    1 
ATOM   579 N N2    . G   B 2 1  ? -2.362  9.580   -2.593  1.00 49.20 ? 1   G   B N2    1 
ATOM   580 N N3    . G   B 2 1  ? -4.052  9.674   -4.162  1.00 42.33 ? 1   G   B N3    1 
ATOM   581 C C4    . G   B 2 1  ? -4.323  10.107  -5.413  1.00 39.75 ? 1   G   B C4    1 
ATOM   582 P P     . C   B 2 2  ? -10.804 9.048   -3.941  1.00 47.19 ? 2   C   B P     1 
ATOM   583 O OP1   . C   B 2 2  ? -11.802 9.079   -5.041  1.00 49.39 ? 2   C   B OP1   1 
ATOM   584 O OP2   . C   B 2 2  ? -10.599 10.252  -3.095  1.00 49.92 ? 2   C   B OP2   1 
ATOM   585 O "O5'" . C   B 2 2  ? -11.166 7.845   -2.966  1.00 41.95 ? 2   C   B "O5'" 1 
ATOM   586 C "C5'" . C   B 2 2  ? -11.362 6.522   -3.456  1.00 42.31 ? 2   C   B "C5'" 1 
ATOM   587 C "C4'" . C   B 2 2  ? -11.692 5.577   -2.329  1.00 39.13 ? 2   C   B "C4'" 1 
ATOM   588 O "O4'" . C   B 2 2  ? -10.519 5.426   -1.481  1.00 37.53 ? 2   C   B "O4'" 1 
ATOM   589 C "C3'" . C   B 2 2  ? -12.820 6.041   -1.410  1.00 39.65 ? 2   C   B "C3'" 1 
ATOM   590 O "O3'" . C   B 2 2  ? -13.501 4.900   -0.886  1.00 44.77 ? 2   C   B "O3'" 1 
ATOM   591 C "C2'" . C   B 2 2  ? -12.063 6.731   -0.281  1.00 40.10 ? 2   C   B "C2'" 1 
ATOM   592 O "O2'" . C   B 2 2  ? -12.777 6.813   0.934   1.00 40.48 ? 2   C   B "O2'" 1 
ATOM   593 C "C1'" . C   B 2 2  ? -10.828 5.839   -0.161  1.00 37.96 ? 2   C   B "C1'" 1 
ATOM   594 N N1    . C   B 2 2  ? -9.638  6.501   0.397   1.00 39.54 ? 2   C   B N1    1 
ATOM   595 C C2    . C   B 2 2  ? -9.221  6.146   1.683   1.00 41.45 ? 2   C   B C2    1 
ATOM   596 O O2    . C   B 2 2  ? -9.880  5.304   2.311   1.00 44.44 ? 2   C   B O2    1 
ATOM   597 N N3    . C   B 2 2  ? -8.126  6.736   2.217   1.00 40.99 ? 2   C   B N3    1 
ATOM   598 C C4    . C   B 2 2  ? -7.439  7.636   1.513   1.00 41.70 ? 2   C   B C4    1 
ATOM   599 N N4    . C   B 2 2  ? -6.361  8.180   2.088   1.00 41.35 ? 2   C   B N4    1 
ATOM   600 C C5    . C   B 2 2  ? -7.835  8.016   0.194   1.00 39.73 ? 2   C   B C5    1 
ATOM   601 C C6    . C   B 2 2  ? -8.927  7.427   -0.322  1.00 40.04 ? 2   C   B C6    1 
ATOM   602 P P     . C   B 2 3  ? -15.081 4.711   -1.116  1.00 50.85 ? 3   C   B P     1 
ATOM   603 O OP1   . C   B 2 3  ? -15.511 5.608   -2.221  1.00 53.46 ? 3   C   B OP1   1 
ATOM   604 O OP2   . C   B 2 3  ? -15.763 4.809   0.198   1.00 55.62 ? 3   C   B OP2   1 
ATOM   605 O "O5'" . C   B 2 3  ? -15.207 3.209   -1.620  1.00 46.94 ? 3   C   B "O5'" 1 
ATOM   606 C "C5'" . C   B 2 3  ? -14.765 2.840   -2.919  1.00 45.09 ? 3   C   B "C5'" 1 
ATOM   607 C "C4'" . C   B 2 3  ? -14.721 1.342   -3.084  1.00 42.45 ? 3   C   B "C4'" 1 
ATOM   608 O "O4'" . C   B 2 3  ? -13.647 0.800   -2.268  1.00 37.99 ? 3   C   B "O4'" 1 
ATOM   609 C "C3'" . C   B 2 3  ? -15.991 0.598   -2.667  1.00 47.16 ? 3   C   B "C3'" 1 
ATOM   610 O "O3'" . C   B 2 3  ? -16.182 -0.528  -3.518  1.00 55.12 ? 3   C   B "O3'" 1 
ATOM   611 C "C2'" . C   B 2 3  ? -15.646 0.104   -1.268  1.00 40.35 ? 3   C   B "C2'" 1 
ATOM   612 O "O2'" . C   B 2 3  ? -16.382 -1.027  -0.855  1.00 49.17 ? 3   C   B "O2'" 1 
ATOM   613 C "C1'" . C   B 2 3  ? -14.163 -0.209  -1.422  1.00 37.47 ? 3   C   B "C1'" 1 
ATOM   614 N N1    . C   B 2 3  ? -13.407 -0.185  -0.167  1.00 34.69 ? 3   C   B N1    1 
ATOM   615 C C2    . C   B 2 3  ? -12.738 -1.350  0.219   1.00 37.52 ? 3   C   B C2    1 
ATOM   616 O O2    . C   B 2 3  ? -12.825 -2.351  -0.507  1.00 35.82 ? 3   C   B O2    1 
ATOM   617 N N3    . C   B 2 3  ? -12.025 -1.355  1.365   1.00 37.14 ? 3   C   B N3    1 
ATOM   618 C C4    . C   B 2 3  ? -11.969 -0.247  2.110   1.00 38.13 ? 3   C   B C4    1 
ATOM   619 N N4    . C   B 2 3  ? -11.258 -0.296  3.237   1.00 34.96 ? 3   C   B N4    1 
ATOM   620 C C5    . C   B 2 3  ? -12.643 0.955   1.734   1.00 36.10 ? 3   C   B C5    1 
ATOM   621 C C6    . C   B 2 3  ? -13.341 0.945   0.594   1.00 35.24 ? 3   C   B C6    1 
ATOM   622 P P     . U   B 2 4  ? -17.292 -0.485  -4.675  1.00 53.71 ? 4   U   B P     1 
ATOM   623 O OP1   . U   B 2 4  ? -18.518 0.139   -4.115  1.00 52.63 ? 4   U   B OP1   1 
ATOM   624 O OP2   . U   B 2 4  ? -17.368 -1.834  -5.291  1.00 56.39 ? 4   U   B OP2   1 
ATOM   625 O "O5'" . U   B 2 4  ? -16.673 0.520   -5.745  1.00 55.00 ? 4   U   B "O5'" 1 
ATOM   626 C "C5'" . U   B 2 4  ? -16.657 0.191   -7.127  1.00 53.98 ? 4   U   B "C5'" 1 
ATOM   627 C "C4'" . U   B 2 4  ? -15.289 0.380   -7.735  1.00 51.11 ? 4   U   B "C4'" 1 
ATOM   628 O "O4'" . U   B 2 4  ? -14.297 -0.301  -6.913  1.00 48.96 ? 4   U   B "O4'" 1 
ATOM   629 C "C3'" . U   B 2 4  ? -15.138 -0.190  -9.142  1.00 52.85 ? 4   U   B "C3'" 1 
ATOM   630 O "O3'" . U   B 2 4  ? -14.222 0.607   -9.886  1.00 55.37 ? 4   U   B "O3'" 1 
ATOM   631 C "C2'" . U   B 2 4  ? -14.529 -1.560  -8.883  1.00 50.33 ? 4   U   B "C2'" 1 
ATOM   632 O "O2'" . U   B 2 4  ? -13.805 -2.099  -9.969  1.00 57.03 ? 4   U   B "O2'" 1 
ATOM   633 C "C1'" . U   B 2 4  ? -13.628 -1.282  -7.683  1.00 46.38 ? 4   U   B "C1'" 1 
ATOM   634 N N1    . U   B 2 4  ? -13.440 -2.466  -6.840  1.00 42.36 ? 4   U   B N1    1 
ATOM   635 C C2    . U   B 2 4  ? -12.527 -3.416  -7.260  1.00 42.50 ? 4   U   B C2    1 
ATOM   636 O O2    . U   B 2 4  ? -11.869 -3.300  -8.283  1.00 43.04 ? 4   U   B O2    1 
ATOM   637 N N3    . U   B 2 4  ? -12.428 -4.511  -6.443  1.00 44.61 ? 4   U   B N3    1 
ATOM   638 C C4    . U   B 2 4  ? -13.127 -4.739  -5.273  1.00 46.33 ? 4   U   B C4    1 
ATOM   639 O O4    . U   B 2 4  ? -12.920 -5.774  -4.637  1.00 50.61 ? 4   U   B O4    1 
ATOM   640 C C5    . U   B 2 4  ? -14.052 -3.708  -4.912  1.00 44.34 ? 4   U   B C5    1 
ATOM   641 C C6    . U   B 2 4  ? -14.179 -2.634  -5.693  1.00 42.89 ? 4   U   B C6    1 
HETATM 642 O O     . HOH C 3 .  ? 6.398   -0.244  11.610  1.00 47.10 ? 201 HOH A O     1 
HETATM 643 O O     . HOH C 3 .  ? 6.137   13.692  2.733   1.00 53.75 ? 202 HOH A O     1 
HETATM 644 O O     . HOH C 3 .  ? -6.200  4.340   4.344   1.00 33.64 ? 203 HOH A O     1 
HETATM 645 O O     . HOH C 3 .  ? -2.568  -12.680 11.776  1.00 43.24 ? 204 HOH A O     1 
HETATM 646 O O     . HOH C 3 .  ? -1.272  1.350   -12.058 1.00 27.78 ? 205 HOH A O     1 
HETATM 647 O O     . HOH C 3 .  ? 1.644   7.904   -0.209  1.00 30.26 ? 206 HOH A O     1 
HETATM 648 O O     . HOH C 3 .  ? -3.415  -8.915  6.401   1.00 31.77 ? 207 HOH A O     1 
HETATM 649 O O     . HOH C 3 .  ? 5.351   -9.318  -3.320  1.00 31.16 ? 208 HOH A O     1 
HETATM 650 O O     . HOH C 3 .  ? -7.807  -10.448 -2.257  1.00 41.30 ? 209 HOH A O     1 
HETATM 651 O O     . HOH C 3 .  ? -3.936  3.208   -14.022 1.00 29.41 ? 210 HOH A O     1 
HETATM 652 O O     . HOH C 3 .  ? 9.011   6.087   -6.430  1.00 53.96 ? 211 HOH A O     1 
HETATM 653 O O     . HOH C 3 .  ? 1.299   -11.639 4.438   1.00 42.79 ? 212 HOH A O     1 
HETATM 654 O O     . HOH C 3 .  ? -13.691 -1.279  -18.056 1.00 46.43 ? 213 HOH A O     1 
HETATM 655 O O     . HOH C 3 .  ? -5.907  2.290   8.047   1.00 33.88 ? 214 HOH A O     1 
HETATM 656 O O     . HOH C 3 .  ? -2.480  -5.335  -10.579 1.00 25.67 ? 215 HOH A O     1 
HETATM 657 O O     . HOH C 3 .  ? -4.913  -6.193  -9.975  1.00 20.87 ? 216 HOH A O     1 
HETATM 658 O O     . HOH C 3 .  ? 13.815  -12.380 3.128   1.00 51.84 ? 217 HOH A O     1 
HETATM 659 O O     . HOH C 3 .  ? 0.296   -13.151 0.539   1.00 22.47 ? 218 HOH A O     1 
HETATM 660 O O     . HOH C 3 .  ? 2.687   3.925   13.969  1.00 28.94 ? 219 HOH A O     1 
HETATM 661 O O     . HOH C 3 .  ? -3.970  0.486   11.667  1.00 25.81 ? 220 HOH A O     1 
HETATM 662 O O     . HOH C 3 .  ? 11.185  3.519   3.561   1.00 52.88 ? 221 HOH A O     1 
HETATM 663 O O     . HOH C 3 .  ? -1.053  5.670   -1.361  1.00 21.97 ? 222 HOH A O     1 
HETATM 664 O O     . HOH C 3 .  ? 0.978   -4.054  14.458  1.00 39.36 ? 223 HOH A O     1 
HETATM 665 O O     . HOH C 3 .  ? -10.041 -1.615  7.589   1.00 43.61 ? 224 HOH A O     1 
HETATM 666 O O     . HOH C 3 .  ? 0.605   2.438   12.754  1.00 33.93 ? 225 HOH A O     1 
HETATM 667 O O     . HOH C 3 .  ? 5.071   -7.023  -6.464  1.00 59.95 ? 226 HOH A O     1 
HETATM 668 O O     . HOH C 3 .  ? -8.836  -4.402  12.779  1.00 53.23 ? 227 HOH A O     1 
HETATM 669 O O     . HOH C 3 .  ? -3.430  2.270   9.421   1.00 26.97 ? 228 HOH A O     1 
HETATM 670 O O     . HOH C 3 .  ? -10.005 -6.243  4.630   1.00 37.73 ? 229 HOH A O     1 
HETATM 671 O O     . HOH C 3 .  ? 5.719   6.411   -2.255  1.00 29.26 ? 230 HOH A O     1 
HETATM 672 O O     . HOH C 3 .  ? 7.601   12.232  8.752   1.00 34.24 ? 231 HOH A O     1 
HETATM 673 O O     . HOH C 3 .  ? -8.073  2.319   9.870   1.00 52.68 ? 232 HOH A O     1 
HETATM 674 O O     . HOH C 3 .  ? 9.170   -0.578  1.699   1.00 50.13 ? 233 HOH A O     1 
HETATM 675 O O     . HOH C 3 .  ? -14.293 2.662   -13.741 1.00 60.41 ? 234 HOH A O     1 
HETATM 676 O O     . HOH C 3 .  ? -4.728  5.840   -14.029 1.00 36.04 ? 235 HOH A O     1 
HETATM 677 O O     . HOH C 3 .  ? -4.244  -0.268  -16.350 1.00 45.75 ? 236 HOH A O     1 
HETATM 678 O O     . HOH C 3 .  ? 3.385   -6.967  -8.492  1.00 44.09 ? 237 HOH A O     1 
HETATM 679 O O     . HOH C 3 .  ? 9.255   -5.911  8.302   1.00 53.62 ? 238 HOH A O     1 
HETATM 680 O O     . HOH C 3 .  ? 2.006   -6.477  -10.538 1.00 50.04 ? 239 HOH A O     1 
HETATM 681 O O     . HOH C 3 .  ? 9.102   -0.169  3.988   1.00 47.27 ? 240 HOH A O     1 
HETATM 682 O O     . HOH C 3 .  ? 2.710   13.765  -3.822  1.00 57.79 ? 241 HOH A O     1 
HETATM 683 O O     . HOH C 3 .  ? -6.059  -8.613  2.105   1.00 39.11 ? 242 HOH A O     1 
HETATM 684 O O     . HOH C 3 .  ? -6.052  -10.975 0.332   1.00 49.34 ? 243 HOH A O     1 
HETATM 685 O O     . HOH C 3 .  ? -12.128 6.072   -9.364  1.00 55.73 ? 244 HOH A O     1 
HETATM 686 O O     . HOH C 3 .  ? 7.297   15.824  2.722   1.00 64.14 ? 245 HOH A O     1 
HETATM 687 O O     . HOH C 3 .  ? 0.021   -8.091  -10.607 1.00 48.14 ? 246 HOH A O     1 
HETATM 688 O O     . HOH C 3 .  ? -5.586  -10.253 4.727   1.00 48.12 ? 247 HOH A O     1 
HETATM 689 O O     . HOH C 3 .  ? 7.371   -9.432  -4.525  1.00 38.41 ? 248 HOH A O     1 
HETATM 690 O O     . HOH C 3 .  ? 7.769   -7.417  -6.546  1.00 52.26 ? 249 HOH A O     1 
# 
loop_
_atom_site_anisotrop.id 
_atom_site_anisotrop.type_symbol 
_atom_site_anisotrop.pdbx_label_atom_id 
_atom_site_anisotrop.pdbx_label_alt_id 
_atom_site_anisotrop.pdbx_label_comp_id 
_atom_site_anisotrop.pdbx_label_asym_id 
_atom_site_anisotrop.pdbx_label_seq_id 
_atom_site_anisotrop.pdbx_PDB_ins_code 
_atom_site_anisotrop.U[1][1] 
_atom_site_anisotrop.U[2][2] 
_atom_site_anisotrop.U[3][3] 
_atom_site_anisotrop.U[1][2] 
_atom_site_anisotrop.U[1][3] 
_atom_site_anisotrop.U[2][3] 
_atom_site_anisotrop.pdbx_auth_seq_id 
_atom_site_anisotrop.pdbx_auth_comp_id 
_atom_site_anisotrop.pdbx_auth_asym_id 
_atom_site_anisotrop.pdbx_auth_atom_id 
1   N N     . LYS A 2  ? 0.9826 0.5746 0.5961 -0.0292 -0.1388 0.0241  52  LYS A N     
2   C CA    . LYS A 2  ? 0.9270 0.5164 0.5487 -0.0098 -0.1463 0.0270  52  LYS A CA    
3   C C     . LYS A 2  ? 0.8312 0.4244 0.4488 -0.0073 -0.1088 0.0227  52  LYS A C     
4   O O     . LYS A 2  ? 0.8268 0.4519 0.3468 -0.0373 -0.0641 0.0452  52  LYS A O     
5   C CB    . LYS A 2  ? 0.8727 0.4765 0.4922 0.0484  -0.1959 0.0516  52  LYS A CB    
6   C CG    . LYS A 2  ? 0.8566 0.4593 0.5159 0.0551  -0.2330 0.0236  52  LYS A CG    
7   C CD    . LYS A 2  ? 0.8869 0.5025 0.5447 0.0254  -0.2415 0.0468  52  LYS A CD    
8   C CE    . LYS A 2  ? 0.9415 0.5486 0.6801 0.0158  -0.2287 0.0180  52  LYS A CE    
9   N NZ    . LYS A 2  ? 0.9230 0.5828 0.6822 0.0068  -0.2155 0.0052  52  LYS A NZ    
10  N N     . LYS A 3  ? 0.8206 0.4335 0.4474 -0.0015 -0.0800 -0.0502 53  LYS A N     
11  C CA    . LYS A 3  ? 0.6926 0.3318 0.4023 -0.0045 -0.0516 -0.0681 53  LYS A CA    
12  C C     . LYS A 3  ? 0.6081 0.2595 0.3454 0.0128  -0.1276 -0.0498 53  LYS A C     
13  O O     . LYS A 3  ? 0.5816 0.2933 0.3936 0.0889  -0.2029 -0.0669 53  LYS A O     
14  C CB    . LYS A 3  ? 0.6114 0.3293 0.4685 0.0042  0.0314  -0.1478 53  LYS A CB    
15  C CG    . LYS A 3  ? 0.6570 0.4687 0.5867 -0.0274 0.0329  -0.1583 53  LYS A CG    
16  C CD    . LYS A 3  ? 0.6514 0.5588 0.6386 -0.0317 0.0554  -0.1427 53  LYS A CD    
17  C CE    . LYS A 3  ? 0.6763 0.6529 0.7762 -0.0636 0.0309  -0.1669 53  LYS A CE    
18  N NZ    . LYS A 3  ? 0.6920 0.6330 0.8363 -0.0840 0.0437  -0.1743 53  LYS A NZ    
19  N N     . VAL A 4  ? 0.5568 0.3038 0.2767 0.0277  -0.0539 0.0121  54  VAL A N     
20  C CA    . VAL A 4  ? 0.5102 0.3260 0.2890 -0.0489 -0.0208 0.0219  54  VAL A CA    
21  C C     . VAL A 4  ? 0.4362 0.2846 0.2212 -0.0483 -0.0423 0.0038  54  VAL A C     
22  O O     . VAL A 4  ? 0.4503 0.3011 0.2649 -0.0521 -0.0454 -0.0320 54  VAL A O     
23  C CB    . VAL A 4  ? 0.4462 0.3751 0.2922 -0.0579 -0.0022 0.0078  54  VAL A CB    
24  C CG1   . VAL A 4  ? 0.3488 0.3401 0.3242 -0.0561 0.0383  -0.0602 54  VAL A CG1   
25  C CG2   . VAL A 4  ? 0.4568 0.3391 0.2963 -0.1188 0.0261  -0.0088 54  VAL A CG2   
26  N N     . ILE A 5  ? 0.3817 0.2781 0.2415 -0.0241 -0.0057 -0.0409 55  ILE A N     
27  C CA    . ILE A 5  ? 0.3218 0.3248 0.2619 0.0157  -0.0187 -0.0073 55  ILE A CA    
28  C C     . ILE A 5  ? 0.2961 0.3347 0.2545 0.0187  -0.0673 -0.0124 55  ILE A C     
29  O O     . ILE A 5  ? 0.3513 0.4060 0.2854 0.0351  -0.0576 -0.0051 55  ILE A O     
30  C CB    . ILE A 5  ? 0.3494 0.3488 0.3819 -0.0090 -0.0078 -0.0019 55  ILE A CB    
31  C CG1   . ILE A 5  ? 0.3576 0.3980 0.4419 0.0192  -0.0666 0.0149  55  ILE A CG1   
32  C CG2   . ILE A 5  ? 0.2816 0.3521 0.4268 0.0194  -0.0059 -0.0086 55  ILE A CG2   
33  C CD1   . ILE A 5  ? 0.3273 0.4220 0.4783 0.0262  -0.0573 -0.0649 55  ILE A CD1   
34  N N     . ALA A 6  ? 0.3298 0.3089 0.2404 -0.0124 -0.0202 -0.0475 56  ALA A N     
35  C CA    . ALA A 6  ? 0.3036 0.2885 0.2259 0.0065  -0.0181 -0.0148 56  ALA A CA    
36  C C     . ALA A 6  ? 0.2926 0.2766 0.2192 0.0478  -0.0719 -0.0264 56  ALA A C     
37  O O     . ALA A 6  ? 0.3346 0.3121 0.2236 0.0018  -0.0693 -0.0022 56  ALA A O     
38  C CB    . ALA A 6  ? 0.2993 0.2687 0.2980 -0.0431 0.0111  0.0049  56  ALA A CB    
39  N N     . THR A 7  ? 0.3054 0.2648 0.2720 0.0382  -0.0462 -0.0537 57  THR A N     
40  C CA    . THR A 7  ? 0.2934 0.2964 0.2508 -0.0022 -0.0035 -0.0465 57  THR A CA    
41  C C     . THR A 7  ? 0.3140 0.3226 0.2358 -0.0031 -0.0427 -0.0073 57  THR A C     
42  O O     . THR A 7  ? 0.3410 0.2955 0.2424 0.0086  -0.0549 -0.0027 57  THR A O     
43  C CB    . THR A 7  ? 0.2902 0.2824 0.4308 -0.0251 -0.1157 -0.0236 57  THR A CB    
44  O OG1   . THR A 7  ? 0.3994 0.3649 0.4251 -0.0705 -0.1481 0.0101  57  THR A OG1   
45  C CG2   . THR A 7  ? 0.4697 0.3413 0.4858 0.0016  -0.0507 -0.0682 57  THR A CG2   
46  N N     . LYS A 8  ? 0.2617 0.3032 0.2682 -0.0144 -0.0236 -0.0283 58  LYS A N     
47  C CA    . LYS A 8  ? 0.2896 0.3149 0.3783 -0.0028 -0.0095 -0.0209 58  LYS A CA    
48  C C     . LYS A 8  ? 0.2658 0.3113 0.2759 0.0607  -0.0523 0.0193  58  LYS A C     
49  O O     . LYS A 8  ? 0.3710 0.3004 0.3348 0.0252  -0.0743 0.0223  58  LYS A O     
50  C CB    . LYS A 8  ? 0.3231 0.3705 0.4217 0.0109  -0.0158 -0.0647 58  LYS A CB    
51  C CG    . LYS A 8  ? 0.3259 0.4782 0.5211 -0.0313 -0.0299 -0.0715 58  LYS A CG    
52  C CD    . LYS A 8  ? 0.3923 0.5965 0.5978 -0.0810 0.0301  -0.1035 58  LYS A CD    
53  C CE    . LYS A 8  ? 0.5005 0.7252 0.6432 -0.1033 0.0662  -0.1010 58  LYS A CE    
54  N NZ    . LYS A 8  ? 0.5676 0.7559 0.6642 -0.1121 0.0939  -0.1292 58  LYS A NZ    
55  N N     . VAL A 9  ? 0.2412 0.2852 0.2107 -0.0028 -0.0465 -0.0077 59  VAL A N     
56  C CA    . VAL A 9  ? 0.2631 0.2774 0.2208 -0.0333 -0.0369 0.0102  59  VAL A CA    
57  C C     . VAL A 9  ? 0.3059 0.2473 0.1765 -0.0331 -0.0776 -0.0041 59  VAL A C     
58  O O     . VAL A 9  ? 0.3270 0.2794 0.1783 -0.0023 -0.0386 -0.0174 59  VAL A O     
59  C CB    . VAL A 9  ? 0.2732 0.2887 0.2235 -0.0158 -0.0237 0.0130  59  VAL A CB    
60  C CG1   . VAL A 9  ? 0.3249 0.2569 0.2285 -0.0338 -0.0009 0.0319  59  VAL A CG1   
61  C CG2   . VAL A 9  ? 0.3702 0.3318 0.2322 -0.0048 -0.0451 -0.0255 59  VAL A CG2   
62  N N     . LEU A 10 ? 0.3195 0.2239 0.2544 -0.0176 -0.0532 -0.0156 60  LEU A N     
63  C CA    . LEU A 10 ? 0.3278 0.2076 0.2305 0.0391  -0.0994 0.0197  60  LEU A CA    
64  C C     . LEU A 10 ? 0.2921 0.2387 0.2097 0.0500  -0.0843 -0.0293 60  LEU A C     
65  O O     . LEU A 10 ? 0.3456 0.2393 0.2071 0.0306  -0.0334 -0.0227 60  LEU A O     
66  C CB    . LEU A 10 ? 0.3317 0.2394 0.2454 0.0190  -0.0602 0.0227  60  LEU A CB    
67  C CG    . LEU A 10 ? 0.2993 0.2768 0.3137 0.0561  -0.0769 0.0197  60  LEU A CG    
68  C CD1   . LEU A 10 ? 0.3442 0.3146 0.3508 0.0425  -0.0838 0.0219  60  LEU A CD1   
69  C CD2   . LEU A 10 ? 0.3797 0.3179 0.3258 0.1136  -0.0493 0.0191  60  LEU A CD2   
70  N N     . GLY A 11 ? 0.2677 0.2246 0.1994 -0.0272 -0.0514 -0.0064 61  GLY A N     
71  C CA    . GLY A 11 ? 0.2736 0.2339 0.2112 -0.0477 -0.0515 -0.0161 61  GLY A CA    
72  C C     . GLY A 11 ? 0.2679 0.1805 0.2060 0.0310  -0.0708 -0.0002 61  GLY A C     
73  O O     . GLY A 11 ? 0.3286 0.2245 0.2382 0.0149  -0.0321 -0.0396 61  GLY A O     
74  N N     . THR A 12 ? 0.2767 0.2389 0.1916 0.0171  -0.0701 0.0162  62  THR A N     
75  C CA    . THR A 12 ? 0.3341 0.2280 0.2118 -0.0204 -0.0975 0.0096  62  THR A CA    
76  C C     . THR A 12 ? 0.3403 0.1837 0.2107 0.0360  -0.0239 -0.0607 62  THR A C     
77  O O     . THR A 12 ? 0.3277 0.2446 0.1947 0.0577  -0.0349 -0.0386 62  THR A O     
78  C CB    . THR A 12 ? 0.4822 0.2321 0.3132 -0.0130 -0.1862 0.0691  62  THR A CB    
79  O OG1   . THR A 12 ? 0.4731 0.3546 0.4727 0.0183  -0.1862 0.1005  62  THR A OG1   
80  C CG2   . THR A 12 ? 0.5568 0.3581 0.4219 0.0346  -0.1609 -0.0529 62  THR A CG2   
81  N N     . VAL A 13 ? 0.2661 0.2312 0.1954 0.0416  -0.0565 -0.0147 63  VAL A N     
82  C CA    . VAL A 13 ? 0.2080 0.2073 0.1968 0.0218  -0.0467 0.0013  63  VAL A CA    
83  C C     . VAL A 13 ? 0.2235 0.2150 0.2373 0.0298  -0.0163 0.0010  63  VAL A C     
84  O O     . VAL A 13 ? 0.2670 0.2317 0.2905 0.0160  0.0072  -0.0296 63  VAL A O     
85  C CB    . VAL A 13 ? 0.2846 0.2189 0.1886 0.0397  -0.0242 -0.0224 63  VAL A CB    
86  C CG1   . VAL A 13 ? 0.2372 0.2106 0.2046 0.0035  -0.0311 0.0371  63  VAL A CG1   
87  C CG2   . VAL A 13 ? 0.2595 0.2194 0.2363 0.0186  -0.0582 -0.0118 63  VAL A CG2   
88  N N     . LYS A 14 ? 0.2265 0.2452 0.1922 0.0117  -0.0444 0.0307  64  LYS A N     
89  C CA    . LYS A 14 ? 0.2741 0.2650 0.2105 0.0111  -0.0494 0.0074  64  LYS A CA    
90  C C     . LYS A 14 ? 0.2456 0.2280 0.2384 -0.0091 -0.0318 0.0188  64  LYS A C     
91  O O     . LYS A 14 ? 0.3226 0.2496 0.2382 -0.0086 -0.0254 0.0065  64  LYS A O     
92  C CB    . LYS A 14 ? 0.2975 0.2808 0.2651 0.0211  0.0054  -0.0222 64  LYS A CB    
93  C CG    . LYS A 14 ? 0.3001 0.4303 0.3928 0.0075  -0.0115 -0.0970 64  LYS A CG    
94  C CD    . LYS A 14 ? 0.4851 0.5430 0.5134 0.0268  0.0099  -0.1421 64  LYS A CD    
95  C CE    . LYS A 14 ? 0.5638 0.5648 0.5139 0.0266  0.0304  -0.1577 64  LYS A CE    
96  N NZ    . LYS A 14 ? 0.5267 0.5535 0.6124 0.0700  0.0124  -0.1877 64  LYS A NZ    
97  N N     . TRP A 15 ? 0.2593 0.2590 0.1999 -0.0050 -0.0062 0.0273  65  TRP A N     
98  C CA    . TRP A 15 ? 0.2284 0.2947 0.1888 -0.0058 -0.0355 0.0367  65  TRP A CA    
99  C C     . TRP A 15 ? 0.2575 0.2496 0.1691 0.0478  0.0001  -0.0260 65  TRP A C     
100 O O     . TRP A 15 ? 0.3062 0.2194 0.1753 0.0315  -0.0197 -0.0129 65  TRP A O     
101 C CB    . TRP A 15 ? 0.1977 0.3271 0.2661 -0.0061 -0.0074 0.0069  65  TRP A CB    
102 C CG    . TRP A 15 ? 0.2196 0.3757 0.2397 0.0513  -0.0093 0.0345  65  TRP A CG    
103 C CD1   . TRP A 15 ? 0.3165 0.4024 0.3052 0.0138  0.0333  0.0050  65  TRP A CD1   
104 C CD2   . TRP A 15 ? 0.2545 0.3372 0.2322 0.0522  -0.0342 0.0240  65  TRP A CD2   
105 N NE1   . TRP A 15 ? 0.3343 0.4270 0.3196 0.0317  0.0433  0.0487  65  TRP A NE1   
106 C CE2   . TRP A 15 ? 0.2350 0.4026 0.2902 0.0429  -0.0027 -0.0011 65  TRP A CE2   
107 C CE3   . TRP A 15 ? 0.3235 0.2947 0.2597 0.0266  -0.0620 0.0269  65  TRP A CE3   
108 C CZ2   . TRP A 15 ? 0.2610 0.4121 0.2972 0.0008  -0.0061 -0.0020 65  TRP A CZ2   
109 C CZ3   . TRP A 15 ? 0.2464 0.3215 0.3303 -0.0130 -0.0257 -0.0021 65  TRP A CZ3   
110 C CH2   . TRP A 15 ? 0.2682 0.3789 0.3390 0.0198  -0.0490 -0.0088 65  TRP A CH2   
111 N N     . PHE A 16 ? 0.2565 0.2105 0.2045 0.0034  -0.0260 -0.0120 66  PHE A N     
112 C CA    . PHE A 16 ? 0.2366 0.2200 0.1997 0.0102  -0.0294 0.0125  66  PHE A CA    
113 C C     . PHE A 16 ? 0.2601 0.2166 0.2070 0.0168  -0.0582 0.0442  66  PHE A C     
114 O O     . PHE A 16 ? 0.2788 0.2281 0.2429 -0.0045 -0.0534 -0.0169 66  PHE A O     
115 C CB    . PHE A 16 ? 0.2468 0.2002 0.2432 0.0100  -0.0091 -0.0114 66  PHE A CB    
116 C CG    . PHE A 16 ? 0.2331 0.1964 0.2234 -0.0120 -0.0400 0.0205  66  PHE A CG    
117 C CD1   . PHE A 16 ? 0.2857 0.2799 0.2042 0.0116  -0.0341 0.0161  66  PHE A CD1   
118 C CD2   . PHE A 16 ? 0.2240 0.2126 0.3584 -0.0101 -0.0563 -0.0440 66  PHE A CD2   
119 C CE1   . PHE A 16 ? 0.2647 0.2680 0.2570 -0.0225 -0.0390 0.0297  66  PHE A CE1   
120 C CE2   . PHE A 16 ? 0.2753 0.2352 0.3436 -0.0286 -0.0425 0.0043  66  PHE A CE2   
121 C CZ    . PHE A 16 ? 0.3044 0.2453 0.2909 -0.0256 -0.0257 0.0545  66  PHE A CZ    
122 N N     . ASN A 17 ? 0.2511 0.2252 0.1731 0.0154  -0.0220 0.0286  67  ASN A N     
123 C CA    . ASN A 17 ? 0.2829 0.2513 0.1811 0.0188  -0.0553 0.0448  67  ASN A CA    
124 C C     . ASN A 17 ? 0.2989 0.2649 0.1876 -0.0099 -0.0641 0.0061  67  ASN A C     
125 O O     . ASN A 17 ? 0.2740 0.2282 0.2279 0.0138  -0.0369 -0.0024 67  ASN A O     
126 C CB    . ASN A 17 ? 0.2522 0.2674 0.2525 0.0390  -0.0561 0.0276  67  ASN A CB    
127 C CG    . ASN A 17 ? 0.2575 0.2790 0.2544 -0.0229 -0.0234 0.0439  67  ASN A CG    
128 O OD1   . ASN A 17 ? 0.2917 0.3106 0.2623 0.0119  -0.0434 0.0342  67  ASN A OD1   
129 N ND2   . ASN A 17 ? 0.2472 0.3605 0.3279 -0.0848 -0.0065 -0.0008 67  ASN A ND2   
130 N N     . VAL A 18 ? 0.2173 0.2809 0.1937 -0.0171 -0.0457 0.0210  68  VAL A N     
131 C CA    . VAL A 18 ? 0.2638 0.2796 0.2072 0.0034  -0.0109 0.0197  68  VAL A CA    
132 C C     . VAL A 18 ? 0.2649 0.2898 0.2236 -0.0326 -0.0358 0.0290  68  VAL A C     
133 O O     . VAL A 18 ? 0.3611 0.2827 0.2627 -0.0449 -0.0226 0.0185  68  VAL A O     
134 C CB    . VAL A 18 ? 0.3122 0.2782 0.2920 0.0219  -0.0330 -0.0522 68  VAL A CB    
135 C CG1   . VAL A 18 ? 0.3073 0.3236 0.3215 0.0549  -0.0597 -0.0461 68  VAL A CG1   
136 C CG2   . VAL A 18 ? 0.3409 0.2725 0.2788 -0.0502 -0.0196 0.0050  68  VAL A CG2   
137 N N     . ARG A 19 ? 0.2626 0.2927 0.1723 0.0138  -0.0407 -0.0086 69  ARG A N     
138 C CA    . ARG A 19 ? 0.3047 0.2875 0.1978 0.0177  -0.0744 0.0149  69  ARG A CA    
139 C C     . ARG A 19 ? 0.3165 0.2539 0.2360 0.0646  -0.0217 -0.0177 69  ARG A C     
140 O O     . ARG A 19 ? 0.3841 0.2411 0.2883 0.0182  -0.0780 0.0069  69  ARG A O     
141 C CB    . ARG A 19 ? 0.3011 0.3084 0.2951 0.0383  -0.1263 0.0165  69  ARG A CB    
142 C CG    . ARG A 19 ? 0.3739 0.4320 0.3250 0.0695  -0.1066 -0.0119 69  ARG A CG    
143 C CD    . ARG A 19 ? 0.4629 0.5743 0.5115 0.0848  -0.0961 -0.0916 69  ARG A CD    
144 N NE    . ARG A 19 ? 0.6444 0.7247 0.7614 0.0660  -0.0924 -0.2197 69  ARG A NE    
145 C CZ    . ARG A 19 ? 0.7244 0.7833 0.8239 0.0622  -0.0666 -0.2898 69  ARG A CZ    
146 N NH1   . ARG A 19 ? 0.7877 0.8183 0.8327 0.0238  -0.0336 -0.2875 69  ARG A NH1   
147 N NH2   . ARG A 19 ? 0.6874 0.7841 0.8361 0.0946  -0.0875 -0.3084 69  ARG A NH2   
148 N N     . ASN A 20 ? 0.3183 0.2539 0.2230 0.0523  -0.0350 -0.0317 70  ASN A N     
149 C CA    . ASN A 20 ? 0.3643 0.2903 0.2265 0.0876  -0.0499 -0.0410 70  ASN A CA    
150 C C     . ASN A 20 ? 0.3381 0.2666 0.2261 0.0555  -0.1136 -0.0159 70  ASN A C     
151 O O     . ASN A 20 ? 0.4484 0.2661 0.2834 0.0379  -0.1012 -0.0219 70  ASN A O     
152 C CB    . ASN A 20 ? 0.3685 0.4314 0.3603 0.0486  0.0126  -0.1217 70  ASN A CB    
153 C CG    . ASN A 20 ? 0.5049 0.5527 0.6213 -0.0585 0.0028  -0.1253 70  ASN A CG    
154 O OD1   . ASN A 20 ? 0.5635 0.5674 0.6682 -0.0669 0.0607  -0.1611 70  ASN A OD1   
155 N ND2   . ASN A 20 ? 0.5017 0.5318 0.6450 -0.0563 -0.0290 -0.0989 70  ASN A ND2   
156 N N     . GLY A 21 ? 0.2826 0.2776 0.1870 0.0336  -0.0583 0.0178  71  GLY A N     
157 C CA    . GLY A 21 ? 0.2953 0.3043 0.1984 -0.0278 -0.0872 0.0277  71  GLY A CA    
158 C C     . GLY A 21 ? 0.2400 0.2977 0.2146 0.0083  -0.0516 0.0053  71  GLY A C     
159 O O     . GLY A 21 ? 0.2879 0.2855 0.2366 -0.0147 -0.0430 0.0184  71  GLY A O     
160 N N     . TYR A 22 ? 0.3012 0.2535 0.1624 0.0258  -0.0276 0.0172  72  TYR A N     
161 C CA    . TYR A 22 ? 0.3086 0.2201 0.1829 0.0191  -0.0186 0.0048  72  TYR A CA    
162 C C     . TYR A 22 ? 0.2963 0.2513 0.1594 0.0191  -0.0060 0.0122  72  TYR A C     
163 O O     . TYR A 22 ? 0.2608 0.2573 0.1952 0.0405  -0.0323 -0.0107 72  TYR A O     
164 C CB    . TYR A 22 ? 0.3240 0.2386 0.2805 0.0539  -0.0114 -0.0559 72  TYR A CB    
165 C CG    . TYR A 22 ? 0.3654 0.3067 0.2204 0.1020  -0.0018 -0.0256 72  TYR A CG    
166 C CD1   . TYR A 22 ? 0.3316 0.4239 0.2950 0.1463  -0.0231 -0.0753 72  TYR A CD1   
167 C CD2   . TYR A 22 ? 0.4097 0.3399 0.2706 0.0959  -0.0019 -0.0198 72  TYR A CD2   
168 C CE1   . TYR A 22 ? 0.2908 0.4917 0.2973 0.1221  -0.0373 -0.0313 72  TYR A CE1   
169 C CE2   . TYR A 22 ? 0.4091 0.3964 0.3408 0.1374  -0.0671 -0.0358 72  TYR A CE2   
170 C CZ    . TYR A 22 ? 0.3514 0.4450 0.3831 0.1419  -0.1098 -0.0487 72  TYR A CZ    
171 O OH    . TYR A 22 ? 0.4111 0.5561 0.4987 0.1453  -0.1211 -0.1138 72  TYR A OH    
172 N N     . GLY A 23 ? 0.2822 0.2225 0.1828 0.0063  -0.0124 0.0131  73  GLY A N     
173 C CA    . GLY A 23 ? 0.2526 0.2495 0.1773 0.0273  -0.0077 0.0302  73  GLY A CA    
174 C C     . GLY A 23 ? 0.2211 0.2697 0.1665 0.0279  -0.0324 0.0037  73  GLY A C     
175 O O     . GLY A 23 ? 0.2390 0.2617 0.2080 0.0218  -0.0114 -0.0115 73  GLY A O     
176 N N     . PHE A 24 ? 0.2748 0.2554 0.1639 0.0431  -0.0094 0.0074  74  PHE A N     
177 C CA    . PHE A 24 ? 0.2246 0.2222 0.1784 0.0454  0.0418  0.0045  74  PHE A CA    
178 C C     . PHE A 24 ? 0.2887 0.2144 0.1790 0.0414  0.0260  -0.0278 74  PHE A C     
179 O O     . PHE A 24 ? 0.2866 0.2258 0.1966 0.0264  -0.0093 -0.0169 74  PHE A O     
180 C CB    . PHE A 24 ? 0.2342 0.2858 0.2036 0.0306  0.0435  -0.0067 74  PHE A CB    
181 C CG    . PHE A 24 ? 0.1905 0.3048 0.2474 0.0579  0.0261  0.0027  74  PHE A CG    
182 C CD1   . PHE A 24 ? 0.1967 0.3772 0.2471 0.0490  0.0352  0.0433  74  PHE A CD1   
183 C CD2   . PHE A 24 ? 0.2625 0.3236 0.2833 0.0353  0.0401  -0.0190 74  PHE A CD2   
184 C CE1   . PHE A 24 ? 0.2501 0.3634 0.3488 0.1115  -0.0371 -0.0055 74  PHE A CE1   
185 C CE2   . PHE A 24 ? 0.2670 0.3236 0.3574 0.0836  0.0262  -0.0530 74  PHE A CE2   
186 C CZ    . PHE A 24 ? 0.2770 0.3038 0.3609 0.1018  -0.0011 -0.0263 74  PHE A CZ    
187 N N     . ILE A 25 ? 0.2898 0.2452 0.1826 0.0339  -0.0188 -0.0133 75  ILE A N     
188 C CA    . ILE A 25 ? 0.2257 0.2341 0.2217 0.0704  -0.0516 -0.0044 75  ILE A CA    
189 C C     . ILE A 25 ? 0.3608 0.2170 0.1851 -0.0003 -0.0601 0.0280  75  ILE A C     
190 O O     . ILE A 25 ? 0.3581 0.2606 0.1750 0.0187  -0.0024 -0.0228 75  ILE A O     
191 C CB    . ILE A 25 ? 0.2355 0.2490 0.1564 0.0498  0.0164  0.0073  75  ILE A CB    
192 C CG1   . ILE A 25 ? 0.2630 0.2500 0.2017 0.0272  0.0339  0.0029  75  ILE A CG1   
193 C CG2   . ILE A 25 ? 0.2306 0.2351 0.2652 0.0587  0.0036  0.0391  75  ILE A CG2   
194 C CD1   . ILE A 25 ? 0.2636 0.2652 0.2681 -0.0110 0.0320  0.0255  75  ILE A CD1   
195 N N     . ASN A 26 ? 0.2674 0.2531 0.1662 0.0199  -0.0053 0.0015  76  ASN A N     
196 C CA    . ASN A 26 ? 0.2768 0.2667 0.1990 -0.0055 -0.0005 0.0092  76  ASN A CA    
197 C C     . ASN A 26 ? 0.3093 0.2364 0.1654 -0.0021 -0.0046 -0.0367 76  ASN A C     
198 O O     . ASN A 26 ? 0.3474 0.2581 0.2033 0.0418  -0.0254 -0.0160 76  ASN A O     
199 C CB    . ASN A 26 ? 0.3212 0.2632 0.2301 -0.0130 -0.0029 -0.0384 76  ASN A CB    
200 C CG    . ASN A 26 ? 0.3444 0.2987 0.2512 0.0013  0.0107  -0.0170 76  ASN A CG    
201 O OD1   . ASN A 26 ? 0.4269 0.3198 0.2949 -0.0519 -0.0063 0.0101  76  ASN A OD1   
202 N ND2   . ASN A 26 ? 0.3169 0.3117 0.2604 -0.0193 0.0046  0.0065  76  ASN A ND2   
203 N N     . ARG A 27 ? 0.3024 0.2423 0.1750 0.0048  -0.0091 -0.0038 77  ARG A N     
204 C CA    . ARG A 27 ? 0.3194 0.2141 0.1979 0.0161  -0.0605 0.0067  77  ARG A CA    
205 C C     . ARG A 27 ? 0.2931 0.2214 0.2076 0.0263  0.0102  -0.0118 77  ARG A C     
206 O O     . ARG A 27 ? 0.3913 0.2383 0.2170 0.0232  0.0272  0.0171  77  ARG A O     
207 C CB    . ARG A 27 ? 0.3574 0.2035 0.2158 -0.0059 -0.0527 -0.0193 77  ARG A CB    
208 C CG    . ARG A 27 ? 0.4063 0.1999 0.2149 0.0089  -0.0219 -0.0268 77  ARG A CG    
209 C CD    . ARG A 27 ? 0.2888 0.2500 0.2193 0.0188  -0.0246 -0.0135 77  ARG A CD    
210 N NE    . ARG A 27 ? 0.3369 0.2658 0.2293 0.0039  -0.0366 -0.0019 77  ARG A NE    
211 C CZ    . ARG A 27 ? 0.3527 0.3156 0.3153 -0.0505 -0.0392 -0.0204 77  ARG A CZ    
212 N NH1   . ARG A 27 ? 0.4572 0.2909 0.2857 -0.0131 0.0040  -0.0498 77  ARG A NH1   
213 N NH2   . ARG A 27 ? 0.3542 0.3261 0.2972 -0.0847 -0.0608 0.0459  77  ARG A NH2   
214 N N     . ASN A 28 ? 0.4216 0.2181 0.1727 0.0845  -0.0170 0.0045  78  ASN A N     
215 C CA    . ASN A 28 ? 0.4938 0.2592 0.1780 0.0359  -0.0185 0.0380  78  ASN A CA    
216 C C     . ASN A 28 ? 0.4885 0.2830 0.2083 0.0794  -0.0266 0.0367  78  ASN A C     
217 O O     . ASN A 28 ? 0.5720 0.2906 0.2553 0.0958  0.0131  0.0321  78  ASN A O     
218 C CB    . ASN A 28 ? 0.4815 0.2365 0.2413 0.0931  -0.0482 -0.0043 78  ASN A CB    
219 C CG    . ASN A 28 ? 0.3952 0.2148 0.2514 0.0663  -0.0364 0.0054  78  ASN A CG    
220 O OD1   . ASN A 28 ? 0.3877 0.2824 0.2672 0.0646  -0.0227 -0.0153 78  ASN A OD1   
221 N ND2   . ASN A 28 ? 0.3365 0.2592 0.3099 0.0416  0.0056  -0.0134 78  ASN A ND2   
222 N N     . ASP A 29 ? 0.4055 0.2871 0.1669 0.0807  -0.0357 0.0126  79  ASP A N     
223 C CA    . ASP A 29 ? 0.4216 0.2767 0.1775 0.0434  -0.0106 0.0054  79  ASP A CA    
224 C C     . ASP A 29 ? 0.3672 0.3111 0.2398 0.0316  -0.0269 -0.0051 79  ASP A C     
225 O O     . ASP A 29 ? 0.4153 0.3416 0.2360 0.0296  0.0110  0.0171  79  ASP A O     
226 C CB    . ASP A 29 ? 0.3110 0.3313 0.2736 0.0459  -0.0363 0.0105  79  ASP A CB    
227 C CG    . ASP A 29 ? 0.3260 0.3610 0.3245 -0.0079 -0.0304 0.0068  79  ASP A CG    
228 O OD1   . ASP A 29 ? 0.3562 0.2892 0.2443 0.0116  -0.0284 -0.0088 79  ASP A OD1   
229 O OD2   . ASP A 29 ? 0.3571 0.4127 0.3473 -0.0519 -0.0730 0.0628  79  ASP A OD2   
230 N N     . THR A 30 ? 0.3546 0.2674 0.1885 0.0491  0.0289  -0.0324 80  THR A N     
231 C CA    . THR A 30 ? 0.3418 0.2323 0.1684 0.0139  0.0352  -0.0026 80  THR A CA    
232 C C     . THR A 30 ? 0.3236 0.2833 0.1684 -0.0453 0.0002  0.0336  80  THR A C     
233 O O     . THR A 30 ? 0.3607 0.3235 0.2306 -0.0677 0.0449  -0.0167 80  THR A O     
234 C CB    . THR A 30 ? 0.3500 0.2664 0.2180 0.0168  -0.0211 0.0059  80  THR A CB    
235 O OG1   . THR A 30 ? 0.3259 0.2712 0.2121 0.0222  0.0088  -0.0096 80  THR A OG1   
236 C CG2   . THR A 30 ? 0.2918 0.3103 0.2645 0.0356  0.0019  -0.0564 80  THR A CG2   
237 N N     . LYS A 31 ? 0.3847 0.2718 0.1609 -0.0308 -0.0229 -0.0010 81  LYS A N     
238 C CA    . LYS A 31 ? 0.3870 0.3056 0.1766 -0.0581 0.0083  -0.0004 81  LYS A CA    
239 C C     . LYS A 31 ? 0.3565 0.3509 0.2104 -0.0056 0.0108  0.0064  81  LYS A C     
240 O O     . LYS A 31 ? 0.3610 0.3669 0.2332 -0.0265 0.0209  -0.0136 81  LYS A O     
241 C CB    . LYS A 31 ? 0.4369 0.2830 0.2891 -0.0750 0.0258  0.0011  81  LYS A CB    
242 C CG    . LYS A 31 ? 0.4733 0.2768 0.2890 -0.0329 0.0325  -0.0215 81  LYS A CG    
243 C CD    . LYS A 31 ? 0.5099 0.3432 0.4383 -0.0417 -0.0512 -0.0413 81  LYS A CD    
244 C CE    . LYS A 31 ? 0.6379 0.4194 0.4778 -0.0262 -0.0555 -0.1093 81  LYS A CE    
245 N NZ    . LYS A 31 ? 0.6783 0.3715 0.3992 -0.0683 -0.0489 -0.0996 81  LYS A NZ    
246 N N     . GLU A 32 ? 0.3740 0.3085 0.2062 0.0236  0.0171  0.0262  82  GLU A N     
247 C CA    . GLU A 32 ? 0.3313 0.3055 0.2222 0.0158  0.0388  0.0143  82  GLU A CA    
248 C C     . GLU A 32 ? 0.3738 0.2573 0.2274 0.0033  0.0135  0.0111  82  GLU A C     
249 O O     . GLU A 32 ? 0.3154 0.2905 0.2258 0.0252  -0.0069 -0.0232 82  GLU A O     
250 C CB    . GLU A 32 ? 0.4400 0.2999 0.2303 0.0592  0.0255  -0.0085 82  GLU A CB    
251 C CG    . GLU A 32 ? 0.4457 0.4571 0.2802 0.0359  0.0465  -0.0243 82  GLU A CG    
252 C CD    . GLU A 32 ? 0.5581 0.5515 0.3540 0.0210  0.0641  -0.0175 82  GLU A CD    
253 O OE1   . GLU A 32 ? 0.6765 0.6188 0.5096 0.0181  0.0566  -0.0368 82  GLU A OE1   
254 O OE2   . GLU A 32 ? 0.6533 0.6232 0.5954 -0.0569 0.0394  -0.0335 82  GLU A OE2   
255 N N     . ASP A 33 ? 0.3760 0.2686 0.2017 0.0406  0.0128  -0.0081 83  ASP A N     
256 C CA    . ASP A 33 ? 0.3371 0.2850 0.2242 -0.0075 0.0208  0.0198  83  ASP A CA    
257 C C     . ASP A 33 ? 0.2595 0.2785 0.1867 0.0791  0.0156  0.0035  83  ASP A C     
258 O O     . ASP A 33 ? 0.3589 0.2830 0.2369 0.0772  0.0095  -0.0358 83  ASP A O     
259 C CB    . ASP A 33 ? 0.2804 0.3282 0.3092 -0.0111 -0.0149 -0.0043 83  ASP A CB    
260 C CG    . ASP A 33 ? 0.3911 0.4139 0.3444 -0.0293 -0.0454 0.0571  83  ASP A CG    
261 O OD1   . ASP A 33 ? 0.3681 0.3685 0.2732 -0.0112 -0.0374 0.0265  83  ASP A OD1   
262 O OD2   . ASP A 33 ? 0.4058 0.4607 0.4296 -0.0205 -0.0767 0.0609  83  ASP A OD2   
263 N N     . VAL A 34 ? 0.3122 0.2710 0.1825 0.0271  0.0259  0.0220  84  VAL A N     
264 C CA    . VAL A 34 ? 0.3542 0.2686 0.1848 0.0569  -0.0225 -0.0025 84  VAL A CA    
265 C C     . VAL A 34 ? 0.3526 0.2211 0.1621 0.0408  -0.0202 -0.0147 84  VAL A C     
266 O O     . VAL A 34 ? 0.3461 0.1917 0.2156 0.0547  -0.0331 -0.0332 84  VAL A O     
267 C CB    . VAL A 34 ? 0.3471 0.4055 0.1928 -0.0594 -0.0853 0.0367  84  VAL A CB    
268 C CG1   . VAL A 34 ? 0.4359 0.4968 0.2928 -0.0286 -0.0834 -0.0040 84  VAL A CG1   
269 C CG2   . VAL A 34 ? 0.4469 0.4965 0.1916 -0.0557 -0.0110 0.0007  84  VAL A CG2   
270 N N     . PHE A 35 ? 0.3077 0.2338 0.2192 0.0356  -0.0120 0.0375  85  PHE A N     
271 C CA    . PHE A 35 ? 0.2797 0.1970 0.2084 0.0494  0.0086  0.0210  85  PHE A CA    
272 C C     . PHE A 35 ? 0.2644 0.2366 0.1894 0.0202  -0.0267 0.0075  85  PHE A C     
273 O O     . PHE A 35 ? 0.3040 0.2889 0.2226 0.0142  -0.0337 -0.0270 85  PHE A O     
274 C CB    . PHE A 35 ? 0.3356 0.2431 0.2168 0.0933  -0.0212 -0.0034 85  PHE A CB    
275 C CG    . PHE A 35 ? 0.4047 0.2271 0.1958 0.1094  -0.0337 -0.0021 85  PHE A CG    
276 C CD1   . PHE A 35 ? 0.4181 0.2760 0.2617 0.1164  -0.0961 -0.0074 85  PHE A CD1   
277 C CD2   . PHE A 35 ? 0.4511 0.2534 0.2465 0.0338  0.0022  0.0352  85  PHE A CD2   
278 C CE1   . PHE A 35 ? 0.3842 0.2478 0.2699 0.0777  -0.0561 0.0112  85  PHE A CE1   
279 C CE2   . PHE A 35 ? 0.4476 0.2714 0.2580 0.0574  -0.0455 0.0506  85  PHE A CE2   
280 C CZ    . PHE A 35 ? 0.4209 0.2411 0.2409 0.0474  -0.0518 0.0449  85  PHE A CZ    
281 N N     . VAL A 36 ? 0.2849 0.2414 0.1745 -0.0022 0.0196  0.0026  86  VAL A N     
282 C CA    . VAL A 36 ? 0.2791 0.2406 0.1854 0.0182  0.0013  0.0334  86  VAL A CA    
283 C C     . VAL A 36 ? 0.3170 0.2392 0.1677 -0.0200 -0.0217 0.0187  86  VAL A C     
284 O O     . VAL A 36 ? 0.3029 0.2588 0.2199 -0.0307 -0.0470 0.0122  86  VAL A O     
285 C CB    . VAL A 36 ? 0.2117 0.2549 0.2042 0.0187  0.0117  -0.0078 86  VAL A CB    
286 C CG1   . VAL A 36 ? 0.2852 0.2315 0.2149 -0.0135 -0.0128 -0.0091 86  VAL A CG1   
287 C CG2   . VAL A 36 ? 0.2408 0.2985 0.2299 0.0423  -0.0199 0.0093  86  VAL A CG2   
288 N N     . HIS A 37 ? 0.3097 0.2483 0.2217 -0.0107 -0.0521 0.0582  87  HIS A N     
289 C CA    . HIS A 37 ? 0.3364 0.2109 0.2328 0.0063  -0.0099 0.0576  87  HIS A CA    
290 C C     . HIS A 37 ? 0.3534 0.2467 0.1892 -0.0048 -0.0570 0.0142  87  HIS A C     
291 O O     . HIS A 37 ? 0.2954 0.2812 0.2272 0.0111  -0.0378 0.0126  87  HIS A O     
292 C CB    . HIS A 37 ? 0.4226 0.2237 0.2332 0.0265  0.0014  0.0559  87  HIS A CB    
293 C CG    . HIS A 37 ? 0.3942 0.2730 0.3164 0.0327  -0.0221 0.0521  87  HIS A CG    
294 N ND1   . HIS A 37 ? 0.4699 0.2782 0.4489 0.0126  -0.0603 0.0527  87  HIS A ND1   
295 C CD2   . HIS A 37 ? 0.3894 0.2877 0.4161 0.0657  -0.0255 0.0319  87  HIS A CD2   
296 C CE1   . HIS A 37 ? 0.5043 0.3350 0.4024 0.0206  -0.0636 0.0716  87  HIS A CE1   
297 N NE2   . HIS A 37 ? 0.5236 0.3340 0.3790 0.0559  -0.0054 0.0833  87  HIS A NE2   
298 N N     . GLN A 38 ? 0.3920 0.2261 0.1830 0.0255  -0.0448 -0.0221 88  GLN A N     
299 C CA    . GLN A 38 ? 0.3653 0.2568 0.2177 0.0466  -0.0596 0.0187  88  GLN A CA    
300 C C     . GLN A 38 ? 0.3312 0.2978 0.2097 0.0097  -0.0344 0.0201  88  GLN A C     
301 O O     . GLN A 38 ? 0.3715 0.3358 0.2192 -0.0010 -0.0430 0.0286  88  GLN A O     
302 C CB    . GLN A 38 ? 0.3569 0.2352 0.2050 0.0264  -0.0372 0.0674  88  GLN A CB    
303 C CG    . GLN A 38 ? 0.4636 0.3601 0.2913 -0.0118 -0.0730 0.0607  88  GLN A CG    
304 C CD    . GLN A 38 ? 0.4258 0.3468 0.2208 -0.0342 -0.0870 0.0720  88  GLN A CD    
305 O OE1   . GLN A 38 ? 0.4176 0.3962 0.2397 -0.0476 -0.0321 0.0263  88  GLN A OE1   
306 N NE2   . GLN A 38 ? 0.5091 0.3169 0.2848 0.0068  -0.0880 0.0665  88  GLN A NE2   
307 N N     . THR A 39 ? 0.3747 0.3088 0.1982 -0.0387 -0.0306 0.0318  89  THR A N     
308 C CA    . THR A 39 ? 0.3796 0.3674 0.2694 -0.0558 -0.0687 0.0962  89  THR A CA    
309 C C     . THR A 39 ? 0.4519 0.3699 0.2391 -0.0728 -0.0345 0.0501  89  THR A C     
310 O O     . THR A 39 ? 0.4356 0.3911 0.2752 -0.1517 -0.0389 0.0844  89  THR A O     
311 C CB    . THR A 39 ? 0.4374 0.3056 0.2370 -0.1002 -0.0509 0.0688  89  THR A CB    
312 O OG1   . THR A 39 ? 0.5109 0.3543 0.3227 -0.0804 -0.0951 0.0213  89  THR A OG1   
313 C CG2   . THR A 39 ? 0.4356 0.3605 0.3326 -0.0676 -0.0151 0.0632  89  THR A CG2   
314 N N     . ALA A 40 ? 0.4398 0.3111 0.1830 -0.0078 -0.0596 0.0248  90  ALA A N     
315 C CA    . ALA A 40 ? 0.3618 0.3166 0.2413 -0.0066 -0.0399 0.0500  90  ALA A CA    
316 C C     . ALA A 40 ? 0.4015 0.2640 0.1901 -0.0290 -0.0326 0.0327  90  ALA A C     
317 O O     . ALA A 40 ? 0.4479 0.3161 0.2242 -0.0517 -0.0834 0.0415  90  ALA A O     
318 C CB    . ALA A 40 ? 0.3263 0.3613 0.2568 -0.0249 -0.0088 0.0615  90  ALA A CB    
319 N N     . ILE A 41 ? 0.3578 0.3039 0.2222 -0.0310 -0.0555 0.0126  91  ILE A N     
320 C CA    . ILE A 41 ? 0.2992 0.3363 0.2637 -0.0114 -0.0599 0.0030  91  ILE A CA    
321 C C     . ILE A 41 ? 0.3750 0.3482 0.2213 0.0122  -0.0663 0.0515  91  ILE A C     
322 O O     . ILE A 41 ? 0.3740 0.3889 0.2385 -0.0389 -0.0447 0.0731  91  ILE A O     
323 C CB    . ILE A 41 ? 0.3445 0.3082 0.2565 -0.0218 -0.0540 0.0214  91  ILE A CB    
324 C CG1   . ILE A 41 ? 0.3042 0.2972 0.2626 -0.0484 -0.0640 0.0242  91  ILE A CG1   
325 C CG2   . ILE A 41 ? 0.3780 0.2463 0.3372 0.0258  -0.0446 0.0069  91  ILE A CG2   
326 C CD1   . ILE A 41 ? 0.3555 0.3312 0.2805 -0.0722 -0.1206 0.0244  91  ILE A CD1   
327 N N     . LYS A 42 ? 0.3002 0.3802 0.2431 -0.0133 -0.0325 0.0422  92  LYS A N     
328 C CA    . LYS A 42 ? 0.2428 0.4544 0.3444 0.0113  0.0195  0.0225  92  LYS A CA    
329 C C     . LYS A 42 ? 0.3704 0.4858 0.4185 -0.0860 0.0634  0.0364  92  LYS A C     
330 O O     . LYS A 42 ? 0.4454 0.4809 0.4386 -0.0738 0.0337  -0.0179 92  LYS A O     
331 C CB    . LYS A 42 ? 0.2830 0.4886 0.4259 0.0390  -0.0135 0.0135  92  LYS A CB    
332 C CG    . LYS A 42 ? 0.4669 0.5424 0.5523 -0.0741 0.0451  -0.0404 92  LYS A CG    
333 C CD    . LYS A 42 ? 0.5545 0.5744 0.6312 -0.1165 0.0275  -0.0771 92  LYS A CD    
334 C CE    . LYS A 42 ? 0.5976 0.5918 0.7021 -0.1158 -0.0087 -0.0843 92  LYS A CE    
335 N NZ    . LYS A 42 ? 0.6352 0.6347 0.7935 -0.1142 -0.0246 -0.0947 92  LYS A NZ    
336 N N     . LYS A 43 ? 0.4539 0.4926 0.5423 -0.0548 0.0757  -0.0492 93  LYS A N     
337 C CA    . LYS A 43 ? 0.5251 0.5026 0.5571 -0.0502 0.1386  -0.0403 93  LYS A CA    
338 C C     . LYS A 43 ? 0.4747 0.4997 0.6191 0.0167  0.1277  -0.0625 93  LYS A C     
339 O O     . LYS A 43 ? 0.5176 0.6026 0.7514 0.0284  0.1284  -0.0734 93  LYS A O     
340 C CB    . LYS A 43 ? 0.6076 0.4616 0.6982 -0.0726 0.1418  -0.1045 93  LYS A CB    
341 C CG    . LYS A 43 ? 0.6676 0.4933 0.8134 -0.0811 0.1177  -0.1127 93  LYS A CG    
342 C CD    . LYS A 43 ? 0.6679 0.4941 0.9218 -0.0974 0.0901  -0.1080 93  LYS A CD    
343 C CE    . LYS A 43 ? 0.6784 0.4877 0.9867 -0.1004 0.0705  -0.1249 93  LYS A CE    
344 N NZ    . LYS A 43 ? 0.6989 0.5804 1.0043 -0.0763 0.0582  -0.1340 93  LYS A NZ    
345 N N     . TYR A 49 ? 0.5908 0.3825 0.4938 0.1546  -0.0420 0.0980  99  TYR A N     
346 C CA    . TYR A 49 ? 0.4367 0.3979 0.6021 0.1739  -0.1230 0.1179  99  TYR A CA    
347 C C     . TYR A 49 ? 0.4420 0.4146 0.6268 0.1372  -0.1109 0.1494  99  TYR A C     
348 O O     . TYR A 49 ? 0.4854 0.3704 0.5673 0.0278  -0.0619 0.2052  99  TYR A O     
349 C CB    . TYR A 49 ? 0.5554 0.5131 0.7081 0.1558  -0.1545 0.0145  99  TYR A CB    
350 N N     . LEU A 50 ? 0.5046 0.3727 0.6419 0.0417  -0.1185 0.1889  100 LEU A N     
351 C CA    . LEU A 50 ? 0.3890 0.3789 0.6803 0.0384  -0.0562 0.1047  100 LEU A CA    
352 C C     . LEU A 50 ? 0.4774 0.4535 0.6674 -0.0025 -0.0359 0.0571  100 LEU A C     
353 O O     . LEU A 50 ? 0.5144 0.4256 0.7025 0.0479  -0.0653 0.0233  100 LEU A O     
354 C CB    . LEU A 50 ? 0.4102 0.4308 0.7890 0.0058  0.0101  0.0292  100 LEU A CB    
355 C CG    . LEU A 50 ? 0.4031 0.4639 0.8336 -0.0571 0.0789  -0.0058 100 LEU A CG    
356 C CD1   . LEU A 50 ? 0.4547 0.4650 0.8043 0.0237  0.0898  -0.0178 100 LEU A CD1   
357 C CD2   . LEU A 50 ? 0.4158 0.4304 0.8141 -0.0106 0.1130  -0.0426 100 LEU A CD2   
358 N N     . ARG A 51 ? 0.5035 0.5357 0.6374 0.0883  0.0235  0.0648  101 ARG A N     
359 C CA    . ARG A 51 ? 0.3497 0.4631 0.5416 0.0914  0.0061  0.1019  101 ARG A CA    
360 C C     . ARG A 51 ? 0.3171 0.3993 0.3609 0.0644  -0.0214 0.1590  101 ARG A C     
361 O O     . ARG A 51 ? 0.3366 0.4718 0.4051 0.0635  0.0009  0.2130  101 ARG A O     
362 C CB    . ARG A 51 ? 0.2577 0.4703 0.3923 0.0683  0.0003  0.0800  101 ARG A CB    
363 C CG    . ARG A 51 ? 0.3318 0.5115 0.3330 0.1115  -0.0460 0.0803  101 ARG A CG    
364 C CD    . ARG A 51 ? 0.3696 0.5543 0.3784 0.1009  -0.0830 0.1270  101 ARG A CD    
365 N NE    . ARG A 51 ? 0.4454 0.5958 0.4212 0.0487  -0.0563 0.0603  101 ARG A NE    
366 C CZ    . ARG A 51 ? 0.4850 0.5910 0.4753 0.0054  -0.0179 0.1251  101 ARG A CZ    
367 N NH1   . ARG A 51 ? 0.4304 0.4964 0.4368 -0.0171 -0.0711 0.1734  101 ARG A NH1   
368 N NH2   . ARG A 51 ? 0.5713 0.6365 0.4741 -0.0343 -0.0076 0.1034  101 ARG A NH2   
369 N N     . SER A 52 ? 0.2947 0.3804 0.2524 -0.0109 -0.0170 0.1045  102 SER A N     
370 C CA    . SER A 52 ? 0.2925 0.3392 0.2156 -0.0729 -0.0057 0.0646  102 SER A CA    
371 C C     . SER A 52 ? 0.2788 0.2933 0.1782 -0.0169 0.0120  0.0257  102 SER A C     
372 O O     . SER A 52 ? 0.3075 0.3041 0.2834 -0.0267 -0.0320 0.0312  102 SER A O     
373 C CB    . SER A 52 ? 0.4048 0.3674 0.2247 0.0096  -0.0400 -0.0251 102 SER A CB    
374 O OG    . SER A 52 ? 0.4800 0.3694 0.2196 -0.0195 -0.0534 -0.0014 102 SER A OG    
375 N N     . VAL A 53 ? 0.2763 0.2429 0.2032 -0.0269 0.0155  0.0254  103 VAL A N     
376 C CA    . VAL A 53 ? 0.2696 0.2388 0.2144 -0.0437 -0.0475 0.0451  103 VAL A CA    
377 C C     . VAL A 53 ? 0.2648 0.2199 0.2759 -0.0080 -0.0228 -0.0346 103 VAL A C     
378 O O     . VAL A 53 ? 0.2329 0.2929 0.2738 0.0018  -0.0295 -0.0062 103 VAL A O     
379 C CB    . VAL A 53 ? 0.2692 0.2619 0.2289 0.0123  -0.0534 0.0111  103 VAL A CB    
380 C CG1   . VAL A 53 ? 0.3110 0.2840 0.2375 -0.0576 -0.0855 0.0070  103 VAL A CG1   
381 C CG2   . VAL A 53 ? 0.2884 0.2555 0.2570 -0.0039 -0.0569 -0.0037 103 VAL A CG2   
382 N N     . GLY A 54 ? 0.3060 0.2364 0.2486 -0.0116 -0.0361 -0.0349 104 GLY A N     
383 C CA    . GLY A 54 ? 0.2458 0.2322 0.2311 -0.0274 -0.0239 -0.0070 104 GLY A CA    
384 C C     . GLY A 54 ? 0.2507 0.2185 0.1846 -0.0019 -0.0310 0.0076  104 GLY A C     
385 O O     . GLY A 54 ? 0.2659 0.2601 0.1992 0.0055  -0.0610 -0.0130 104 GLY A O     
386 N N     . ASP A 55 ? 0.2296 0.2069 0.2625 0.0020  -0.0377 -0.0045 105 ASP A N     
387 C CA    . ASP A 55 ? 0.2412 0.2275 0.2311 0.0282  -0.0219 0.0315  105 ASP A CA    
388 C C     . ASP A 55 ? 0.2383 0.2428 0.2024 0.0080  -0.0302 0.0021  105 ASP A C     
389 O O     . ASP A 55 ? 0.2646 0.2312 0.2276 0.0265  -0.0254 -0.0327 105 ASP A O     
390 C CB    . ASP A 55 ? 0.2424 0.2312 0.2844 0.0089  -0.0784 0.0104  105 ASP A CB    
391 C CG    . ASP A 55 ? 0.2270 0.2227 0.2548 -0.0165 -0.0082 -0.0309 105 ASP A CG    
392 O OD1   . ASP A 55 ? 0.2978 0.2054 0.2489 0.0089  -0.0544 0.0032  105 ASP A OD1   
393 O OD2   . ASP A 55 ? 0.2643 0.2716 0.2584 -0.0106 -0.0315 0.0200  105 ASP A OD2   
394 N N     . GLY A 56 ? 0.2834 0.2271 0.1841 0.0056  -0.0236 0.0137  106 GLY A N     
395 C CA    . GLY A 56 ? 0.2827 0.2642 0.2208 -0.0419 -0.0190 0.0157  106 GLY A CA    
396 C C     . GLY A 56 ? 0.3417 0.2041 0.2170 -0.0648 -0.0050 0.0078  106 GLY A C     
397 O O     . GLY A 56 ? 0.4150 0.2313 0.2659 0.0160  -0.0843 0.0229  106 GLY A O     
398 N N     . GLU A 57 ? 0.2690 0.2240 0.1930 0.0348  -0.0293 -0.0204 107 GLU A N     
399 C CA    . GLU A 57 ? 0.2593 0.3338 0.2212 0.0617  -0.0461 -0.0710 107 GLU A CA    
400 C C     . GLU A 57 ? 0.2728 0.2290 0.1846 0.0431  -0.0241 -0.0392 107 GLU A C     
401 O O     . GLU A 57 ? 0.2860 0.2588 0.2188 0.0768  -0.0654 -0.0556 107 GLU A O     
402 C CB    . GLU A 57 ? 0.3863 0.4730 0.2399 -0.0134 -0.0327 -0.0669 107 GLU A CB    
403 C CG    . GLU A 57 ? 0.4532 0.5382 0.1867 -0.0323 -0.0002 -0.0988 107 GLU A CG    
404 C CD    . GLU A 57 ? 0.4147 0.5968 0.2952 0.0333  -0.0262 -0.0939 107 GLU A CD    
405 O OE1   . GLU A 57 ? 0.5260 0.6109 0.3966 0.1078  -0.0718 -0.0749 107 GLU A OE1   
406 O OE2   . GLU A 57 ? 0.3834 0.5594 0.3937 0.0756  -0.1117 0.0075  107 GLU A OE2   
407 N N     . THR A 58 ? 0.3138 0.2340 0.2199 0.0248  -0.0872 -0.0023 108 THR A N     
408 C CA    . THR A 58 ? 0.2882 0.2092 0.2488 0.0113  -0.1022 0.0192  108 THR A CA    
409 C C     . THR A 58 ? 0.2876 0.2298 0.2471 0.0525  -0.0616 -0.0098 108 THR A C     
410 O O     . THR A 58 ? 0.2662 0.2587 0.3016 0.0359  -0.0585 -0.0567 108 THR A O     
411 C CB    . THR A 58 ? 0.3311 0.2538 0.2733 0.0298  -0.1221 0.0185  108 THR A CB    
412 O OG1   . THR A 58 ? 0.4277 0.2123 0.2860 0.0547  -0.1150 0.0057  108 THR A OG1   
413 C CG2   . THR A 58 ? 0.4010 0.3069 0.2819 0.0483  -0.1673 0.0067  108 THR A CG2   
414 N N     . VAL A 59 ? 0.2872 0.2032 0.2558 0.0386  -0.0612 -0.0244 109 VAL A N     
415 C CA    . VAL A 59 ? 0.2787 0.2040 0.2157 0.0166  -0.0511 -0.0063 109 VAL A CA    
416 C C     . VAL A 59 ? 0.2564 0.2197 0.2046 0.0030  0.0008  -0.0083 109 VAL A C     
417 O O     . VAL A 59 ? 0.2587 0.2465 0.2113 -0.0113 0.0094  -0.0016 109 VAL A O     
418 C CB    . VAL A 59 ? 0.2310 0.2740 0.2168 0.0156  -0.0332 0.0276  109 VAL A CB    
419 C CG1   . VAL A 59 ? 0.3025 0.2983 0.1861 0.0213  -0.0461 0.0106  109 VAL A CG1   
420 C CG2   . VAL A 59 ? 0.2482 0.2825 0.2594 0.0471  -0.0353 0.0034  109 VAL A CG2   
421 N N     . GLU A 60 ? 0.2282 0.2356 0.2650 0.0027  -0.0494 -0.0168 110 GLU A N     
422 C CA    . GLU A 60 ? 0.2134 0.2474 0.2484 -0.0306 -0.0669 -0.0255 110 GLU A CA    
423 C C     . GLU A 60 ? 0.2758 0.2623 0.2546 -0.0419 -0.0332 -0.0393 110 GLU A C     
424 O O     . GLU A 60 ? 0.2962 0.2881 0.2266 -0.0143 0.0040  -0.0285 110 GLU A O     
425 C CB    . GLU A 60 ? 0.2677 0.3268 0.2581 -0.0170 -0.0557 -0.0086 110 GLU A CB    
426 C CG    . GLU A 60 ? 0.2356 0.3873 0.2894 0.0116  -0.0852 -0.0202 110 GLU A CG    
427 C CD    . GLU A 60 ? 0.3177 0.5454 0.4006 0.0573  -0.0967 -0.1065 110 GLU A CD    
428 O OE1   . GLU A 60 ? 0.4189 0.6173 0.5383 0.0710  -0.0666 -0.1282 110 GLU A OE1   
429 O OE2   . GLU A 60 ? 0.3570 0.5131 0.4631 0.0180  -0.1452 -0.1274 110 GLU A OE2   
430 N N     . PHE A 61 ? 0.2174 0.2480 0.2460 -0.0112 -0.0273 -0.0210 111 PHE A N     
431 C CA    . PHE A 61 ? 0.2442 0.2362 0.2597 0.0120  -0.0649 -0.0367 111 PHE A CA    
432 C C     . PHE A 61 ? 0.2866 0.2285 0.2516 -0.0398 -0.0440 0.0302  111 PHE A C     
433 O O     . PHE A 61 ? 0.3172 0.2597 0.2406 -0.0353 -0.0599 0.0232  111 PHE A O     
434 C CB    . PHE A 61 ? 0.2465 0.2626 0.2403 -0.0026 -0.0427 -0.0017 111 PHE A CB    
435 C CG    . PHE A 61 ? 0.2576 0.2866 0.1878 -0.0259 -0.0346 0.0175  111 PHE A CG    
436 C CD1   . PHE A 61 ? 0.2279 0.2483 0.2638 -0.0467 -0.0590 0.0285  111 PHE A CD1   
437 C CD2   . PHE A 61 ? 0.2803 0.3060 0.2223 -0.0223 0.0018  -0.0168 111 PHE A CD2   
438 C CE1   . PHE A 61 ? 0.2538 0.2805 0.2717 -0.0249 -0.0599 0.0467  111 PHE A CE1   
439 C CE2   . PHE A 61 ? 0.3551 0.3010 0.2468 -0.0463 -0.0423 -0.0310 111 PHE A CE2   
440 C CZ    . PHE A 61 ? 0.2895 0.3523 0.2110 -0.0304 -0.0081 -0.0247 111 PHE A CZ    
441 N N     . ASP A 62 ? 0.3213 0.2406 0.1927 -0.0144 0.0056  -0.0065 112 ASP A N     
442 C CA    . ASP A 62 ? 0.3394 0.2339 0.1978 -0.0237 -0.0060 -0.0065 112 ASP A CA    
443 C C     . ASP A 62 ? 0.2934 0.2653 0.1933 -0.0201 0.0087  -0.0301 112 ASP A C     
444 O O     . ASP A 62 ? 0.2820 0.3051 0.1944 0.0089  -0.0091 -0.0112 112 ASP A O     
445 C CB    . ASP A 62 ? 0.2566 0.2989 0.2349 -0.0289 -0.0050 -0.0050 112 ASP A CB    
446 C CG    . ASP A 62 ? 0.3356 0.3585 0.2508 -0.0437 -0.0287 0.0313  112 ASP A CG    
447 O OD1   . ASP A 62 ? 0.2993 0.4291 0.2755 -0.0323 0.0115  0.0121  112 ASP A OD1   
448 O OD2   . ASP A 62 ? 0.4033 0.4237 0.3198 -0.0567 -0.0446 0.0607  112 ASP A OD2   
449 N N     . VAL A 63 ? 0.2689 0.3006 0.2333 -0.0036 -0.0480 -0.0236 113 VAL A N     
450 C CA    . VAL A 63 ? 0.2819 0.2990 0.2171 -0.0060 -0.0366 -0.0271 113 VAL A CA    
451 C C     . VAL A 63 ? 0.4168 0.2472 0.2221 -0.0338 -0.0160 -0.0579 113 VAL A C     
452 O O     . VAL A 63 ? 0.3996 0.2699 0.2182 0.0008  -0.0649 -0.0550 113 VAL A O     
453 C CB    . VAL A 63 ? 0.3234 0.2600 0.2503 0.0285  -0.0216 -0.0139 113 VAL A CB    
454 C CG1   . VAL A 63 ? 0.3269 0.2975 0.3447 0.0179  -0.0166 -0.0085 113 VAL A CG1   
455 C CG2   . VAL A 63 ? 0.3653 0.2402 0.2949 0.0080  -0.0488 -0.0448 113 VAL A CG2   
456 N N     . VAL A 64 ? 0.4171 0.2436 0.2559 0.0349  -0.0679 -0.0340 114 VAL A N     
457 C CA    . VAL A 64 ? 0.4484 0.2896 0.2277 0.0859  -0.0438 -0.0590 114 VAL A CA    
458 C C     . VAL A 64 ? 0.5268 0.3434 0.2574 0.1348  -0.0810 -0.0958 114 VAL A C     
459 O O     . VAL A 64 ? 0.5234 0.3803 0.2930 0.1366  -0.1321 -0.1041 114 VAL A O     
460 C CB    . VAL A 64 ? 0.5187 0.3552 0.2455 0.0329  -0.0779 -0.0101 114 VAL A CB    
461 C CG1   . VAL A 64 ? 0.4663 0.3312 0.2604 0.0330  -0.0598 -0.0165 114 VAL A CG1   
462 C CG2   . VAL A 64 ? 0.5515 0.3780 0.2535 0.0214  -0.1116 -0.0248 114 VAL A CG2   
463 N N     . GLU A 65 ? 0.6727 0.3384 0.2606 0.1078  -0.1075 -0.0776 115 GLU A N     
464 C CA    . GLU A 65 ? 0.6698 0.4263 0.3737 0.2228  -0.1243 -0.1108 115 GLU A CA    
465 C C     . GLU A 65 ? 0.7188 0.4784 0.5643 0.1391  -0.2005 -0.1020 115 GLU A C     
466 O O     . GLU A 65 ? 0.7318 0.5164 0.6245 0.1768  -0.2495 -0.0826 115 GLU A O     
467 C CB    . GLU A 65 ? 0.6931 0.5165 0.4264 0.2330  -0.1350 -0.1866 115 GLU A CB    
468 C CG    . GLU A 65 ? 0.7437 0.5481 0.5196 0.1569  -0.1719 -0.1492 115 GLU A CG    
469 C CD    . GLU A 65 ? 0.7944 0.6474 0.6873 0.0949  -0.1983 -0.1771 115 GLU A CD    
470 O OE1   . GLU A 65 ? 0.7571 0.6249 0.6616 0.1097  -0.2146 -0.1557 115 GLU A OE1   
471 O OE2   . GLU A 65 ? 0.8387 0.6915 0.7746 0.0805  -0.1834 -0.1645 115 GLU A OE2   
472 N N     . GLY A 66 ? 0.6545 0.4995 0.5961 0.1948  -0.2321 -0.0367 116 GLY A N     
473 C CA    . GLY A 66 ? 0.6970 0.4671 0.6673 0.1821  -0.1887 -0.0486 116 GLY A CA    
474 C C     . GLY A 66 ? 0.7273 0.5120 0.7778 0.1742  -0.1667 -0.0444 116 GLY A C     
475 O O     . GLY A 66 ? 0.6919 0.4592 0.7230 0.1861  -0.1659 -0.0639 116 GLY A O     
476 N N     . GLU A 67 ? 0.7152 0.5772 0.8554 0.1236  -0.1289 -0.0833 117 GLU A N     
477 C CA    . GLU A 67 ? 0.7186 0.5974 0.9230 0.1066  -0.0789 -0.1216 117 GLU A CA    
478 C C     . GLU A 67 ? 0.5437 0.5597 0.8265 0.1370  -0.0666 -0.1167 117 GLU A C     
479 O O     . GLU A 67 ? 0.5148 0.5140 0.8437 0.1166  -0.0743 -0.0808 117 GLU A O     
480 C CB    . GLU A 67 ? 0.8279 0.6808 1.0350 0.0763  -0.0597 -0.1403 117 GLU A CB    
481 C CG    . GLU A 67 ? 0.9064 0.6993 1.0985 0.0419  -0.0312 -0.1546 117 GLU A CG    
482 C CD    . GLU A 67 ? 0.9599 0.6931 1.1231 0.0256  -0.0103 -0.1531 117 GLU A CD    
483 O OE1   . GLU A 67 ? 0.9660 0.7318 1.1631 0.0401  -0.0149 -0.1576 117 GLU A OE1   
484 O OE2   . GLU A 67 ? 0.9746 0.6563 1.1060 0.0112  -0.0002 -0.1353 117 GLU A OE2   
485 N N     . LYS A 68 ? 0.4819 0.5760 0.7653 0.1656  -0.0663 -0.1039 118 LYS A N     
486 C CA    . LYS A 68 ? 0.4269 0.6145 0.6786 0.1957  -0.0600 -0.0910 118 LYS A CA    
487 C C     . LYS A 68 ? 0.5498 0.7118 0.7012 0.1932  -0.0350 -0.1196 118 LYS A C     
488 O O     . LYS A 68 ? 0.5846 0.7806 0.7171 0.1865  -0.0743 -0.1207 118 LYS A O     
489 C CB    . LYS A 68 ? 0.4970 0.7194 0.7476 0.1531  -0.0460 -0.0873 118 LYS A CB    
490 C CG    . LYS A 68 ? 0.4785 0.6825 0.6966 0.1770  -0.0535 -0.1044 118 LYS A CG    
491 C CD    . LYS A 68 ? 0.5842 0.7849 0.7741 0.1410  -0.0599 -0.1343 118 LYS A CD    
492 C CE    . LYS A 68 ? 0.6236 0.8178 0.8097 0.1349  -0.0942 -0.1172 118 LYS A CE    
493 N NZ    . LYS A 68 ? 0.6972 0.8492 0.8355 0.1109  -0.1112 -0.1299 118 LYS A NZ    
494 N N     . GLY A 69 ? 0.5563 0.6714 0.6557 0.2438  -0.0028 -0.1394 119 GLY A N     
495 C CA    . GLY A 69 ? 0.5936 0.6916 0.5848 0.2179  0.0099  -0.0966 119 GLY A CA    
496 C C     . GLY A 69 ? 0.4426 0.6026 0.4340 0.2251  0.0264  -0.0794 119 GLY A C     
497 O O     . GLY A 69 ? 0.4945 0.6017 0.5487 0.2280  -0.0282 -0.1312 119 GLY A O     
498 N N     . ALA A 70 ? 0.4989 0.6165 0.3463 0.1677  0.0866  -0.0549 120 ALA A N     
499 C CA    . ALA A 70 ? 0.4743 0.5653 0.2544 0.1730  0.0346  -0.0194 120 ALA A CA    
500 C C     . ALA A 70 ? 0.4076 0.5328 0.2999 0.0796  0.0333  -0.0644 120 ALA A C     
501 O O     . ALA A 70 ? 0.4826 0.6270 0.3686 0.0407  0.0339  -0.0637 120 ALA A O     
502 C CB    . ALA A 70 ? 0.4326 0.5715 0.3856 0.1694  0.0110  -0.0456 120 ALA A CB    
503 N N     . GLU A 71 ? 0.3611 0.5167 0.2504 0.1128  -0.0386 -0.0432 121 GLU A N     
504 C CA    . GLU A 71 ? 0.3214 0.4338 0.1960 0.0656  -0.0051 -0.0614 121 GLU A CA    
505 C C     . GLU A 71 ? 0.2956 0.3695 0.1747 0.0122  -0.0065 -0.0689 121 GLU A C     
506 O O     . GLU A 71 ? 0.3474 0.3609 0.2135 0.0110  -0.0504 -0.0788 121 GLU A O     
507 C CB    . GLU A 71 ? 0.3711 0.4432 0.2316 -0.0004 -0.0224 0.0109  121 GLU A CB    
508 C CG    . GLU A 71 ? 0.4729 0.4697 0.3452 -0.0062 -0.0732 0.0688  121 GLU A CG    
509 C CD    . GLU A 71 ? 0.5006 0.5388 0.4594 -0.0626 -0.1205 0.1086  121 GLU A CD    
510 O OE1   . GLU A 71 ? 0.5210 0.6104 0.4919 -0.0524 -0.1594 0.1761  121 GLU A OE1   
511 O OE2   . GLU A 71 ? 0.6501 0.5764 0.5109 -0.0713 -0.1077 0.1068  121 GLU A OE2   
512 N N     . ALA A 72 ? 0.3170 0.3207 0.2047 0.0398  -0.0241 -0.0449 122 ALA A N     
513 C CA    . ALA A 72 ? 0.3520 0.2747 0.2038 0.0060  -0.0027 -0.0668 122 ALA A CA    
514 C C     . ALA A 72 ? 0.3448 0.3484 0.1930 -0.0214 -0.0416 -0.0219 122 ALA A C     
515 O O     . ALA A 72 ? 0.3852 0.4089 0.1997 -0.0173 -0.0296 -0.0061 122 ALA A O     
516 C CB    . ALA A 72 ? 0.2977 0.3153 0.2493 0.0059  -0.0319 -0.0220 122 ALA A CB    
517 N N     . ALA A 73 ? 0.2516 0.3175 0.2105 -0.0082 -0.0286 -0.0157 123 ALA A N     
518 C CA    . ALA A 73 ? 0.2832 0.2532 0.2551 -0.0064 0.0090  -0.0575 123 ALA A CA    
519 C C     . ALA A 73 ? 0.3036 0.2758 0.1599 -0.0144 -0.0136 -0.0300 123 ALA A C     
520 O O     . ALA A 73 ? 0.3386 0.2962 0.1811 -0.0212 -0.0320 0.0191  123 ALA A O     
521 C CB    . ALA A 73 ? 0.3581 0.2880 0.2621 -0.0056 -0.0381 0.0243  123 ALA A CB    
522 N N     . ASN A 74 ? 0.2729 0.2853 0.1943 -0.0339 0.0156  -0.0059 124 ASN A N     
523 C CA    . ASN A 74 ? 0.2349 0.3193 0.2368 0.0139  -0.0442 -0.0470 124 ASN A CA    
524 C C     . ASN A 74 ? 0.2876 0.2918 0.2493 -0.0635 0.0176  -0.0301 124 ASN A C     
525 O O     . ASN A 74 ? 0.3078 0.3380 0.3127 -0.0161 -0.0435 0.0022  124 ASN A O     
526 C CB    . ASN A 74 ? 0.3525 0.3754 0.2824 -0.0936 -0.0060 -0.0163 124 ASN A CB    
527 C CG    . ASN A 74 ? 0.3879 0.4081 0.3416 -0.1315 0.0005  -0.0257 124 ASN A CG    
528 O OD1   . ASN A 74 ? 0.5181 0.4711 0.2826 -0.1494 0.0034  0.0305  124 ASN A OD1   
529 N ND2   . ASN A 74 ? 0.3932 0.4419 0.4205 -0.0528 -0.0373 -0.0699 124 ASN A ND2   
530 N N     . VAL A 75 ? 0.2220 0.2875 0.2204 -0.0199 -0.0202 -0.0077 125 VAL A N     
531 C CA    . VAL A 75 ? 0.2103 0.2210 0.2691 -0.0168 0.0081  -0.0190 125 VAL A CA    
532 C C     . VAL A 75 ? 0.2385 0.2817 0.2173 0.0146  0.0080  0.0102  125 VAL A C     
533 O O     . VAL A 75 ? 0.3419 0.3106 0.2065 -0.0044 0.0277  0.0017  125 VAL A O     
534 C CB    . VAL A 75 ? 0.2592 0.2453 0.2285 -0.0062 -0.0076 0.0029  125 VAL A CB    
535 C CG1   . VAL A 75 ? 0.2746 0.2841 0.2355 -0.0264 -0.0037 0.0271  125 VAL A CG1   
536 C CG2   . VAL A 75 ? 0.2462 0.2864 0.2225 0.0002  -0.0141 0.0026  125 VAL A CG2   
537 N N     . THR A 76 ? 0.2694 0.2690 0.2342 0.0383  -0.0057 -0.0268 126 THR A N     
538 C CA    . THR A 76 ? 0.3002 0.2918 0.2971 0.0582  -0.0202 -0.0464 126 THR A CA    
539 C C     . THR A 76 ? 0.2814 0.2799 0.2760 0.0619  0.0132  -0.0673 126 THR A C     
540 O O     . THR A 76 ? 0.3092 0.3019 0.2443 0.0266  0.0092  -0.0364 126 THR A O     
541 C CB    . THR A 76 ? 0.3575 0.3776 0.3984 -0.0070 0.0115  0.0040  126 THR A CB    
542 O OG1   . THR A 76 ? 0.2933 0.3907 0.4132 0.0233  -0.0114 -0.0268 126 THR A OG1   
543 C CG2   . THR A 76 ? 0.4076 0.3554 0.4105 -0.1005 0.0614  -0.0324 126 THR A CG2   
544 N N     . GLY A 77 ? 0.3470 0.2619 0.3616 0.0135  0.0239  -0.0514 127 GLY A N     
545 C CA    . GLY A 77 ? 0.3677 0.2837 0.3574 0.0091  0.0220  -0.0925 127 GLY A CA    
546 C C     . GLY A 77 ? 0.2913 0.2857 0.4284 0.0107  0.0254  -0.0780 127 GLY A C     
547 O O     . GLY A 77 ? 0.3555 0.3402 0.4499 -0.0222 -0.0214 -0.0036 127 GLY A O     
548 N N     . PRO A 78 ? 0.3327 0.2850 0.3843 0.0332  -0.0337 0.0180  128 PRO A N     
549 C CA    . PRO A 78 ? 0.3492 0.3348 0.3485 0.0519  -0.0319 -0.0330 128 PRO A CA    
550 C C     . PRO A 78 ? 0.3553 0.3559 0.4610 0.0472  -0.0338 -0.0566 128 PRO A C     
551 O O     . PRO A 78 ? 0.4571 0.4642 0.5977 0.0130  -0.0552 -0.0712 128 PRO A O     
552 C CB    . PRO A 78 ? 0.3981 0.3353 0.3006 -0.0182 0.0041  -0.0157 128 PRO A CB    
553 C CG    . PRO A 78 ? 0.3337 0.2959 0.4060 0.0313  -0.0418 0.0175  128 PRO A CG    
554 C CD    . PRO A 78 ? 0.3106 0.2260 0.4053 0.0116  0.0246  0.0042  128 PRO A CD    
555 N N     . GLY A 79 ? 0.2951 0.3436 0.5121 0.0916  -0.0643 -0.1064 129 GLY A N     
556 C CA    . GLY A 79 ? 0.4361 0.3748 0.4910 0.1129  -0.0301 0.0302  129 GLY A CA    
557 C C     . GLY A 79 ? 0.5289 0.3693 0.4863 0.2221  0.0308  0.0134  129 GLY A C     
558 O O     . GLY A 79 ? 0.5961 0.4299 0.5999 0.1537  0.0162  0.0009  129 GLY A O     
559 P P     . G   B 1  ? 0.8747 0.7719 0.9198 0.1290  -0.0971 -0.0922 1   G   B P     
560 O OP1   . G   B 1  ? 0.8840 0.7494 0.9148 0.1375  -0.1276 -0.0717 1   G   B OP1   
561 O OP2   . G   B 1  ? 0.6501 0.6961 0.7739 0.2279  -0.1779 -0.0166 1   G   B OP2   
562 O "O5'" . G   B 1  ? 0.7611 0.6717 0.7191 0.1517  -0.0232 -0.0417 1   G   B "O5'" 
563 C "C5'" . G   B 1  ? 0.6508 0.6083 0.5960 0.1196  0.0539  -0.0234 1   G   B "C5'" 
564 C "C4'" . G   B 1  ? 0.5835 0.4831 0.5526 0.1004  0.0942  -0.0006 1   G   B "C4'" 
565 O "O4'" . G   B 1  ? 0.6159 0.3964 0.5237 0.0881  0.0722  0.0336  1   G   B "O4'" 
566 C "C3'" . G   B 1  ? 0.5824 0.4711 0.5537 0.1042  0.0904  -0.0159 1   G   B "C3'" 
567 O "O3'" . G   B 1  ? 0.6254 0.4891 0.5560 0.1055  0.0516  -0.0180 1   G   B "O3'" 
568 C "C2'" . G   B 1  ? 0.5686 0.4659 0.5657 0.1160  0.1070  -0.0122 1   G   B "C2'" 
569 O "O2'" . G   B 1  ? 0.6647 0.4152 0.6725 0.1297  0.0626  -0.0532 1   G   B "O2'" 
570 C "C1'" . G   B 1  ? 0.5451 0.4255 0.5241 0.1525  0.1003  -0.0067 1   G   B "C1'" 
571 N N9    . G   B 1  ? 0.5908 0.3935 0.5139 0.1104  0.0524  0.0610  1   G   B N9    
572 C C8    . G   B 1  ? 0.5731 0.4105 0.4603 0.0931  0.0540  0.1264  1   G   B C8    
573 N N7    . G   B 1  ? 0.5588 0.4502 0.5530 0.1080  0.0041  0.0775  1   G   B N7    
574 C C5    . G   B 1  ? 0.5493 0.4536 0.4768 0.1046  0.0216  0.1156  1   G   B C5    
575 C C6    . G   B 1  ? 0.5034 0.4871 0.5154 0.0610  0.0507  0.0897  1   G   B C6    
576 O O6    . G   B 1  ? 0.5420 0.5286 0.5500 -0.0047 0.0863  0.0960  1   G   B O6    
577 N N1    . G   B 1  ? 0.5651 0.4150 0.4866 0.0364  0.0556  0.0905  1   G   B N1    
578 C C2    . G   B 1  ? 0.6141 0.4921 0.5903 0.1028  0.0115  0.0251  1   G   B C2    
579 N N2    . G   B 1  ? 0.6603 0.5505 0.6587 0.0627  0.0012  0.0129  1   G   B N2    
580 N N3    . G   B 1  ? 0.6309 0.4288 0.5485 0.0993  0.0150  0.0221  1   G   B N3    
581 C C4    . G   B 1  ? 0.5633 0.3998 0.5473 0.1237  -0.0064 0.0787  1   G   B C4    
582 P P     . C   B 2  ? 0.6470 0.5187 0.6274 0.1725  -0.0002 0.0096  2   C   B P     
583 O OP1   . C   B 2  ? 0.6938 0.5654 0.6176 0.1747  0.0052  -0.0257 2   C   B OP1   
584 O OP2   . C   B 2  ? 0.6301 0.5312 0.7356 0.1670  0.0081  -0.0671 2   C   B OP2   
585 O "O5'" . C   B 2  ? 0.5637 0.4110 0.6191 0.1454  0.0287  -0.0913 2   C   B "O5'" 
586 C "C5'" . C   B 2  ? 0.5419 0.4536 0.6120 0.1362  0.0315  -0.0374 2   C   B "C5'" 
587 C "C4'" . C   B 2  ? 0.4370 0.4587 0.5912 0.1335  0.0242  -0.0602 2   C   B "C4'" 
588 O "O4'" . C   B 2  ? 0.4389 0.4545 0.5328 0.2083  0.0165  -0.0595 2   C   B "O4'" 
589 C "C3'" . C   B 2  ? 0.4000 0.5030 0.6034 0.1687  0.0328  -0.0830 2   C   B "C3'" 
590 O "O3'" . C   B 2  ? 0.4369 0.5706 0.6935 0.1578  -0.0186 -0.0911 2   C   B "O3'" 
591 C "C2'" . C   B 2  ? 0.4525 0.5132 0.5577 0.1352  0.0456  -0.0911 2   C   B "C2'" 
592 O "O2'" . C   B 2  ? 0.4684 0.5048 0.5645 0.1825  0.0349  -0.0711 2   C   B "O2'" 
593 C "C1'" . C   B 2  ? 0.4444 0.4696 0.5282 0.1313  0.1042  -0.1035 2   C   B "C1'" 
594 N N1    . C   B 2  ? 0.4867 0.5094 0.5062 0.1055  0.1400  -0.1302 2   C   B N1    
595 C C2    . C   B 2  ? 0.4753 0.5117 0.5880 0.1239  0.1253  -0.1491 2   C   B C2    
596 O O2    . C   B 2  ? 0.5227 0.5324 0.6333 0.1228  0.0851  -0.1496 2   C   B O2    
597 N N3    . C   B 2  ? 0.4902 0.4880 0.5794 0.0784  0.1448  -0.1665 2   C   B N3    
598 C C4    . C   B 2  ? 0.5227 0.4658 0.5959 0.0321  0.1395  -0.1754 2   C   B C4    
599 N N4    . C   B 2  ? 0.4619 0.4708 0.6386 0.0989  0.0668  -0.1529 2   C   B N4    
600 C C5    . C   B 2  ? 0.4810 0.5139 0.5144 0.0834  0.1525  -0.1265 2   C   B C5    
601 C C6    . C   B 2  ? 0.4859 0.5044 0.5310 0.0861  0.1564  -0.1328 2   C   B C6    
602 P P     . C   B 3  ? 0.4950 0.6568 0.7801 0.0921  0.0229  -0.1405 3   C   B P     
603 O OP1   . C   B 3  ? 0.5552 0.6588 0.8172 0.1185  -0.0233 -0.1097 3   C   B OP1   
604 O OP2   . C   B 3  ? 0.6268 0.7343 0.7522 0.0575  0.0492  -0.1273 3   C   B OP2   
605 O "O5'" . C   B 3  ? 0.4228 0.6287 0.7319 0.0888  0.0056  -0.1223 3   C   B "O5'" 
606 C "C5'" . C   B 3  ? 0.3845 0.6369 0.6917 0.1423  0.0062  -0.1555 3   C   B "C5'" 
607 C "C4'" . C   B 3  ? 0.3566 0.6193 0.6369 0.1409  0.0196  -0.1412 3   C   B "C4'" 
608 O "O4'" . C   B 3  ? 0.3427 0.5703 0.5303 0.1374  0.0053  -0.0607 3   C   B "O4'" 
609 C "C3'" . C   B 3  ? 0.4228 0.7102 0.6588 0.1021  0.0589  -0.1298 3   C   B "C3'" 
610 O "O3'" . C   B 3  ? 0.5502 0.8156 0.7286 0.0689  0.0444  -0.0925 3   C   B "O3'" 
611 C "C2'" . C   B 3  ? 0.3295 0.6128 0.5906 0.0914  0.0609  -0.0743 3   C   B "C2'" 
612 O "O2'" . C   B 3  ? 0.5009 0.6771 0.6904 0.0410  0.0767  -0.0899 3   C   B "O2'" 
613 C "C1'" . C   B 3  ? 0.3264 0.5936 0.5038 0.0782  0.0657  -0.0501 3   C   B "C1'" 
614 N N1    . C   B 3  ? 0.3562 0.5552 0.4065 0.0813  0.0233  0.0306  3   C   B N1    
615 C C2    . C   B 3  ? 0.4563 0.5958 0.3735 0.0468  0.0745  0.0429  3   C   B C2    
616 O O2    . C   B 3  ? 0.4661 0.5425 0.3522 0.0757  0.1098  -0.0156 3   C   B O2    
617 N N3    . C   B 3  ? 0.3684 0.5673 0.4755 0.0355  0.0423  0.0144  3   C   B N3    
618 C C4    . C   B 3  ? 0.3945 0.6059 0.4484 0.0628  0.0336  0.0035  3   C   B C4    
619 N N4    . C   B 3  ? 0.3024 0.5851 0.4409 0.1059  0.0562  0.0192  3   C   B N4    
620 C C5    . C   B 3  ? 0.3660 0.5768 0.4287 0.0640  0.0473  0.0270  3   C   B C5    
621 C C6    . C   B 3  ? 0.3731 0.5776 0.3883 0.0757  0.0614  -0.0066 3   C   B C6    
622 P P     . U   B 4  ? 0.5598 0.8294 0.6516 0.0115  0.0249  -0.0787 4   U   B P     
623 O OP1   . U   B 4  ? 0.5566 0.8168 0.6261 0.0436  0.0605  -0.1017 4   U   B OP1   
624 O OP2   . U   B 4  ? 0.6244 0.8234 0.6947 -0.0040 0.0508  -0.0947 4   U   B OP2   
625 O "O5'" . U   B 4  ? 0.6076 0.8659 0.6164 -0.0084 0.0383  -0.0234 4   U   B "O5'" 
626 C "C5'" . U   B 4  ? 0.6079 0.8694 0.5739 -0.0074 0.0607  0.0034  4   U   B "C5'" 
627 C "C4'" . U   B 4  ? 0.5679 0.8490 0.5248 0.0068  0.0170  0.0190  4   U   B "C4'" 
628 O "O4'" . U   B 4  ? 0.5740 0.8026 0.4835 0.0240  -0.0179 0.0159  4   U   B "O4'" 
629 C "C3'" . U   B 4  ? 0.6716 0.8486 0.4879 -0.0429 0.0514  0.0219  4   U   B "C3'" 
630 O "O3'" . U   B 4  ? 0.6904 0.8600 0.5533 -0.0825 0.0585  -0.0047 4   U   B "O3'" 
631 C "C2'" . U   B 4  ? 0.6039 0.8390 0.4695 0.0029  0.0175  0.0441  4   U   B "C2'" 
632 O "O2'" . U   B 4  ? 0.6901 0.8835 0.5932 -0.0163 0.0308  0.0162  4   U   B "O2'" 
633 C "C1'" . U   B 4  ? 0.5127 0.7740 0.4755 -0.0076 -0.0037 0.0324  4   U   B "C1'" 
634 N N1    . U   B 4  ? 0.4310 0.7262 0.4524 -0.0503 -0.0801 0.1068  4   U   B N1    
635 C C2    . U   B 4  ? 0.3953 0.7494 0.4701 -0.1168 -0.1171 0.1130  4   U   B C2    
636 O O2    . U   B 4  ? 0.4686 0.6991 0.4678 -0.2249 -0.0292 0.1082  4   U   B O2    
637 N N3    . U   B 4  ? 0.4384 0.7196 0.5368 -0.1010 -0.1871 0.1236  4   U   B N3    
638 C C4    . U   B 4  ? 0.4847 0.6935 0.5822 -0.0773 -0.1498 0.0946  4   U   B C4    
639 O O4    . U   B 4  ? 0.5739 0.6435 0.7055 -0.1117 -0.1572 0.0745  4   U   B O4    
640 C C5    . U   B 4  ? 0.4389 0.6964 0.5495 -0.0538 -0.1474 0.0852  4   U   B C5    
641 C C6    . U   B 4  ? 0.4186 0.7279 0.4830 -0.0580 -0.1250 0.0950  4   U   B C6    
# 
